data_7GA9
# 
_entry.id   7GA9 
# 
_audit_conform.dict_name       mmcif_pdbx.dic 
_audit_conform.dict_version    5.396 
_audit_conform.dict_location   http://mmcif.pdb.org/dictionaries/ascii/mmcif_pdbx.dic 
# 
loop_
_database_2.database_id 
_database_2.database_code 
_database_2.pdbx_database_accession 
_database_2.pdbx_DOI 
PDB   7GA9         pdb_00007ga9 10.2210/pdb7ga9/pdb 
WWPDB D_1001405930 ?            ?                   
# 
_pdbx_audit_revision_history.ordinal             1 
_pdbx_audit_revision_history.data_content_type   'Structure model' 
_pdbx_audit_revision_history.major_revision      1 
_pdbx_audit_revision_history.minor_revision      0 
_pdbx_audit_revision_history.revision_date       2024-09-04 
# 
_pdbx_audit_revision_details.ordinal             1 
_pdbx_audit_revision_details.revision_ordinal    1 
_pdbx_audit_revision_details.data_content_type   'Structure model' 
_pdbx_audit_revision_details.provider            repository 
_pdbx_audit_revision_details.type                'Initial release' 
_pdbx_audit_revision_details.description         ? 
_pdbx_audit_revision_details.details             ? 
# 
_pdbx_database_status.entry_id                        7GA9 
_pdbx_database_status.status_code                     REL 
_pdbx_database_status.status_code_sf                  REL 
_pdbx_database_status.status_code_mr                  ? 
_pdbx_database_status.status_code_cs                  ? 
_pdbx_database_status.recvd_initial_deposition_date   2023-08-10 
_pdbx_database_status.status_code_nmr_data            ? 
_pdbx_database_status.deposit_site                    RCSB 
_pdbx_database_status.process_site                    RCSB 
_pdbx_database_status.SG_entry                        ? 
_pdbx_database_status.pdb_format_compatible           Y 
_pdbx_database_status.methods_development_category    ? 
# 
_pdbx_contact_author.id                 1 
_pdbx_contact_author.email              knapp@pharmchem.uni-frankfurt.de 
_pdbx_contact_author.name_first         Stefan 
_pdbx_contact_author.name_last          Knapp 
_pdbx_contact_author.role               'principal investigator/group leader' 
_pdbx_contact_author.identifier_ORCID   0000-0001-5995-6494 
_pdbx_contact_author.name_mi            ? 
# 
loop_
_audit_author.name 
_audit_author.pdbx_ordinal 
_audit_author.identifier_ORCID 
'Kumar, A.'                            1 ? 
'Marples, P.G.'                        2 ? 
'Tomlinson, C.W.E.'                    3 ? 
'Fearon, D.'                           4 ? 
'von-Delft, F.'                        5 ? 
'Knapp, S.'                            6 ? 
'Structural Genomics Consortium (SGC)' 7 ? 
# 
_citation.id                        primary 
_citation.title                     'PanDDA analysis group deposition' 
_citation.journal_abbrev            'To Be Published' 
_citation.journal_volume            ? 
_citation.page_first                ? 
_citation.page_last                 ? 
_citation.year                      ? 
_citation.journal_id_ASTM           ? 
_citation.country                   ? 
_citation.journal_id_ISSN           ? 
_citation.journal_id_CSD            0353 
_citation.book_publisher            ? 
_citation.pdbx_database_id_PubMed   ? 
_citation.pdbx_database_id_DOI      ? 
# 
loop_
_citation_author.citation_id 
_citation_author.name 
_citation_author.identifier_ORCID 
_citation_author.ordinal 
primary 'Kumar, A.'                            ? 1 
primary 'Knapp, S.'                            ? 2 
primary 'Structural Genomics Consortium (SGC)' ? 3 
# 
loop_
_entity.id 
_entity.type 
_entity.src_method 
_entity.pdbx_description 
_entity.formula_weight 
_entity.pdbx_number_of_molecules 
_entity.pdbx_ec 
_entity.pdbx_mutation 
_entity.pdbx_fragment 
_entity.details 
1 polymer     man 'Microtubule-associated proteins 1A/1B light chain 3B' 14237.361 1  ? TruncationafterGly120 ? ? 
2 non-polymer syn '(2M)-2-(2-methoxyphenyl)-1,3,4-oxadiazole'            176.172   1  ? ?                     ? ? 
3 non-polymer syn 1,2-ETHANEDIOL                                         62.068    9  ? ?                     ? ? 
4 non-polymer syn 'CHLORIDE ION'                                         35.453    1  ? ?                     ? ? 
5 water       nat water                                                  18.015    92 ? ?                     ? ? 
# 
_entity_name_com.entity_id   1 
_entity_name_com.name        
;Autophagy-related protein LC3 B,Autophagy-related ubiquitin-like modifier LC3 B,MAP1 light chain 3-like protein 2,MAP1A/MAP1B light chain 3 B,MAP1A/MAP1B LC3 B,Microtubule-associated protein 1 light chain 3 beta
;
# 
_entity_poly.entity_id                      1 
_entity_poly.type                           'polypeptide(L)' 
_entity_poly.nstd_linkage                   no 
_entity_poly.nstd_monomer                   no 
_entity_poly.pdbx_seq_one_letter_code       
;SMPSEKTFKQRRTFEQRVEDVRLIREQHPTKIPVIIERYKGEKQLPVLDKTKFLVPDHVNMSELIKIIRRRLQLNANQAF
FLLVNGHSMVSVSTPISEVYESEKDEDGFLYMVYASQETFG
;
_entity_poly.pdbx_seq_one_letter_code_can   
;SMPSEKTFKQRRTFEQRVEDVRLIREQHPTKIPVIIERYKGEKQLPVLDKTKFLVPDHVNMSELIKIIRRRLQLNANQAF
FLLVNGHSMVSVSTPISEVYESEKDEDGFLYMVYASQETFG
;
_entity_poly.pdbx_strand_id                 A 
_entity_poly.pdbx_target_identifier         ? 
# 
loop_
_pdbx_entity_nonpoly.entity_id 
_pdbx_entity_nonpoly.name 
_pdbx_entity_nonpoly.comp_id 
2 '(2M)-2-(2-methoxyphenyl)-1,3,4-oxadiazole' K6U 
3 1,2-ETHANEDIOL                              EDO 
4 'CHLORIDE ION'                              CL  
5 water                                       HOH 
# 
loop_
_entity_poly_seq.entity_id 
_entity_poly_seq.num 
_entity_poly_seq.mon_id 
_entity_poly_seq.hetero 
1 1   SER n 
1 2   MET n 
1 3   PRO n 
1 4   SER n 
1 5   GLU n 
1 6   LYS n 
1 7   THR n 
1 8   PHE n 
1 9   LYS n 
1 10  GLN n 
1 11  ARG n 
1 12  ARG n 
1 13  THR n 
1 14  PHE n 
1 15  GLU n 
1 16  GLN n 
1 17  ARG n 
1 18  VAL n 
1 19  GLU n 
1 20  ASP n 
1 21  VAL n 
1 22  ARG n 
1 23  LEU n 
1 24  ILE n 
1 25  ARG n 
1 26  GLU n 
1 27  GLN n 
1 28  HIS n 
1 29  PRO n 
1 30  THR n 
1 31  LYS n 
1 32  ILE n 
1 33  PRO n 
1 34  VAL n 
1 35  ILE n 
1 36  ILE n 
1 37  GLU n 
1 38  ARG n 
1 39  TYR n 
1 40  LYS n 
1 41  GLY n 
1 42  GLU n 
1 43  LYS n 
1 44  GLN n 
1 45  LEU n 
1 46  PRO n 
1 47  VAL n 
1 48  LEU n 
1 49  ASP n 
1 50  LYS n 
1 51  THR n 
1 52  LYS n 
1 53  PHE n 
1 54  LEU n 
1 55  VAL n 
1 56  PRO n 
1 57  ASP n 
1 58  HIS n 
1 59  VAL n 
1 60  ASN n 
1 61  MET n 
1 62  SER n 
1 63  GLU n 
1 64  LEU n 
1 65  ILE n 
1 66  LYS n 
1 67  ILE n 
1 68  ILE n 
1 69  ARG n 
1 70  ARG n 
1 71  ARG n 
1 72  LEU n 
1 73  GLN n 
1 74  LEU n 
1 75  ASN n 
1 76  ALA n 
1 77  ASN n 
1 78  GLN n 
1 79  ALA n 
1 80  PHE n 
1 81  PHE n 
1 82  LEU n 
1 83  LEU n 
1 84  VAL n 
1 85  ASN n 
1 86  GLY n 
1 87  HIS n 
1 88  SER n 
1 89  MET n 
1 90  VAL n 
1 91  SER n 
1 92  VAL n 
1 93  SER n 
1 94  THR n 
1 95  PRO n 
1 96  ILE n 
1 97  SER n 
1 98  GLU n 
1 99  VAL n 
1 100 TYR n 
1 101 GLU n 
1 102 SER n 
1 103 GLU n 
1 104 LYS n 
1 105 ASP n 
1 106 GLU n 
1 107 ASP n 
1 108 GLY n 
1 109 PHE n 
1 110 LEU n 
1 111 TYR n 
1 112 MET n 
1 113 VAL n 
1 114 TYR n 
1 115 ALA n 
1 116 SER n 
1 117 GLN n 
1 118 GLU n 
1 119 THR n 
1 120 PHE n 
1 121 GLY n 
# 
_entity_src_gen.entity_id                          1 
_entity_src_gen.pdbx_src_id                        1 
_entity_src_gen.pdbx_alt_source_flag               sample 
_entity_src_gen.pdbx_seq_type                      'Biological sequence' 
_entity_src_gen.pdbx_beg_seq_num                   1 
_entity_src_gen.pdbx_end_seq_num                   121 
_entity_src_gen.gene_src_common_name               human 
_entity_src_gen.gene_src_genus                     ? 
_entity_src_gen.pdbx_gene_src_gene                 'MAP1LC3B, MAP1ALC3' 
_entity_src_gen.gene_src_species                   ? 
_entity_src_gen.gene_src_strain                    ? 
_entity_src_gen.gene_src_tissue                    ? 
_entity_src_gen.gene_src_tissue_fraction           ? 
_entity_src_gen.gene_src_details                   ? 
_entity_src_gen.pdbx_gene_src_fragment             ? 
_entity_src_gen.pdbx_gene_src_scientific_name      'Homo sapiens' 
_entity_src_gen.pdbx_gene_src_ncbi_taxonomy_id     9606 
_entity_src_gen.pdbx_gene_src_variant              ? 
_entity_src_gen.pdbx_gene_src_cell_line            ? 
_entity_src_gen.pdbx_gene_src_atcc                 ? 
_entity_src_gen.pdbx_gene_src_organ                ? 
_entity_src_gen.pdbx_gene_src_organelle            ? 
_entity_src_gen.pdbx_gene_src_cell                 ? 
_entity_src_gen.pdbx_gene_src_cellular_location    ? 
_entity_src_gen.host_org_common_name               ? 
_entity_src_gen.pdbx_host_org_scientific_name      'Escherichia coli' 
_entity_src_gen.pdbx_host_org_ncbi_taxonomy_id     562 
_entity_src_gen.host_org_genus                     ? 
_entity_src_gen.pdbx_host_org_gene                 ? 
_entity_src_gen.pdbx_host_org_organ                ? 
_entity_src_gen.host_org_species                   ? 
_entity_src_gen.pdbx_host_org_tissue               ? 
_entity_src_gen.pdbx_host_org_tissue_fraction      ? 
_entity_src_gen.pdbx_host_org_strain               ? 
_entity_src_gen.pdbx_host_org_variant              ? 
_entity_src_gen.pdbx_host_org_cell_line            ? 
_entity_src_gen.pdbx_host_org_atcc                 ? 
_entity_src_gen.pdbx_host_org_culture_collection   ? 
_entity_src_gen.pdbx_host_org_cell                 ? 
_entity_src_gen.pdbx_host_org_organelle            ? 
_entity_src_gen.pdbx_host_org_cellular_location    ? 
_entity_src_gen.pdbx_host_org_vector_type          ? 
_entity_src_gen.pdbx_host_org_vector               ? 
_entity_src_gen.host_org_details                   ? 
_entity_src_gen.expression_system_id               ? 
_entity_src_gen.plasmid_name                       ? 
_entity_src_gen.plasmid_details                    ? 
_entity_src_gen.pdbx_description                   ? 
# 
loop_
_chem_comp.id 
_chem_comp.type 
_chem_comp.mon_nstd_flag 
_chem_comp.name 
_chem_comp.pdbx_synonyms 
_chem_comp.formula 
_chem_comp.formula_weight 
ALA 'L-peptide linking' y ALANINE                                     ?                 'C3 H7 N O2'     89.093  
ARG 'L-peptide linking' y ARGININE                                    ?                 'C6 H15 N4 O2 1' 175.209 
ASN 'L-peptide linking' y ASPARAGINE                                  ?                 'C4 H8 N2 O3'    132.118 
ASP 'L-peptide linking' y 'ASPARTIC ACID'                             ?                 'C4 H7 N O4'     133.103 
CL  non-polymer         . 'CHLORIDE ION'                              ?                 'Cl -1'          35.453  
EDO non-polymer         . 1,2-ETHANEDIOL                              'ETHYLENE GLYCOL' 'C2 H6 O2'       62.068  
GLN 'L-peptide linking' y GLUTAMINE                                   ?                 'C5 H10 N2 O3'   146.144 
GLU 'L-peptide linking' y 'GLUTAMIC ACID'                             ?                 'C5 H9 N O4'     147.129 
GLY 'peptide linking'   y GLYCINE                                     ?                 'C2 H5 N O2'     75.067  
HIS 'L-peptide linking' y HISTIDINE                                   ?                 'C6 H10 N3 O2 1' 156.162 
HOH non-polymer         . WATER                                       ?                 'H2 O'           18.015  
ILE 'L-peptide linking' y ISOLEUCINE                                  ?                 'C6 H13 N O2'    131.173 
K6U non-polymer         . '(2M)-2-(2-methoxyphenyl)-1,3,4-oxadiazole' ?                 'C9 H8 N2 O2'    176.172 
LEU 'L-peptide linking' y LEUCINE                                     ?                 'C6 H13 N O2'    131.173 
LYS 'L-peptide linking' y LYSINE                                      ?                 'C6 H15 N2 O2 1' 147.195 
MET 'L-peptide linking' y METHIONINE                                  ?                 'C5 H11 N O2 S'  149.211 
PHE 'L-peptide linking' y PHENYLALANINE                               ?                 'C9 H11 N O2'    165.189 
PRO 'L-peptide linking' y PROLINE                                     ?                 'C5 H9 N O2'     115.130 
SER 'L-peptide linking' y SERINE                                      ?                 'C3 H7 N O3'     105.093 
THR 'L-peptide linking' y THREONINE                                   ?                 'C4 H9 N O3'     119.119 
TYR 'L-peptide linking' y TYROSINE                                    ?                 'C9 H11 N O3'    181.189 
VAL 'L-peptide linking' y VALINE                                      ?                 'C5 H11 N O2'    117.146 
# 
loop_
_pdbx_poly_seq_scheme.asym_id 
_pdbx_poly_seq_scheme.entity_id 
_pdbx_poly_seq_scheme.seq_id 
_pdbx_poly_seq_scheme.mon_id 
_pdbx_poly_seq_scheme.ndb_seq_num 
_pdbx_poly_seq_scheme.pdb_seq_num 
_pdbx_poly_seq_scheme.auth_seq_num 
_pdbx_poly_seq_scheme.pdb_mon_id 
_pdbx_poly_seq_scheme.auth_mon_id 
_pdbx_poly_seq_scheme.pdb_strand_id 
_pdbx_poly_seq_scheme.pdb_ins_code 
_pdbx_poly_seq_scheme.hetero 
A 1 1   SER 1   0   ?   ?   ?   A . n 
A 1 2   MET 2   1   ?   ?   ?   A . n 
A 1 3   PRO 3   2   ?   ?   ?   A . n 
A 1 4   SER 4   3   ?   ?   ?   A . n 
A 1 5   GLU 5   4   ?   ?   ?   A . n 
A 1 6   LYS 6   5   5   LYS LYS A . n 
A 1 7   THR 7   6   6   THR THR A . n 
A 1 8   PHE 8   7   7   PHE PHE A . n 
A 1 9   LYS 9   8   8   LYS LYS A . n 
A 1 10  GLN 10  9   9   GLN GLN A . n 
A 1 11  ARG 11  10  10  ARG ARG A . n 
A 1 12  ARG 12  11  11  ARG ARG A . n 
A 1 13  THR 13  12  12  THR THR A . n 
A 1 14  PHE 14  13  13  PHE PHE A . n 
A 1 15  GLU 15  14  14  GLU GLU A . n 
A 1 16  GLN 16  15  15  GLN GLN A . n 
A 1 17  ARG 17  16  16  ARG ARG A . n 
A 1 18  VAL 18  17  17  VAL VAL A . n 
A 1 19  GLU 19  18  18  GLU GLU A . n 
A 1 20  ASP 20  19  19  ASP ASP A . n 
A 1 21  VAL 21  20  20  VAL VAL A . n 
A 1 22  ARG 22  21  21  ARG ARG A . n 
A 1 23  LEU 23  22  22  LEU LEU A . n 
A 1 24  ILE 24  23  23  ILE ILE A . n 
A 1 25  ARG 25  24  24  ARG ARG A . n 
A 1 26  GLU 26  25  25  GLU GLU A . n 
A 1 27  GLN 27  26  26  GLN GLN A . n 
A 1 28  HIS 28  27  27  HIS HIS A . n 
A 1 29  PRO 29  28  28  PRO PRO A . n 
A 1 30  THR 30  29  29  THR THR A . n 
A 1 31  LYS 31  30  30  LYS LYS A . n 
A 1 32  ILE 32  31  31  ILE ILE A . n 
A 1 33  PRO 33  32  32  PRO PRO A . n 
A 1 34  VAL 34  33  33  VAL VAL A . n 
A 1 35  ILE 35  34  34  ILE ILE A . n 
A 1 36  ILE 36  35  35  ILE ILE A . n 
A 1 37  GLU 37  36  36  GLU GLU A . n 
A 1 38  ARG 38  37  37  ARG ARG A . n 
A 1 39  TYR 39  38  38  TYR TYR A . n 
A 1 40  LYS 40  39  39  LYS LYS A . n 
A 1 41  GLY 41  40  40  GLY GLY A . n 
A 1 42  GLU 42  41  41  GLU GLU A . n 
A 1 43  LYS 43  42  42  LYS LYS A . n 
A 1 44  GLN 44  43  43  GLN GLN A . n 
A 1 45  LEU 45  44  44  LEU LEU A . n 
A 1 46  PRO 46  45  45  PRO PRO A . n 
A 1 47  VAL 47  46  46  VAL VAL A . n 
A 1 48  LEU 48  47  47  LEU LEU A . n 
A 1 49  ASP 49  48  48  ASP ASP A . n 
A 1 50  LYS 50  49  49  LYS LYS A . n 
A 1 51  THR 51  50  50  THR THR A . n 
A 1 52  LYS 52  51  51  LYS LYS A . n 
A 1 53  PHE 53  52  52  PHE PHE A . n 
A 1 54  LEU 54  53  53  LEU LEU A . n 
A 1 55  VAL 55  54  54  VAL VAL A . n 
A 1 56  PRO 56  55  55  PRO PRO A . n 
A 1 57  ASP 57  56  56  ASP ASP A . n 
A 1 58  HIS 58  57  57  HIS HIS A . n 
A 1 59  VAL 59  58  58  VAL VAL A . n 
A 1 60  ASN 60  59  59  ASN ASN A . n 
A 1 61  MET 61  60  60  MET MET A . n 
A 1 62  SER 62  61  61  SER SER A . n 
A 1 63  GLU 63  62  62  GLU GLU A . n 
A 1 64  LEU 64  63  63  LEU LEU A . n 
A 1 65  ILE 65  64  64  ILE ILE A . n 
A 1 66  LYS 66  65  65  LYS LYS A . n 
A 1 67  ILE 67  66  66  ILE ILE A . n 
A 1 68  ILE 68  67  67  ILE ILE A . n 
A 1 69  ARG 69  68  68  ARG ARG A . n 
A 1 70  ARG 70  69  69  ARG ARG A . n 
A 1 71  ARG 71  70  70  ARG ARG A . n 
A 1 72  LEU 72  71  71  LEU LEU A . n 
A 1 73  GLN 73  72  72  GLN GLN A . n 
A 1 74  LEU 74  73  73  LEU LEU A . n 
A 1 75  ASN 75  74  74  ASN ASN A . n 
A 1 76  ALA 76  75  75  ALA ALA A . n 
A 1 77  ASN 77  76  76  ASN ASN A . n 
A 1 78  GLN 78  77  77  GLN GLN A . n 
A 1 79  ALA 79  78  78  ALA ALA A . n 
A 1 80  PHE 80  79  79  PHE PHE A . n 
A 1 81  PHE 81  80  80  PHE PHE A . n 
A 1 82  LEU 82  81  81  LEU LEU A . n 
A 1 83  LEU 83  82  82  LEU LEU A . n 
A 1 84  VAL 84  83  83  VAL VAL A . n 
A 1 85  ASN 85  84  84  ASN ASN A . n 
A 1 86  GLY 86  85  85  GLY GLY A . n 
A 1 87  HIS 87  86  86  HIS HIS A . n 
A 1 88  SER 88  87  87  SER SER A . n 
A 1 89  MET 89  88  88  MET MET A . n 
A 1 90  VAL 90  89  89  VAL VAL A . n 
A 1 91  SER 91  90  90  SER SER A . n 
A 1 92  VAL 92  91  91  VAL VAL A . n 
A 1 93  SER 93  92  92  SER SER A . n 
A 1 94  THR 94  93  93  THR THR A . n 
A 1 95  PRO 95  94  94  PRO PRO A . n 
A 1 96  ILE 96  95  95  ILE ILE A . n 
A 1 97  SER 97  96  96  SER SER A . n 
A 1 98  GLU 98  97  97  GLU GLU A . n 
A 1 99  VAL 99  98  98  VAL VAL A . n 
A 1 100 TYR 100 99  99  TYR TYR A . n 
A 1 101 GLU 101 100 100 GLU GLU A . n 
A 1 102 SER 102 101 101 SER SER A . n 
A 1 103 GLU 103 102 102 GLU GLU A . n 
A 1 104 LYS 104 103 103 LYS LYS A . n 
A 1 105 ASP 105 104 104 ASP ASP A . n 
A 1 106 GLU 106 105 105 GLU GLU A . n 
A 1 107 ASP 107 106 106 ASP ASP A . n 
A 1 108 GLY 108 107 107 GLY GLY A . n 
A 1 109 PHE 109 108 108 PHE PHE A . n 
A 1 110 LEU 110 109 109 LEU LEU A . n 
A 1 111 TYR 111 110 110 TYR TYR A . n 
A 1 112 MET 112 111 111 MET MET A . n 
A 1 113 VAL 113 112 112 VAL VAL A . n 
A 1 114 TYR 114 113 113 TYR TYR A . n 
A 1 115 ALA 115 114 114 ALA ALA A . n 
A 1 116 SER 116 115 115 SER SER A . n 
A 1 117 GLN 117 116 116 GLN GLN A . n 
A 1 118 GLU 118 117 117 GLU GLU A . n 
A 1 119 THR 119 118 118 THR THR A . n 
A 1 120 PHE 120 119 119 PHE PHE A . n 
A 1 121 GLY 121 120 ?   ?   ?   A . n 
# 
_pdbx_entity_instance_feature.ordinal        1 
_pdbx_entity_instance_feature.comp_id        K6U 
_pdbx_entity_instance_feature.asym_id        ? 
_pdbx_entity_instance_feature.seq_num        ? 
_pdbx_entity_instance_feature.auth_comp_id   K6U 
_pdbx_entity_instance_feature.auth_asym_id   ? 
_pdbx_entity_instance_feature.auth_seq_num   ? 
_pdbx_entity_instance_feature.feature_type   'SUBJECT OF INVESTIGATION' 
_pdbx_entity_instance_feature.details        ? 
# 
loop_
_pdbx_nonpoly_scheme.asym_id 
_pdbx_nonpoly_scheme.entity_id 
_pdbx_nonpoly_scheme.mon_id 
_pdbx_nonpoly_scheme.ndb_seq_num 
_pdbx_nonpoly_scheme.pdb_seq_num 
_pdbx_nonpoly_scheme.auth_seq_num 
_pdbx_nonpoly_scheme.pdb_mon_id 
_pdbx_nonpoly_scheme.auth_mon_id 
_pdbx_nonpoly_scheme.pdb_strand_id 
_pdbx_nonpoly_scheme.pdb_ins_code 
B 2 K6U 1  201 201 K6U LIG A . 
C 3 EDO 1  202 105 EDO EDO A . 
D 3 EDO 1  203 106 EDO EDO A . 
E 3 EDO 1  204 107 EDO EDO A . 
F 3 EDO 1  205 108 EDO EDO A . 
G 3 EDO 1  206 109 EDO EDO A . 
H 3 EDO 1  207 110 EDO EDO A . 
I 3 EDO 1  208 111 EDO EDO A . 
J 3 EDO 1  209 112 EDO EDO A . 
K 3 EDO 1  210 113 EDO EDO A . 
L 4 CL  1  211 114 CL  CL  A . 
M 5 HOH 1  301 56  HOH HOH A . 
M 5 HOH 2  302 55  HOH HOH A . 
M 5 HOH 3  303 43  HOH HOH A . 
M 5 HOH 4  304 22  HOH HOH A . 
M 5 HOH 5  305 82  HOH HOH A . 
M 5 HOH 6  306 89  HOH HOH A . 
M 5 HOH 7  307 34  HOH HOH A . 
M 5 HOH 8  308 19  HOH HOH A . 
M 5 HOH 9  309 10  HOH HOH A . 
M 5 HOH 10 310 62  HOH HOH A . 
M 5 HOH 11 311 47  HOH HOH A . 
M 5 HOH 12 312 48  HOH HOH A . 
M 5 HOH 13 313 51  HOH HOH A . 
M 5 HOH 14 314 8   HOH HOH A . 
M 5 HOH 15 315 84  HOH HOH A . 
M 5 HOH 16 316 25  HOH HOH A . 
M 5 HOH 17 317 38  HOH HOH A . 
M 5 HOH 18 318 53  HOH HOH A . 
M 5 HOH 19 319 77  HOH HOH A . 
M 5 HOH 20 320 16  HOH HOH A . 
M 5 HOH 21 321 7   HOH HOH A . 
M 5 HOH 22 322 4   HOH HOH A . 
M 5 HOH 23 323 40  HOH HOH A . 
M 5 HOH 24 324 27  HOH HOH A . 
M 5 HOH 25 325 91  HOH HOH A . 
M 5 HOH 26 326 32  HOH HOH A . 
M 5 HOH 27 327 42  HOH HOH A . 
M 5 HOH 28 328 17  HOH HOH A . 
M 5 HOH 29 329 87  HOH HOH A . 
M 5 HOH 30 330 18  HOH HOH A . 
M 5 HOH 31 331 33  HOH HOH A . 
M 5 HOH 32 332 23  HOH HOH A . 
M 5 HOH 33 333 9   HOH HOH A . 
M 5 HOH 34 334 2   HOH HOH A . 
M 5 HOH 35 335 12  HOH HOH A . 
M 5 HOH 36 336 86  HOH HOH A . 
M 5 HOH 37 337 75  HOH HOH A . 
M 5 HOH 38 338 20  HOH HOH A . 
M 5 HOH 39 339 6   HOH HOH A . 
M 5 HOH 40 340 1   HOH HOH A . 
M 5 HOH 41 341 64  HOH HOH A . 
M 5 HOH 42 342 93  HOH HOH A . 
M 5 HOH 43 343 13  HOH HOH A . 
M 5 HOH 44 344 3   HOH HOH A . 
M 5 HOH 45 345 14  HOH HOH A . 
M 5 HOH 46 346 63  HOH HOH A . 
M 5 HOH 47 347 69  HOH HOH A . 
M 5 HOH 48 348 15  HOH HOH A . 
M 5 HOH 49 349 92  HOH HOH A . 
M 5 HOH 50 350 41  HOH HOH A . 
M 5 HOH 51 351 49  HOH HOH A . 
M 5 HOH 52 352 71  HOH HOH A . 
M 5 HOH 53 353 61  HOH HOH A . 
M 5 HOH 54 354 52  HOH HOH A . 
M 5 HOH 55 355 54  HOH HOH A . 
M 5 HOH 56 356 80  HOH HOH A . 
M 5 HOH 57 357 21  HOH HOH A . 
M 5 HOH 58 358 24  HOH HOH A . 
M 5 HOH 59 359 72  HOH HOH A . 
M 5 HOH 60 360 11  HOH HOH A . 
M 5 HOH 61 361 81  HOH HOH A . 
M 5 HOH 62 362 79  HOH HOH A . 
M 5 HOH 63 363 44  HOH HOH A . 
M 5 HOH 64 364 83  HOH HOH A . 
M 5 HOH 65 365 60  HOH HOH A . 
M 5 HOH 66 366 31  HOH HOH A . 
M 5 HOH 67 367 58  HOH HOH A . 
M 5 HOH 68 368 59  HOH HOH A . 
M 5 HOH 69 369 67  HOH HOH A . 
M 5 HOH 70 370 35  HOH HOH A . 
M 5 HOH 71 371 45  HOH HOH A . 
M 5 HOH 72 372 5   HOH HOH A . 
M 5 HOH 73 373 76  HOH HOH A . 
M 5 HOH 74 374 46  HOH HOH A . 
M 5 HOH 75 375 37  HOH HOH A . 
M 5 HOH 76 376 36  HOH HOH A . 
M 5 HOH 77 377 66  HOH HOH A . 
M 5 HOH 78 378 30  HOH HOH A . 
M 5 HOH 79 379 28  HOH HOH A . 
M 5 HOH 80 380 57  HOH HOH A . 
M 5 HOH 81 381 39  HOH HOH A . 
M 5 HOH 82 382 68  HOH HOH A . 
M 5 HOH 83 383 78  HOH HOH A . 
M 5 HOH 84 384 88  HOH HOH A . 
M 5 HOH 85 385 94  HOH HOH A . 
M 5 HOH 86 386 90  HOH HOH A . 
M 5 HOH 87 387 85  HOH HOH A . 
M 5 HOH 88 388 70  HOH HOH A . 
M 5 HOH 89 389 50  HOH HOH A . 
M 5 HOH 90 390 26  HOH HOH A . 
M 5 HOH 91 391 65  HOH HOH A . 
M 5 HOH 92 392 29  HOH HOH A . 
# 
loop_
_pdbx_unobs_or_zero_occ_atoms.id 
_pdbx_unobs_or_zero_occ_atoms.PDB_model_num 
_pdbx_unobs_or_zero_occ_atoms.polymer_flag 
_pdbx_unobs_or_zero_occ_atoms.occupancy_flag 
_pdbx_unobs_or_zero_occ_atoms.auth_asym_id 
_pdbx_unobs_or_zero_occ_atoms.auth_comp_id 
_pdbx_unobs_or_zero_occ_atoms.auth_seq_id 
_pdbx_unobs_or_zero_occ_atoms.PDB_ins_code 
_pdbx_unobs_or_zero_occ_atoms.auth_atom_id 
_pdbx_unobs_or_zero_occ_atoms.label_alt_id 
_pdbx_unobs_or_zero_occ_atoms.label_asym_id 
_pdbx_unobs_or_zero_occ_atoms.label_comp_id 
_pdbx_unobs_or_zero_occ_atoms.label_seq_id 
_pdbx_unobs_or_zero_occ_atoms.label_atom_id 
1 1 Y 1 A GLN 116 ? CG  ? A GLN 117 CG  
2 1 Y 1 A GLN 116 ? CD  ? A GLN 117 CD  
3 1 Y 1 A GLN 116 ? OE1 ? A GLN 117 OE1 
4 1 Y 1 A GLN 116 ? NE2 ? A GLN 117 NE2 
5 1 Y 1 A THR 118 ? OG1 ? A THR 119 OG1 
6 1 Y 1 A THR 118 ? CG2 ? A THR 119 CG2 
# 
loop_
_software.pdbx_ordinal 
_software.name 
_software.version 
_software.date 
_software.type 
_software.contact_author 
_software.contact_author_email 
_software.classification 
_software.location 
_software.language 
_software.citation_id 
1 REFMAC      5.8.0267 ?               program 'Garib N. Murshudov' garib@ysbl.york.ac.uk    refinement        
http://www.ccp4.ac.uk/dist/html/refmac5.html        Fortran_77 ? 
2 Aimless     0.7.9    10/06/22        program 'Phil Evans'         ?                        'data scaling'    
http://www.mrc-lmb.cam.ac.uk/harry/pre/aimless.html ?          ? 
3 PDB_EXTRACT 3.23     'SEP. 23, 2016' package PDB                  deposit@deposit.rcsb.org 'data extraction' 
http://sw-tools.pdb.org/apps/PDB_EXTRACT/           C++        ? 
4 XDS         .        ?               program ?                    ?                        'data reduction'  ? ?          ? 
5 REFMAC      .        ?               program ?                    ?                        phasing           ? ?          ? 
# 
_cell.entry_id           7GA9 
_cell.length_a           60.980 
_cell.length_b           60.980 
_cell.length_c           35.320 
_cell.angle_alpha        90.000 
_cell.angle_beta         90.000 
_cell.angle_gamma        90.000 
_cell.Z_PDB              4 
_cell.pdbx_unique_axis   ? 
# 
_symmetry.entry_id                         7GA9 
_symmetry.Int_Tables_number                78 
_symmetry.space_group_name_H-M             'P 43' 
_symmetry.pdbx_full_space_group_name_H-M   ? 
_symmetry.cell_setting                     ? 
# 
_exptl.crystals_number   1 
_exptl.entry_id          7GA9 
_exptl.method            'X-RAY DIFFRACTION' 
# 
_exptl_crystal.id                    1 
_exptl_crystal.pdbx_mosaicity        0.000 
_exptl_crystal.pdbx_mosaicity_esd    ? 
_exptl_crystal.density_Matthews      2.22 
_exptl_crystal.density_diffrn        ? 
_exptl_crystal.density_meas          ? 
_exptl_crystal.density_meas_temp     ? 
_exptl_crystal.density_percent_sol   44.57 
_exptl_crystal.size_max              ? 
_exptl_crystal.size_mid              ? 
_exptl_crystal.size_min              ? 
_exptl_crystal.size_rad              ? 
_exptl_crystal.description           ? 
_exptl_crystal.preparation           ? 
# 
_exptl_crystal_grow.crystal_id      1 
_exptl_crystal_grow.method          'VAPOR DIFFUSION, SITTING DROP' 
_exptl_crystal_grow.pH              4.7 
_exptl_crystal_grow.temp            293 
_exptl_crystal_grow.pdbx_details    '36% PEG 8000, 0.1M acetate pH 4.7' 
_exptl_crystal_grow.temp_details    ? 
_exptl_crystal_grow.pdbx_pH_range   ? 
# 
_diffrn.id                               1 
_diffrn.ambient_temp                     100 
_diffrn.crystal_id                       1 
_diffrn.ambient_temp_details             ? 
_diffrn.pdbx_serial_crystal_experiment   ? 
# 
_diffrn_detector.detector               PIXEL 
_diffrn_detector.type                   'DECTRIS PILATUS 6M' 
_diffrn_detector.pdbx_collection_date   2023-02-08 
_diffrn_detector.diffrn_id              1 
_diffrn_detector.details                ? 
# 
_diffrn_radiation.diffrn_id                        1 
_diffrn_radiation.wavelength_id                    1 
_diffrn_radiation.pdbx_diffrn_protocol             'SINGLE WAVELENGTH' 
_diffrn_radiation.pdbx_monochromatic_or_laue_m_l   ? 
_diffrn_radiation.monochromator                    ? 
_diffrn_radiation.pdbx_scattering_type             x-ray 
# 
_diffrn_radiation_wavelength.id           1 
_diffrn_radiation_wavelength.wavelength   0.92124 
_diffrn_radiation_wavelength.wt           1.0 
# 
_diffrn_source.diffrn_id                   1 
_diffrn_source.source                      SYNCHROTRON 
_diffrn_source.type                        'DIAMOND BEAMLINE I04-1' 
_diffrn_source.pdbx_wavelength_list        0.92124 
_diffrn_source.pdbx_synchrotron_site       Diamond 
_diffrn_source.pdbx_synchrotron_beamline   I04-1 
_diffrn_source.pdbx_wavelength             ? 
# 
_reflns.entry_id                     7GA9 
_reflns.pdbx_diffrn_id               1 
_reflns.pdbx_ordinal                 1 
_reflns.observed_criterion_sigma_I   ? 
_reflns.observed_criterion_sigma_F   ? 
_reflns.d_resolution_low             30.490 
_reflns.d_resolution_high            2.170 
_reflns.number_obs                   7021 
_reflns.number_all                   ? 
_reflns.percent_possible_obs         99.700 
_reflns.pdbx_Rmerge_I_obs            0.199 
_reflns.pdbx_Rsym_value              ? 
_reflns.pdbx_netI_over_sigmaI        8.800 
_reflns.B_iso_Wilson_estimate        ? 
_reflns.pdbx_redundancy              13.300 
_reflns.pdbx_Rrim_I_all              0.208 
_reflns.pdbx_Rpim_I_all              0.058 
_reflns.pdbx_CC_half                 0.906 
_reflns.pdbx_netI_over_av_sigmaI     ? 
_reflns.pdbx_number_measured_all     93140 
_reflns.pdbx_scaling_rejects         57 
_reflns.pdbx_chi_squared             ? 
_reflns.Rmerge_F_all                 ? 
_reflns.Rmerge_F_obs                 ? 
_reflns.observed_criterion_F_max     ? 
_reflns.observed_criterion_F_min     ? 
_reflns.observed_criterion_I_max     ? 
_reflns.observed_criterion_I_min     ? 
_reflns.pdbx_d_res_high_opt          ? 
_reflns.pdbx_d_res_low_opt           ? 
_reflns.details                      ? 
_reflns.pdbx_CC_star                 ? 
# 
loop_
_reflns_shell.pdbx_diffrn_id 
_reflns_shell.pdbx_ordinal 
_reflns_shell.d_res_high 
_reflns_shell.d_res_low 
_reflns_shell.number_measured_obs 
_reflns_shell.number_measured_all 
_reflns_shell.number_unique_obs 
_reflns_shell.pdbx_rejects 
_reflns_shell.Rmerge_I_obs 
_reflns_shell.meanI_over_sigI_obs 
_reflns_shell.pdbx_Rsym_value 
_reflns_shell.pdbx_chi_squared 
_reflns_shell.pdbx_redundancy 
_reflns_shell.percent_possible_obs 
_reflns_shell.pdbx_netI_over_sigmaI_obs 
_reflns_shell.number_possible 
_reflns_shell.number_unique_all 
_reflns_shell.Rmerge_F_all 
_reflns_shell.Rmerge_F_obs 
_reflns_shell.Rmerge_I_all 
_reflns_shell.meanI_over_sigI_all 
_reflns_shell.percent_possible_all 
_reflns_shell.pdbx_Rrim_I_all 
_reflns_shell.pdbx_Rpim_I_all 
_reflns_shell.pdbx_CC_half 
_reflns_shell.pdbx_CC_star 
1 1 2.170 2.230  ? 6872 515 ? 3.303 ? ? ? 13.300 ? 0.900  ? ? ? ? ? ? 98.400 3.433 0.931 0.353 ? 
1 2 9.710 30.490 ? 862  88  ? 0.063 ? ? ? 9.800  ? 24.300 ? ? ? ? ? ? 97.000 0.067 0.020 0.996 ? 
# 
_refine.entry_id                                 7GA9 
_refine.pdbx_refine_id                           'X-RAY DIFFRACTION' 
_refine.ls_d_res_high                            2.1700 
_refine.ls_d_res_low                             30.5100 
_refine.pdbx_ls_sigma_F                          0.000 
_refine.pdbx_data_cutoff_high_absF               ? 
_refine.pdbx_data_cutoff_low_absF                ? 
_refine.ls_percent_reflns_obs                    99.6200 
_refine.ls_number_reflns_obs                     6749 
_refine.ls_number_reflns_all                     ? 
_refine.pdbx_ls_cross_valid_method               THROUGHOUT 
_refine.ls_matrix_type                           ? 
_refine.pdbx_R_Free_selection_details            RANDOM 
_refine.details                                  
'HYDROGENS HAVE BEEN ADDED IN THE RIDING POSITIONS U VALUES      : REFINED INDIVIDUALLY' 
_refine.ls_R_factor_all                          ? 
_refine.ls_R_factor_obs                          0.1824 
_refine.ls_R_factor_R_work                       0.1799 
_refine.ls_wR_factor_R_work                      ? 
_refine.ls_R_factor_R_free                       0.2463 
_refine.ls_wR_factor_R_free                      ? 
_refine.ls_percent_reflns_R_free                 3.8000 
_refine.ls_number_reflns_R_free                  266 
_refine.ls_number_reflns_R_work                  ? 
_refine.ls_R_factor_R_free_error                 ? 
_refine.B_iso_mean                               56.9780 
_refine.solvent_model_param_bsol                 ? 
_refine.solvent_model_param_ksol                 ? 
_refine.pdbx_isotropic_thermal_model             ? 
_refine.aniso_B[1][1]                            0.7000 
_refine.aniso_B[2][2]                            0.7000 
_refine.aniso_B[3][3]                            -1.4100 
_refine.aniso_B[1][2]                            -0.0000 
_refine.aniso_B[1][3]                            -0.0000 
_refine.aniso_B[2][3]                            -0.0000 
_refine.correlation_coeff_Fo_to_Fc               0.9680 
_refine.correlation_coeff_Fo_to_Fc_free          0.9380 
_refine.overall_SU_R_Cruickshank_DPI             ? 
_refine.pdbx_overall_SU_R_free_Cruickshank_DPI   ? 
_refine.pdbx_overall_SU_R_Blow_DPI               ? 
_refine.pdbx_overall_SU_R_free_Blow_DPI          ? 
_refine.overall_SU_R_free                        ? 
_refine.pdbx_overall_ESU_R                       0.3520 
_refine.pdbx_overall_ESU_R_Free                  0.2360 
_refine.overall_SU_ML                            0.2260 
_refine.overall_SU_B                             9.8660 
_refine.solvent_model_details                    MASK 
_refine.pdbx_solvent_vdw_probe_radii             1.2000 
_refine.pdbx_solvent_ion_probe_radii             0.8000 
_refine.pdbx_solvent_shrinkage_radii             0.8000 
_refine.ls_number_parameters                     ? 
_refine.ls_number_restraints                     ? 
_refine.pdbx_starting_model                      8Q53 
_refine.pdbx_method_to_determine_struct          'FOURIER SYNTHESIS' 
_refine.pdbx_stereochemistry_target_values       'MAXIMUM LIKELIHOOD' 
_refine.pdbx_stereochem_target_val_spec_case     ? 
_refine.overall_FOM_work_R_set                   ? 
_refine.B_iso_max                                156.730 
_refine.B_iso_min                                34.710 
_refine.pdbx_overall_phase_error                 ? 
_refine.occupancy_max                            ? 
_refine.occupancy_min                            ? 
_refine.pdbx_diffrn_id                           1 
_refine.pdbx_TLS_residual_ADP_flag               ? 
_refine.pdbx_ls_sigma_I                          ? 
_refine.pdbx_data_cutoff_high_rms_absF           ? 
_refine.ls_R_factor_R_free_error_details         ? 
# 
_refine_hist.cycle_id                         final 
_refine_hist.pdbx_refine_id                   'X-RAY DIFFRACTION' 
_refine_hist.d_res_high                       2.1700 
_refine_hist.d_res_low                        30.5100 
_refine_hist.pdbx_number_atoms_ligand         50 
_refine_hist.number_atoms_solvent             92 
_refine_hist.number_atoms_total               1096 
_refine_hist.pdbx_number_residues_total       113 
_refine_hist.pdbx_B_iso_mean_ligand           83.33 
_refine_hist.pdbx_B_iso_mean_solvent          67.70 
_refine_hist.pdbx_number_atoms_protein        954 
_refine_hist.pdbx_number_atoms_nucleic_acid   0 
# 
loop_
_refine_ls_restr.pdbx_refine_id 
_refine_ls_restr.type 
_refine_ls_restr.number 
_refine_ls_restr.dev_ideal 
_refine_ls_restr.dev_ideal_target 
_refine_ls_restr.weight 
_refine_ls_restr.pdbx_restraint_function 
'X-RAY DIFFRACTION' r_bond_refined_d       1343 0.008  0.014  ? ? 
'X-RAY DIFFRACTION' r_bond_other_d         1202 0.001  0.014  ? ? 
'X-RAY DIFFRACTION' r_angle_refined_deg    1650 1.518  1.667  ? ? 
'X-RAY DIFFRACTION' r_angle_other_deg      2749 1.224  1.581  ? ? 
'X-RAY DIFFRACTION' r_dihedral_angle_1_deg 156  6.921  5.000  ? ? 
'X-RAY DIFFRACTION' r_dihedral_angle_2_deg 70   28.774 19.429 ? ? 
'X-RAY DIFFRACTION' r_dihedral_angle_3_deg 224  15.029 15.000 ? ? 
'X-RAY DIFFRACTION' r_dihedral_angle_4_deg 15   17.679 15.000 ? ? 
'X-RAY DIFFRACTION' r_chiral_restr         152  0.061  0.200  ? ? 
'X-RAY DIFFRACTION' r_gen_planes_refined   1423 0.006  0.020  ? ? 
'X-RAY DIFFRACTION' r_gen_planes_other     313  0.002  0.020  ? ? 
'X-RAY DIFFRACTION' r_mcbond_it            622  3.873  5.464  ? ? 
'X-RAY DIFFRACTION' r_mcbond_other         619  3.870  5.462  ? ? 
'X-RAY DIFFRACTION' r_mcangle_it           740  5.887  8.192  ? ? 
# 
_refine_ls_shell.d_res_high                       2.1710 
_refine_ls_shell.d_res_low                        2.2270 
_refine_ls_shell.pdbx_total_number_of_bins_used   20 
_refine_ls_shell.percent_reflns_obs               98.2800 
_refine_ls_shell.number_reflns_R_work             500 
_refine_ls_shell.R_factor_all                     ? 
_refine_ls_shell.R_factor_R_work                  0.3470 
_refine_ls_shell.R_factor_R_free                  0.4010 
_refine_ls_shell.percent_reflns_R_free            ? 
_refine_ls_shell.number_reflns_R_free             15 
_refine_ls_shell.R_factor_R_free_error            ? 
_refine_ls_shell.number_reflns_all                515 
_refine_ls_shell.number_reflns_obs                ? 
_refine_ls_shell.pdbx_refine_id                   'X-RAY DIFFRACTION' 
_refine_ls_shell.R_factor_obs                     ? 
# 
_struct.entry_id                  7GA9 
_struct.title                     'PanDDA analysis group deposition -- Crystal Structure of MAP1LC3B in complex with Z1198177230' 
_struct.pdbx_model_details        ? 
_struct.pdbx_CASP_flag            ? 
_struct.pdbx_model_type_details   ? 
# 
_struct_keywords.entry_id        7GA9 
_struct_keywords.text            'SGC - Diamond I04-1 fragment screening, PanDDA, XChemExplorer, STRUCTURAL PROTEIN' 
_struct_keywords.pdbx_keywords   'STRUCTURAL PROTEIN' 
# 
loop_
_struct_asym.id 
_struct_asym.pdbx_blank_PDB_chainid_flag 
_struct_asym.pdbx_modified 
_struct_asym.entity_id 
_struct_asym.details 
A N N 1 ? 
B N N 2 ? 
C N N 3 ? 
D N N 3 ? 
E N N 3 ? 
F N N 3 ? 
G N N 3 ? 
H N N 3 ? 
I N N 3 ? 
J N N 3 ? 
K N N 3 ? 
L N N 4 ? 
M N N 5 ? 
# 
_struct_ref.id                         1 
_struct_ref.db_name                    UNP 
_struct_ref.db_code                    MLP3B_HUMAN 
_struct_ref.pdbx_db_accession          Q9GZQ8 
_struct_ref.pdbx_db_isoform            ? 
_struct_ref.entity_id                  1 
_struct_ref.pdbx_seq_one_letter_code   
;MPSEKTFKQRRTFEQRVEDVRLIREQHPTKIPVIIERYKGEKQLPVLDKTKFLVPDHVNMSELIKIIRRRLQLNANQAFF
LLVNGHSMVSVSTPISEVYESEKDEDGFLYMVYASQETFG
;
_struct_ref.pdbx_align_begin           1 
# 
_struct_ref_seq.align_id                      1 
_struct_ref_seq.ref_id                        1 
_struct_ref_seq.pdbx_PDB_id_code              7GA9 
_struct_ref_seq.pdbx_strand_id                A 
_struct_ref_seq.seq_align_beg                 2 
_struct_ref_seq.pdbx_seq_align_beg_ins_code   ? 
_struct_ref_seq.seq_align_end                 121 
_struct_ref_seq.pdbx_seq_align_end_ins_code   ? 
_struct_ref_seq.pdbx_db_accession             Q9GZQ8 
_struct_ref_seq.db_align_beg                  1 
_struct_ref_seq.pdbx_db_align_beg_ins_code    ? 
_struct_ref_seq.db_align_end                  120 
_struct_ref_seq.pdbx_db_align_end_ins_code    ? 
_struct_ref_seq.pdbx_auth_seq_align_beg       1 
_struct_ref_seq.pdbx_auth_seq_align_end       120 
# 
_struct_ref_seq_dif.align_id                     1 
_struct_ref_seq_dif.pdbx_pdb_id_code             7GA9 
_struct_ref_seq_dif.mon_id                       SER 
_struct_ref_seq_dif.pdbx_pdb_strand_id           A 
_struct_ref_seq_dif.seq_num                      1 
_struct_ref_seq_dif.pdbx_pdb_ins_code            ? 
_struct_ref_seq_dif.pdbx_seq_db_name             UNP 
_struct_ref_seq_dif.pdbx_seq_db_accession_code   Q9GZQ8 
_struct_ref_seq_dif.db_mon_id                    ? 
_struct_ref_seq_dif.pdbx_seq_db_seq_num          ? 
_struct_ref_seq_dif.details                      'expression tag' 
_struct_ref_seq_dif.pdbx_auth_seq_num            0 
_struct_ref_seq_dif.pdbx_ordinal                 1 
# 
_pdbx_struct_assembly.id                   1 
_pdbx_struct_assembly.details              author_and_software_defined_assembly 
_pdbx_struct_assembly.method_details       PISA 
_pdbx_struct_assembly.oligomeric_details   monomeric 
_pdbx_struct_assembly.oligomeric_count     1 
# 
_pdbx_struct_assembly_gen.assembly_id       1 
_pdbx_struct_assembly_gen.oper_expression   1 
_pdbx_struct_assembly_gen.asym_id_list      A,B,C,D,E,F,G,H,I,J,K,L,M 
# 
_pdbx_struct_oper_list.id                   1 
_pdbx_struct_oper_list.type                 'identity operation' 
_pdbx_struct_oper_list.name                 1_555 
_pdbx_struct_oper_list.symmetry_operation   x,y,z 
_pdbx_struct_oper_list.matrix[1][1]         1.0000000000 
_pdbx_struct_oper_list.matrix[1][2]         0.0000000000 
_pdbx_struct_oper_list.matrix[1][3]         0.0000000000 
_pdbx_struct_oper_list.vector[1]            0.0000000000 
_pdbx_struct_oper_list.matrix[2][1]         0.0000000000 
_pdbx_struct_oper_list.matrix[2][2]         1.0000000000 
_pdbx_struct_oper_list.matrix[2][3]         0.0000000000 
_pdbx_struct_oper_list.vector[2]            0.0000000000 
_pdbx_struct_oper_list.matrix[3][1]         0.0000000000 
_pdbx_struct_oper_list.matrix[3][2]         0.0000000000 
_pdbx_struct_oper_list.matrix[3][3]         1.0000000000 
_pdbx_struct_oper_list.vector[3]            0.0000000000 
# 
loop_
_struct_conf.conf_type_id 
_struct_conf.id 
_struct_conf.pdbx_PDB_helix_id 
_struct_conf.beg_label_comp_id 
_struct_conf.beg_label_asym_id 
_struct_conf.beg_label_seq_id 
_struct_conf.pdbx_beg_PDB_ins_code 
_struct_conf.end_label_comp_id 
_struct_conf.end_label_asym_id 
_struct_conf.end_label_seq_id 
_struct_conf.pdbx_end_PDB_ins_code 
_struct_conf.beg_auth_comp_id 
_struct_conf.beg_auth_asym_id 
_struct_conf.beg_auth_seq_id 
_struct_conf.end_auth_comp_id 
_struct_conf.end_auth_asym_id 
_struct_conf.end_auth_seq_id 
_struct_conf.pdbx_PDB_helix_class 
_struct_conf.details 
_struct_conf.pdbx_PDB_helix_length 
HELX_P HELX_P1 AA1 THR A 7  ? ARG A 12  ? THR A 6  ARG A 11  1 ? 6  
HELX_P HELX_P2 AA2 THR A 13 ? HIS A 28  ? THR A 12 HIS A 27  1 ? 16 
HELX_P HELX_P3 AA3 ASN A 60 ? LEU A 72  ? ASN A 59 LEU A 71  1 ? 13 
HELX_P HELX_P4 AA4 PRO A 95 ? LYS A 104 ? PRO A 94 LYS A 103 1 ? 10 
# 
_struct_conf_type.id          HELX_P 
_struct_conf_type.criteria    ? 
_struct_conf_type.reference   ? 
# 
_struct_sheet.id               AA1 
_struct_sheet.type             ? 
_struct_sheet.number_strands   5 
_struct_sheet.details          ? 
# 
loop_
_struct_sheet_order.sheet_id 
_struct_sheet_order.range_id_1 
_struct_sheet_order.range_id_2 
_struct_sheet_order.offset 
_struct_sheet_order.sense 
AA1 1 2 ? anti-parallel 
AA1 2 3 ? parallel      
AA1 3 4 ? anti-parallel 
AA1 4 5 ? anti-parallel 
# 
loop_
_struct_sheet_range.sheet_id 
_struct_sheet_range.id 
_struct_sheet_range.beg_label_comp_id 
_struct_sheet_range.beg_label_asym_id 
_struct_sheet_range.beg_label_seq_id 
_struct_sheet_range.pdbx_beg_PDB_ins_code 
_struct_sheet_range.end_label_comp_id 
_struct_sheet_range.end_label_asym_id 
_struct_sheet_range.end_label_seq_id 
_struct_sheet_range.pdbx_end_PDB_ins_code 
_struct_sheet_range.beg_auth_comp_id 
_struct_sheet_range.beg_auth_asym_id 
_struct_sheet_range.beg_auth_seq_id 
_struct_sheet_range.end_auth_comp_id 
_struct_sheet_range.end_auth_asym_id 
_struct_sheet_range.end_auth_seq_id 
AA1 1 LYS A 52  ? PRO A 56  ? LYS A 51  PRO A 55  
AA1 2 LYS A 31  ? ARG A 38  ? LYS A 30  ARG A 37  
AA1 3 LEU A 110 ? ALA A 115 ? LEU A 109 ALA A 114 
AA1 4 PHE A 81  ? VAL A 84  ? PHE A 80  VAL A 83  
AA1 5 HIS A 87  ? SER A 88  ? HIS A 86  SER A 87  
# 
loop_
_pdbx_struct_sheet_hbond.sheet_id 
_pdbx_struct_sheet_hbond.range_id_1 
_pdbx_struct_sheet_hbond.range_id_2 
_pdbx_struct_sheet_hbond.range_1_label_atom_id 
_pdbx_struct_sheet_hbond.range_1_label_comp_id 
_pdbx_struct_sheet_hbond.range_1_label_asym_id 
_pdbx_struct_sheet_hbond.range_1_label_seq_id 
_pdbx_struct_sheet_hbond.range_1_PDB_ins_code 
_pdbx_struct_sheet_hbond.range_1_auth_atom_id 
_pdbx_struct_sheet_hbond.range_1_auth_comp_id 
_pdbx_struct_sheet_hbond.range_1_auth_asym_id 
_pdbx_struct_sheet_hbond.range_1_auth_seq_id 
_pdbx_struct_sheet_hbond.range_2_label_atom_id 
_pdbx_struct_sheet_hbond.range_2_label_comp_id 
_pdbx_struct_sheet_hbond.range_2_label_asym_id 
_pdbx_struct_sheet_hbond.range_2_label_seq_id 
_pdbx_struct_sheet_hbond.range_2_PDB_ins_code 
_pdbx_struct_sheet_hbond.range_2_auth_atom_id 
_pdbx_struct_sheet_hbond.range_2_auth_comp_id 
_pdbx_struct_sheet_hbond.range_2_auth_asym_id 
_pdbx_struct_sheet_hbond.range_2_auth_seq_id 
AA1 1 2 O VAL A 55  ? O VAL A 54  N ILE A 32  ? N ILE A 31  
AA1 2 3 N ILE A 35  ? N ILE A 34  O LEU A 110 ? O LEU A 109 
AA1 3 4 O ALA A 115 ? O ALA A 114 N PHE A 81  ? N PHE A 80  
AA1 4 5 N VAL A 84  ? N VAL A 83  O HIS A 87  ? O HIS A 86  
# 
_pdbx_entry_details.entry_id                   7GA9 
_pdbx_entry_details.compound_details           ? 
_pdbx_entry_details.source_details             ? 
_pdbx_entry_details.nonpolymer_details         ? 
_pdbx_entry_details.sequence_details           ? 
_pdbx_entry_details.has_ligand_of_interest     Y 
_pdbx_entry_details.has_protein_modification   ? 
# 
loop_
_pdbx_validate_close_contact.id 
_pdbx_validate_close_contact.PDB_model_num 
_pdbx_validate_close_contact.auth_atom_id_1 
_pdbx_validate_close_contact.auth_asym_id_1 
_pdbx_validate_close_contact.auth_comp_id_1 
_pdbx_validate_close_contact.auth_seq_id_1 
_pdbx_validate_close_contact.PDB_ins_code_1 
_pdbx_validate_close_contact.label_alt_id_1 
_pdbx_validate_close_contact.auth_atom_id_2 
_pdbx_validate_close_contact.auth_asym_id_2 
_pdbx_validate_close_contact.auth_comp_id_2 
_pdbx_validate_close_contact.auth_seq_id_2 
_pdbx_validate_close_contact.PDB_ins_code_2 
_pdbx_validate_close_contact.label_alt_id_2 
_pdbx_validate_close_contact.dist 
1  1 O   A HOH 376 ? ? O A HOH 378 ? ? 1.43 
2  1 O   A HOH 317 ? ? O A HOH 367 ? ? 1.85 
3  1 O   A HOH 356 ? ? O A HOH 362 ? ? 1.92 
4  1 OG1 A THR 6   ? ? O A HOH 301 ? ? 2.03 
5  1 O   A HOH 318 ? ? O A HOH 369 ? ? 2.08 
6  1 O   A HOH 313 ? ? O A HOH 350 ? ? 2.10 
7  1 O   A HOH 379 ? ? O A HOH 390 ? ? 2.12 
8  1 O   A ASP 56  ? ? O A HOH 302 ? ? 2.15 
9  1 O   A HOH 306 ? ? O A HOH 374 ? ? 2.17 
10 1 O   A TYR 38  ? ? O A HOH 303 ? ? 2.18 
11 1 O   A HOH 331 ? ? O A HOH 392 ? ? 2.18 
12 1 O2  A EDO 203 ? ? O A HOH 304 ? ? 2.18 
# 
loop_
_pdbx_validate_symm_contact.id 
_pdbx_validate_symm_contact.PDB_model_num 
_pdbx_validate_symm_contact.auth_atom_id_1 
_pdbx_validate_symm_contact.auth_asym_id_1 
_pdbx_validate_symm_contact.auth_comp_id_1 
_pdbx_validate_symm_contact.auth_seq_id_1 
_pdbx_validate_symm_contact.PDB_ins_code_1 
_pdbx_validate_symm_contact.label_alt_id_1 
_pdbx_validate_symm_contact.site_symmetry_1 
_pdbx_validate_symm_contact.auth_atom_id_2 
_pdbx_validate_symm_contact.auth_asym_id_2 
_pdbx_validate_symm_contact.auth_comp_id_2 
_pdbx_validate_symm_contact.auth_seq_id_2 
_pdbx_validate_symm_contact.PDB_ins_code_2 
_pdbx_validate_symm_contact.label_alt_id_2 
_pdbx_validate_symm_contact.site_symmetry_2 
_pdbx_validate_symm_contact.dist 
1 1 O A HOH 372 ? ? 1_555 O A HOH 375 ? ? 2_544 1.94 
2 1 O A HOH 351 ? ? 1_555 O A HOH 372 ? ? 2_545 1.96 
# 
_phasing.method   MR 
# 
loop_
_pdbx_unobs_or_zero_occ_residues.id 
_pdbx_unobs_or_zero_occ_residues.PDB_model_num 
_pdbx_unobs_or_zero_occ_residues.polymer_flag 
_pdbx_unobs_or_zero_occ_residues.occupancy_flag 
_pdbx_unobs_or_zero_occ_residues.auth_asym_id 
_pdbx_unobs_or_zero_occ_residues.auth_comp_id 
_pdbx_unobs_or_zero_occ_residues.auth_seq_id 
_pdbx_unobs_or_zero_occ_residues.PDB_ins_code 
_pdbx_unobs_or_zero_occ_residues.label_asym_id 
_pdbx_unobs_or_zero_occ_residues.label_comp_id 
_pdbx_unobs_or_zero_occ_residues.label_seq_id 
1 1 Y 1 A SER 0   ? A SER 1   
2 1 Y 1 A MET 1   ? A MET 2   
3 1 Y 1 A PRO 2   ? A PRO 3   
4 1 Y 1 A SER 3   ? A SER 4   
5 1 Y 1 A GLU 4   ? A GLU 5   
6 1 Y 1 A GLY 120 ? A GLY 121 
# 
loop_
_chem_comp_atom.comp_id 
_chem_comp_atom.atom_id 
_chem_comp_atom.type_symbol 
_chem_comp_atom.pdbx_aromatic_flag 
_chem_comp_atom.pdbx_stereo_config 
_chem_comp_atom.pdbx_ordinal 
ALA N    N  N N 1   
ALA CA   C  N S 2   
ALA C    C  N N 3   
ALA O    O  N N 4   
ALA CB   C  N N 5   
ALA OXT  O  N N 6   
ALA H    H  N N 7   
ALA H2   H  N N 8   
ALA HA   H  N N 9   
ALA HB1  H  N N 10  
ALA HB2  H  N N 11  
ALA HB3  H  N N 12  
ALA HXT  H  N N 13  
ARG N    N  N N 14  
ARG CA   C  N S 15  
ARG C    C  N N 16  
ARG O    O  N N 17  
ARG CB   C  N N 18  
ARG CG   C  N N 19  
ARG CD   C  N N 20  
ARG NE   N  N N 21  
ARG CZ   C  N N 22  
ARG NH1  N  N N 23  
ARG NH2  N  N N 24  
ARG OXT  O  N N 25  
ARG H    H  N N 26  
ARG H2   H  N N 27  
ARG HA   H  N N 28  
ARG HB2  H  N N 29  
ARG HB3  H  N N 30  
ARG HG2  H  N N 31  
ARG HG3  H  N N 32  
ARG HD2  H  N N 33  
ARG HD3  H  N N 34  
ARG HE   H  N N 35  
ARG HH11 H  N N 36  
ARG HH12 H  N N 37  
ARG HH21 H  N N 38  
ARG HH22 H  N N 39  
ARG HXT  H  N N 40  
ASN N    N  N N 41  
ASN CA   C  N S 42  
ASN C    C  N N 43  
ASN O    O  N N 44  
ASN CB   C  N N 45  
ASN CG   C  N N 46  
ASN OD1  O  N N 47  
ASN ND2  N  N N 48  
ASN OXT  O  N N 49  
ASN H    H  N N 50  
ASN H2   H  N N 51  
ASN HA   H  N N 52  
ASN HB2  H  N N 53  
ASN HB3  H  N N 54  
ASN HD21 H  N N 55  
ASN HD22 H  N N 56  
ASN HXT  H  N N 57  
ASP N    N  N N 58  
ASP CA   C  N S 59  
ASP C    C  N N 60  
ASP O    O  N N 61  
ASP CB   C  N N 62  
ASP CG   C  N N 63  
ASP OD1  O  N N 64  
ASP OD2  O  N N 65  
ASP OXT  O  N N 66  
ASP H    H  N N 67  
ASP H2   H  N N 68  
ASP HA   H  N N 69  
ASP HB2  H  N N 70  
ASP HB3  H  N N 71  
ASP HD2  H  N N 72  
ASP HXT  H  N N 73  
CL  CL   CL N N 74  
EDO C1   C  N N 75  
EDO O1   O  N N 76  
EDO C2   C  N N 77  
EDO O2   O  N N 78  
EDO H11  H  N N 79  
EDO H12  H  N N 80  
EDO HO1  H  N N 81  
EDO H21  H  N N 82  
EDO H22  H  N N 83  
EDO HO2  H  N N 84  
GLN N    N  N N 85  
GLN CA   C  N S 86  
GLN C    C  N N 87  
GLN O    O  N N 88  
GLN CB   C  N N 89  
GLN CG   C  N N 90  
GLN CD   C  N N 91  
GLN OE1  O  N N 92  
GLN NE2  N  N N 93  
GLN OXT  O  N N 94  
GLN H    H  N N 95  
GLN H2   H  N N 96  
GLN HA   H  N N 97  
GLN HB2  H  N N 98  
GLN HB3  H  N N 99  
GLN HG2  H  N N 100 
GLN HG3  H  N N 101 
GLN HE21 H  N N 102 
GLN HE22 H  N N 103 
GLN HXT  H  N N 104 
GLU N    N  N N 105 
GLU CA   C  N S 106 
GLU C    C  N N 107 
GLU O    O  N N 108 
GLU CB   C  N N 109 
GLU CG   C  N N 110 
GLU CD   C  N N 111 
GLU OE1  O  N N 112 
GLU OE2  O  N N 113 
GLU OXT  O  N N 114 
GLU H    H  N N 115 
GLU H2   H  N N 116 
GLU HA   H  N N 117 
GLU HB2  H  N N 118 
GLU HB3  H  N N 119 
GLU HG2  H  N N 120 
GLU HG3  H  N N 121 
GLU HE2  H  N N 122 
GLU HXT  H  N N 123 
GLY N    N  N N 124 
GLY CA   C  N N 125 
GLY C    C  N N 126 
GLY O    O  N N 127 
GLY OXT  O  N N 128 
GLY H    H  N N 129 
GLY H2   H  N N 130 
GLY HA2  H  N N 131 
GLY HA3  H  N N 132 
GLY HXT  H  N N 133 
HIS N    N  N N 134 
HIS CA   C  N S 135 
HIS C    C  N N 136 
HIS O    O  N N 137 
HIS CB   C  N N 138 
HIS CG   C  Y N 139 
HIS ND1  N  Y N 140 
HIS CD2  C  Y N 141 
HIS CE1  C  Y N 142 
HIS NE2  N  Y N 143 
HIS OXT  O  N N 144 
HIS H    H  N N 145 
HIS H2   H  N N 146 
HIS HA   H  N N 147 
HIS HB2  H  N N 148 
HIS HB3  H  N N 149 
HIS HD1  H  N N 150 
HIS HD2  H  N N 151 
HIS HE1  H  N N 152 
HIS HE2  H  N N 153 
HIS HXT  H  N N 154 
HOH O    O  N N 155 
HOH H1   H  N N 156 
HOH H2   H  N N 157 
ILE N    N  N N 158 
ILE CA   C  N S 159 
ILE C    C  N N 160 
ILE O    O  N N 161 
ILE CB   C  N S 162 
ILE CG1  C  N N 163 
ILE CG2  C  N N 164 
ILE CD1  C  N N 165 
ILE OXT  O  N N 166 
ILE H    H  N N 167 
ILE H2   H  N N 168 
ILE HA   H  N N 169 
ILE HB   H  N N 170 
ILE HG12 H  N N 171 
ILE HG13 H  N N 172 
ILE HG21 H  N N 173 
ILE HG22 H  N N 174 
ILE HG23 H  N N 175 
ILE HD11 H  N N 176 
ILE HD12 H  N N 177 
ILE HD13 H  N N 178 
ILE HXT  H  N N 179 
K6U N1   N  Y N 180 
K6U C4   C  Y N 181 
K6U C5   C  Y N 182 
K6U C6   C  Y N 183 
K6U C7   C  Y N 184 
K6U C8   C  Y N 185 
K6U C1   C  N N 186 
K6U C2   C  Y N 187 
K6U C3   C  Y N 188 
K6U C9   C  Y N 189 
K6U N2   N  Y N 190 
K6U O1   O  N N 191 
K6U O2   O  Y N 192 
K6U H5   H  N N 193 
K6U H6   H  N N 194 
K6U H7   H  N N 195 
K6U H3   H  N N 196 
K6U H2   H  N N 197 
K6U H1   H  N N 198 
K6U H4   H  N N 199 
K6U H8   H  N N 200 
LEU N    N  N N 201 
LEU CA   C  N S 202 
LEU C    C  N N 203 
LEU O    O  N N 204 
LEU CB   C  N N 205 
LEU CG   C  N N 206 
LEU CD1  C  N N 207 
LEU CD2  C  N N 208 
LEU OXT  O  N N 209 
LEU H    H  N N 210 
LEU H2   H  N N 211 
LEU HA   H  N N 212 
LEU HB2  H  N N 213 
LEU HB3  H  N N 214 
LEU HG   H  N N 215 
LEU HD11 H  N N 216 
LEU HD12 H  N N 217 
LEU HD13 H  N N 218 
LEU HD21 H  N N 219 
LEU HD22 H  N N 220 
LEU HD23 H  N N 221 
LEU HXT  H  N N 222 
LYS N    N  N N 223 
LYS CA   C  N S 224 
LYS C    C  N N 225 
LYS O    O  N N 226 
LYS CB   C  N N 227 
LYS CG   C  N N 228 
LYS CD   C  N N 229 
LYS CE   C  N N 230 
LYS NZ   N  N N 231 
LYS OXT  O  N N 232 
LYS H    H  N N 233 
LYS H2   H  N N 234 
LYS HA   H  N N 235 
LYS HB2  H  N N 236 
LYS HB3  H  N N 237 
LYS HG2  H  N N 238 
LYS HG3  H  N N 239 
LYS HD2  H  N N 240 
LYS HD3  H  N N 241 
LYS HE2  H  N N 242 
LYS HE3  H  N N 243 
LYS HZ1  H  N N 244 
LYS HZ2  H  N N 245 
LYS HZ3  H  N N 246 
LYS HXT  H  N N 247 
MET N    N  N N 248 
MET CA   C  N S 249 
MET C    C  N N 250 
MET O    O  N N 251 
MET CB   C  N N 252 
MET CG   C  N N 253 
MET SD   S  N N 254 
MET CE   C  N N 255 
MET OXT  O  N N 256 
MET H    H  N N 257 
MET H2   H  N N 258 
MET HA   H  N N 259 
MET HB2  H  N N 260 
MET HB3  H  N N 261 
MET HG2  H  N N 262 
MET HG3  H  N N 263 
MET HE1  H  N N 264 
MET HE2  H  N N 265 
MET HE3  H  N N 266 
MET HXT  H  N N 267 
PHE N    N  N N 268 
PHE CA   C  N S 269 
PHE C    C  N N 270 
PHE O    O  N N 271 
PHE CB   C  N N 272 
PHE CG   C  Y N 273 
PHE CD1  C  Y N 274 
PHE CD2  C  Y N 275 
PHE CE1  C  Y N 276 
PHE CE2  C  Y N 277 
PHE CZ   C  Y N 278 
PHE OXT  O  N N 279 
PHE H    H  N N 280 
PHE H2   H  N N 281 
PHE HA   H  N N 282 
PHE HB2  H  N N 283 
PHE HB3  H  N N 284 
PHE HD1  H  N N 285 
PHE HD2  H  N N 286 
PHE HE1  H  N N 287 
PHE HE2  H  N N 288 
PHE HZ   H  N N 289 
PHE HXT  H  N N 290 
PRO N    N  N N 291 
PRO CA   C  N S 292 
PRO C    C  N N 293 
PRO O    O  N N 294 
PRO CB   C  N N 295 
PRO CG   C  N N 296 
PRO CD   C  N N 297 
PRO OXT  O  N N 298 
PRO H    H  N N 299 
PRO HA   H  N N 300 
PRO HB2  H  N N 301 
PRO HB3  H  N N 302 
PRO HG2  H  N N 303 
PRO HG3  H  N N 304 
PRO HD2  H  N N 305 
PRO HD3  H  N N 306 
PRO HXT  H  N N 307 
SER N    N  N N 308 
SER CA   C  N S 309 
SER C    C  N N 310 
SER O    O  N N 311 
SER CB   C  N N 312 
SER OG   O  N N 313 
SER OXT  O  N N 314 
SER H    H  N N 315 
SER H2   H  N N 316 
SER HA   H  N N 317 
SER HB2  H  N N 318 
SER HB3  H  N N 319 
SER HG   H  N N 320 
SER HXT  H  N N 321 
THR N    N  N N 322 
THR CA   C  N S 323 
THR C    C  N N 324 
THR O    O  N N 325 
THR CB   C  N R 326 
THR OG1  O  N N 327 
THR CG2  C  N N 328 
THR OXT  O  N N 329 
THR H    H  N N 330 
THR H2   H  N N 331 
THR HA   H  N N 332 
THR HB   H  N N 333 
THR HG1  H  N N 334 
THR HG21 H  N N 335 
THR HG22 H  N N 336 
THR HG23 H  N N 337 
THR HXT  H  N N 338 
TYR N    N  N N 339 
TYR CA   C  N S 340 
TYR C    C  N N 341 
TYR O    O  N N 342 
TYR CB   C  N N 343 
TYR CG   C  Y N 344 
TYR CD1  C  Y N 345 
TYR CD2  C  Y N 346 
TYR CE1  C  Y N 347 
TYR CE2  C  Y N 348 
TYR CZ   C  Y N 349 
TYR OH   O  N N 350 
TYR OXT  O  N N 351 
TYR H    H  N N 352 
TYR H2   H  N N 353 
TYR HA   H  N N 354 
TYR HB2  H  N N 355 
TYR HB3  H  N N 356 
TYR HD1  H  N N 357 
TYR HD2  H  N N 358 
TYR HE1  H  N N 359 
TYR HE2  H  N N 360 
TYR HH   H  N N 361 
TYR HXT  H  N N 362 
VAL N    N  N N 363 
VAL CA   C  N S 364 
VAL C    C  N N 365 
VAL O    O  N N 366 
VAL CB   C  N N 367 
VAL CG1  C  N N 368 
VAL CG2  C  N N 369 
VAL OXT  O  N N 370 
VAL H    H  N N 371 
VAL H2   H  N N 372 
VAL HA   H  N N 373 
VAL HB   H  N N 374 
VAL HG11 H  N N 375 
VAL HG12 H  N N 376 
VAL HG13 H  N N 377 
VAL HG21 H  N N 378 
VAL HG22 H  N N 379 
VAL HG23 H  N N 380 
VAL HXT  H  N N 381 
# 
loop_
_chem_comp_bond.comp_id 
_chem_comp_bond.atom_id_1 
_chem_comp_bond.atom_id_2 
_chem_comp_bond.value_order 
_chem_comp_bond.pdbx_aromatic_flag 
_chem_comp_bond.pdbx_stereo_config 
_chem_comp_bond.pdbx_ordinal 
ALA N   CA   sing N N 1   
ALA N   H    sing N N 2   
ALA N   H2   sing N N 3   
ALA CA  C    sing N N 4   
ALA CA  CB   sing N N 5   
ALA CA  HA   sing N N 6   
ALA C   O    doub N N 7   
ALA C   OXT  sing N N 8   
ALA CB  HB1  sing N N 9   
ALA CB  HB2  sing N N 10  
ALA CB  HB3  sing N N 11  
ALA OXT HXT  sing N N 12  
ARG N   CA   sing N N 13  
ARG N   H    sing N N 14  
ARG N   H2   sing N N 15  
ARG CA  C    sing N N 16  
ARG CA  CB   sing N N 17  
ARG CA  HA   sing N N 18  
ARG C   O    doub N N 19  
ARG C   OXT  sing N N 20  
ARG CB  CG   sing N N 21  
ARG CB  HB2  sing N N 22  
ARG CB  HB3  sing N N 23  
ARG CG  CD   sing N N 24  
ARG CG  HG2  sing N N 25  
ARG CG  HG3  sing N N 26  
ARG CD  NE   sing N N 27  
ARG CD  HD2  sing N N 28  
ARG CD  HD3  sing N N 29  
ARG NE  CZ   sing N N 30  
ARG NE  HE   sing N N 31  
ARG CZ  NH1  sing N N 32  
ARG CZ  NH2  doub N N 33  
ARG NH1 HH11 sing N N 34  
ARG NH1 HH12 sing N N 35  
ARG NH2 HH21 sing N N 36  
ARG NH2 HH22 sing N N 37  
ARG OXT HXT  sing N N 38  
ASN N   CA   sing N N 39  
ASN N   H    sing N N 40  
ASN N   H2   sing N N 41  
ASN CA  C    sing N N 42  
ASN CA  CB   sing N N 43  
ASN CA  HA   sing N N 44  
ASN C   O    doub N N 45  
ASN C   OXT  sing N N 46  
ASN CB  CG   sing N N 47  
ASN CB  HB2  sing N N 48  
ASN CB  HB3  sing N N 49  
ASN CG  OD1  doub N N 50  
ASN CG  ND2  sing N N 51  
ASN ND2 HD21 sing N N 52  
ASN ND2 HD22 sing N N 53  
ASN OXT HXT  sing N N 54  
ASP N   CA   sing N N 55  
ASP N   H    sing N N 56  
ASP N   H2   sing N N 57  
ASP CA  C    sing N N 58  
ASP CA  CB   sing N N 59  
ASP CA  HA   sing N N 60  
ASP C   O    doub N N 61  
ASP C   OXT  sing N N 62  
ASP CB  CG   sing N N 63  
ASP CB  HB2  sing N N 64  
ASP CB  HB3  sing N N 65  
ASP CG  OD1  doub N N 66  
ASP CG  OD2  sing N N 67  
ASP OD2 HD2  sing N N 68  
ASP OXT HXT  sing N N 69  
EDO C1  O1   sing N N 70  
EDO C1  C2   sing N N 71  
EDO C1  H11  sing N N 72  
EDO C1  H12  sing N N 73  
EDO O1  HO1  sing N N 74  
EDO C2  O2   sing N N 75  
EDO C2  H21  sing N N 76  
EDO C2  H22  sing N N 77  
EDO O2  HO2  sing N N 78  
GLN N   CA   sing N N 79  
GLN N   H    sing N N 80  
GLN N   H2   sing N N 81  
GLN CA  C    sing N N 82  
GLN CA  CB   sing N N 83  
GLN CA  HA   sing N N 84  
GLN C   O    doub N N 85  
GLN C   OXT  sing N N 86  
GLN CB  CG   sing N N 87  
GLN CB  HB2  sing N N 88  
GLN CB  HB3  sing N N 89  
GLN CG  CD   sing N N 90  
GLN CG  HG2  sing N N 91  
GLN CG  HG3  sing N N 92  
GLN CD  OE1  doub N N 93  
GLN CD  NE2  sing N N 94  
GLN NE2 HE21 sing N N 95  
GLN NE2 HE22 sing N N 96  
GLN OXT HXT  sing N N 97  
GLU N   CA   sing N N 98  
GLU N   H    sing N N 99  
GLU N   H2   sing N N 100 
GLU CA  C    sing N N 101 
GLU CA  CB   sing N N 102 
GLU CA  HA   sing N N 103 
GLU C   O    doub N N 104 
GLU C   OXT  sing N N 105 
GLU CB  CG   sing N N 106 
GLU CB  HB2  sing N N 107 
GLU CB  HB3  sing N N 108 
GLU CG  CD   sing N N 109 
GLU CG  HG2  sing N N 110 
GLU CG  HG3  sing N N 111 
GLU CD  OE1  doub N N 112 
GLU CD  OE2  sing N N 113 
GLU OE2 HE2  sing N N 114 
GLU OXT HXT  sing N N 115 
GLY N   CA   sing N N 116 
GLY N   H    sing N N 117 
GLY N   H2   sing N N 118 
GLY CA  C    sing N N 119 
GLY CA  HA2  sing N N 120 
GLY CA  HA3  sing N N 121 
GLY C   O    doub N N 122 
GLY C   OXT  sing N N 123 
GLY OXT HXT  sing N N 124 
HIS N   CA   sing N N 125 
HIS N   H    sing N N 126 
HIS N   H2   sing N N 127 
HIS CA  C    sing N N 128 
HIS CA  CB   sing N N 129 
HIS CA  HA   sing N N 130 
HIS C   O    doub N N 131 
HIS C   OXT  sing N N 132 
HIS CB  CG   sing N N 133 
HIS CB  HB2  sing N N 134 
HIS CB  HB3  sing N N 135 
HIS CG  ND1  sing Y N 136 
HIS CG  CD2  doub Y N 137 
HIS ND1 CE1  doub Y N 138 
HIS ND1 HD1  sing N N 139 
HIS CD2 NE2  sing Y N 140 
HIS CD2 HD2  sing N N 141 
HIS CE1 NE2  sing Y N 142 
HIS CE1 HE1  sing N N 143 
HIS NE2 HE2  sing N N 144 
HIS OXT HXT  sing N N 145 
HOH O   H1   sing N N 146 
HOH O   H2   sing N N 147 
ILE N   CA   sing N N 148 
ILE N   H    sing N N 149 
ILE N   H2   sing N N 150 
ILE CA  C    sing N N 151 
ILE CA  CB   sing N N 152 
ILE CA  HA   sing N N 153 
ILE C   O    doub N N 154 
ILE C   OXT  sing N N 155 
ILE CB  CG1  sing N N 156 
ILE CB  CG2  sing N N 157 
ILE CB  HB   sing N N 158 
ILE CG1 CD1  sing N N 159 
ILE CG1 HG12 sing N N 160 
ILE CG1 HG13 sing N N 161 
ILE CG2 HG21 sing N N 162 
ILE CG2 HG22 sing N N 163 
ILE CG2 HG23 sing N N 164 
ILE CD1 HD11 sing N N 165 
ILE CD1 HD12 sing N N 166 
ILE CD1 HD13 sing N N 167 
ILE OXT HXT  sing N N 168 
K6U C1  O1   sing N N 169 
K6U O1  C2   sing N N 170 
K6U C2  C3   doub Y N 171 
K6U C3  C4   sing Y N 172 
K6U C4  C5   doub Y N 173 
K6U C5  C6   sing Y N 174 
K6U C6  C7   doub Y N 175 
K6U C7  C8   sing N N 176 
K6U C8  N1   doub Y N 177 
K6U N1  N2   sing Y N 178 
K6U N2  C9   doub Y N 179 
K6U C9  O2   sing Y N 180 
K6U C2  C7   sing Y N 181 
K6U C8  O2   sing Y N 182 
K6U C4  H5   sing N N 183 
K6U C5  H6   sing N N 184 
K6U C6  H7   sing N N 185 
K6U C1  H3   sing N N 186 
K6U C1  H2   sing N N 187 
K6U C1  H1   sing N N 188 
K6U C3  H4   sing N N 189 
K6U C9  H8   sing N N 190 
LEU N   CA   sing N N 191 
LEU N   H    sing N N 192 
LEU N   H2   sing N N 193 
LEU CA  C    sing N N 194 
LEU CA  CB   sing N N 195 
LEU CA  HA   sing N N 196 
LEU C   O    doub N N 197 
LEU C   OXT  sing N N 198 
LEU CB  CG   sing N N 199 
LEU CB  HB2  sing N N 200 
LEU CB  HB3  sing N N 201 
LEU CG  CD1  sing N N 202 
LEU CG  CD2  sing N N 203 
LEU CG  HG   sing N N 204 
LEU CD1 HD11 sing N N 205 
LEU CD1 HD12 sing N N 206 
LEU CD1 HD13 sing N N 207 
LEU CD2 HD21 sing N N 208 
LEU CD2 HD22 sing N N 209 
LEU CD2 HD23 sing N N 210 
LEU OXT HXT  sing N N 211 
LYS N   CA   sing N N 212 
LYS N   H    sing N N 213 
LYS N   H2   sing N N 214 
LYS CA  C    sing N N 215 
LYS CA  CB   sing N N 216 
LYS CA  HA   sing N N 217 
LYS C   O    doub N N 218 
LYS C   OXT  sing N N 219 
LYS CB  CG   sing N N 220 
LYS CB  HB2  sing N N 221 
LYS CB  HB3  sing N N 222 
LYS CG  CD   sing N N 223 
LYS CG  HG2  sing N N 224 
LYS CG  HG3  sing N N 225 
LYS CD  CE   sing N N 226 
LYS CD  HD2  sing N N 227 
LYS CD  HD3  sing N N 228 
LYS CE  NZ   sing N N 229 
LYS CE  HE2  sing N N 230 
LYS CE  HE3  sing N N 231 
LYS NZ  HZ1  sing N N 232 
LYS NZ  HZ2  sing N N 233 
LYS NZ  HZ3  sing N N 234 
LYS OXT HXT  sing N N 235 
MET N   CA   sing N N 236 
MET N   H    sing N N 237 
MET N   H2   sing N N 238 
MET CA  C    sing N N 239 
MET CA  CB   sing N N 240 
MET CA  HA   sing N N 241 
MET C   O    doub N N 242 
MET C   OXT  sing N N 243 
MET CB  CG   sing N N 244 
MET CB  HB2  sing N N 245 
MET CB  HB3  sing N N 246 
MET CG  SD   sing N N 247 
MET CG  HG2  sing N N 248 
MET CG  HG3  sing N N 249 
MET SD  CE   sing N N 250 
MET CE  HE1  sing N N 251 
MET CE  HE2  sing N N 252 
MET CE  HE3  sing N N 253 
MET OXT HXT  sing N N 254 
PHE N   CA   sing N N 255 
PHE N   H    sing N N 256 
PHE N   H2   sing N N 257 
PHE CA  C    sing N N 258 
PHE CA  CB   sing N N 259 
PHE CA  HA   sing N N 260 
PHE C   O    doub N N 261 
PHE C   OXT  sing N N 262 
PHE CB  CG   sing N N 263 
PHE CB  HB2  sing N N 264 
PHE CB  HB3  sing N N 265 
PHE CG  CD1  doub Y N 266 
PHE CG  CD2  sing Y N 267 
PHE CD1 CE1  sing Y N 268 
PHE CD1 HD1  sing N N 269 
PHE CD2 CE2  doub Y N 270 
PHE CD2 HD2  sing N N 271 
PHE CE1 CZ   doub Y N 272 
PHE CE1 HE1  sing N N 273 
PHE CE2 CZ   sing Y N 274 
PHE CE2 HE2  sing N N 275 
PHE CZ  HZ   sing N N 276 
PHE OXT HXT  sing N N 277 
PRO N   CA   sing N N 278 
PRO N   CD   sing N N 279 
PRO N   H    sing N N 280 
PRO CA  C    sing N N 281 
PRO CA  CB   sing N N 282 
PRO CA  HA   sing N N 283 
PRO C   O    doub N N 284 
PRO C   OXT  sing N N 285 
PRO CB  CG   sing N N 286 
PRO CB  HB2  sing N N 287 
PRO CB  HB3  sing N N 288 
PRO CG  CD   sing N N 289 
PRO CG  HG2  sing N N 290 
PRO CG  HG3  sing N N 291 
PRO CD  HD2  sing N N 292 
PRO CD  HD3  sing N N 293 
PRO OXT HXT  sing N N 294 
SER N   CA   sing N N 295 
SER N   H    sing N N 296 
SER N   H2   sing N N 297 
SER CA  C    sing N N 298 
SER CA  CB   sing N N 299 
SER CA  HA   sing N N 300 
SER C   O    doub N N 301 
SER C   OXT  sing N N 302 
SER CB  OG   sing N N 303 
SER CB  HB2  sing N N 304 
SER CB  HB3  sing N N 305 
SER OG  HG   sing N N 306 
SER OXT HXT  sing N N 307 
THR N   CA   sing N N 308 
THR N   H    sing N N 309 
THR N   H2   sing N N 310 
THR CA  C    sing N N 311 
THR CA  CB   sing N N 312 
THR CA  HA   sing N N 313 
THR C   O    doub N N 314 
THR C   OXT  sing N N 315 
THR CB  OG1  sing N N 316 
THR CB  CG2  sing N N 317 
THR CB  HB   sing N N 318 
THR OG1 HG1  sing N N 319 
THR CG2 HG21 sing N N 320 
THR CG2 HG22 sing N N 321 
THR CG2 HG23 sing N N 322 
THR OXT HXT  sing N N 323 
TYR N   CA   sing N N 324 
TYR N   H    sing N N 325 
TYR N   H2   sing N N 326 
TYR CA  C    sing N N 327 
TYR CA  CB   sing N N 328 
TYR CA  HA   sing N N 329 
TYR C   O    doub N N 330 
TYR C   OXT  sing N N 331 
TYR CB  CG   sing N N 332 
TYR CB  HB2  sing N N 333 
TYR CB  HB3  sing N N 334 
TYR CG  CD1  doub Y N 335 
TYR CG  CD2  sing Y N 336 
TYR CD1 CE1  sing Y N 337 
TYR CD1 HD1  sing N N 338 
TYR CD2 CE2  doub Y N 339 
TYR CD2 HD2  sing N N 340 
TYR CE1 CZ   doub Y N 341 
TYR CE1 HE1  sing N N 342 
TYR CE2 CZ   sing Y N 343 
TYR CE2 HE2  sing N N 344 
TYR CZ  OH   sing N N 345 
TYR OH  HH   sing N N 346 
TYR OXT HXT  sing N N 347 
VAL N   CA   sing N N 348 
VAL N   H    sing N N 349 
VAL N   H2   sing N N 350 
VAL CA  C    sing N N 351 
VAL CA  CB   sing N N 352 
VAL CA  HA   sing N N 353 
VAL C   O    doub N N 354 
VAL C   OXT  sing N N 355 
VAL CB  CG1  sing N N 356 
VAL CB  CG2  sing N N 357 
VAL CB  HB   sing N N 358 
VAL CG1 HG11 sing N N 359 
VAL CG1 HG12 sing N N 360 
VAL CG1 HG13 sing N N 361 
VAL CG2 HG21 sing N N 362 
VAL CG2 HG22 sing N N 363 
VAL CG2 HG23 sing N N 364 
VAL OXT HXT  sing N N 365 
# 
_pdbx_audit_support.ordinal                1 
_pdbx_audit_support.funding_organization   'European Union (EU)' 
_pdbx_audit_support.grant_number           875510 
_pdbx_audit_support.country                'European Union' 
# 
_pdbx_deposit_group.group_id            G_1002273 
_pdbx_deposit_group.group_description   
;MAP1LC3B screened against the DSi-poised Fragment Library by X-ray Crystallography at the XChem facility of Diamond Light Source beamline I04-1
;
_pdbx_deposit_group.group_title         'PanDDA analysis group deposition' 
_pdbx_deposit_group.group_type          'changed state' 
# 
_atom_sites.entry_id                    7GA9 
_atom_sites.fract_transf_matrix[1][1]   0.00946308 
_atom_sites.fract_transf_matrix[1][2]   0.00279066 
_atom_sites.fract_transf_matrix[1][3]   -0.01309922 
_atom_sites.fract_transf_matrix[2][1]   -0.00672637 
_atom_sites.fract_transf_matrix[2][2]   0.01485985 
_atom_sites.fract_transf_matrix[2][3]   -0.00169349 
_atom_sites.fract_transf_matrix[3][1]   0.01999570 
_atom_sites.fract_transf_matrix[3][2]   0.01096355 
_atom_sites.fract_transf_matrix[3][3]   0.01678089 
_atom_sites.fract_transf_vector[1]      0.186066 
_atom_sites.fract_transf_vector[2]      -0.381506 
_atom_sites.fract_transf_vector[3]      0.022832 
# 
loop_
_atom_type.symbol 
C  
CL 
N  
O  
S  
# 
loop_
_atom_site.group_PDB 
_atom_site.id 
_atom_site.type_symbol 
_atom_site.label_atom_id 
_atom_site.label_alt_id 
_atom_site.label_comp_id 
_atom_site.label_asym_id 
_atom_site.label_entity_id 
_atom_site.label_seq_id 
_atom_site.pdbx_PDB_ins_code 
_atom_site.Cartn_x 
_atom_site.Cartn_y 
_atom_site.Cartn_z 
_atom_site.occupancy 
_atom_site.B_iso_or_equiv 
_atom_site.pdbx_formal_charge 
_atom_site.auth_seq_id 
_atom_site.auth_comp_id 
_atom_site.auth_asym_id 
_atom_site.auth_atom_id 
_atom_site.pdbx_PDB_model_num 
ATOM   1    N  N   . LYS A 1 6   ? -17.150 1.316   0.966   1.00 85.93  ? 5   LYS A N   1 
ATOM   2    C  CA  . LYS A 1 6   ? -16.151 2.333   0.529   1.00 87.59  ? 5   LYS A CA  1 
ATOM   3    C  C   . LYS A 1 6   ? -14.780 1.688   0.311   1.00 83.65  ? 5   LYS A C   1 
ATOM   4    O  O   . LYS A 1 6   ? -14.186 1.963   -0.745  1.00 81.66  ? 5   LYS A O   1 
ATOM   5    C  CB  . LYS A 1 6   ? -15.996 3.443   1.569   1.00 86.96  ? 5   LYS A CB  1 
ATOM   6    C  CG  . LYS A 1 6   ? -16.844 4.669   1.305   1.00 90.58  ? 5   LYS A CG  1 
ATOM   7    C  CD  . LYS A 1 6   ? -16.612 5.282   -0.052  1.00 87.98  ? 5   LYS A CD  1 
ATOM   8    C  CE  . LYS A 1 6   ? -16.929 6.755   -0.026  1.00 94.50  ? 5   LYS A CE  1 
ATOM   9    N  NZ  . LYS A 1 6   ? -18.176 7.026   0.738   1.00 96.26  ? 5   LYS A NZ  1 
ATOM   10   N  N   . THR A 1 7   ? -14.291 0.913   1.290   1.00 73.64  ? 6   THR A N   1 
ATOM   11   C  CA  . THR A 1 7   ? -12.897 0.384   1.325   1.00 72.69  ? 6   THR A CA  1 
ATOM   12   C  C   . THR A 1 7   ? -12.793 -0.879  0.487   1.00 63.52  ? 6   THR A C   1 
ATOM   13   O  O   . THR A 1 7   ? -13.820 -1.512  0.225   1.00 61.75  ? 6   THR A O   1 
ATOM   14   C  CB  . THR A 1 7   ? -12.396 -0.060  2.707   1.00 75.78  ? 6   THR A CB  1 
ATOM   15   O  OG1 . THR A 1 7   ? -12.957 -1.352  2.941   1.00 71.24  ? 6   THR A OG1 1 
ATOM   16   C  CG2 . THR A 1 7   ? -12.723 0.908   3.826   1.00 85.05  ? 6   THR A CG2 1 
ATOM   17   N  N   . PHE A 1 8   ? -11.567 -1.281  0.183   1.00 62.94  ? 7   PHE A N   1 
ATOM   18   C  CA  . PHE A 1 8   ? -11.266 -2.423  -0.714  1.00 56.00  ? 7   PHE A CA  1 
ATOM   19   C  C   . PHE A 1 8   ? -11.886 -3.725  -0.192  1.00 54.51  ? 7   PHE A C   1 
ATOM   20   O  O   . PHE A 1 8   ? -12.530 -4.447  -0.990  1.00 54.61  ? 7   PHE A O   1 
ATOM   21   C  CB  . PHE A 1 8   ? -9.764  -2.599  -0.874  1.00 50.59  ? 7   PHE A CB  1 
ATOM   22   C  CG  . PHE A 1 8   ? -9.433  -3.548  -1.985  1.00 51.42  ? 7   PHE A CG  1 
ATOM   23   C  CD1 . PHE A 1 8   ? -9.703  -3.207  -3.301  1.00 52.55  ? 7   PHE A CD1 1 
ATOM   24   C  CD2 . PHE A 1 8   ? -8.919  -4.799  -1.708  1.00 47.07  ? 7   PHE A CD2 1 
ATOM   25   C  CE1 . PHE A 1 8   ? -9.417  -4.087  -4.330  1.00 51.67  ? 7   PHE A CE1 1 
ATOM   26   C  CE2 . PHE A 1 8   ? -8.613  -5.672  -2.742  1.00 50.75  ? 7   PHE A CE2 1 
ATOM   27   C  CZ  . PHE A 1 8   ? -8.872  -5.320  -4.049  1.00 50.77  ? 7   PHE A CZ  1 
ATOM   28   N  N   . LYS A 1 9   ? -11.700 -4.027  1.093   1.00 58.74  ? 8   LYS A N   1 
ATOM   29   C  CA  . LYS A 1 9   ? -12.187 -5.300  1.696   1.00 62.74  ? 8   LYS A CA  1 
ATOM   30   C  C   . LYS A 1 9   ? -13.719 -5.332  1.653   1.00 63.51  ? 8   LYS A C   1 
ATOM   31   O  O   . LYS A 1 9   ? -14.288 -6.427  1.441   1.00 64.87  ? 8   LYS A O   1 
ATOM   32   C  CB  . LYS A 1 9   ? -11.632 -5.473  3.114   1.00 60.80  ? 8   LYS A CB  1 
ATOM   33   C  CG  . LYS A 1 9   ? -10.202 -5.982  3.135   1.00 60.70  ? 8   LYS A CG  1 
ATOM   34   C  CD  . LYS A 1 9   ? -9.772  -6.576  4.437   1.00 63.67  ? 8   LYS A CD  1 
ATOM   35   C  CE  . LYS A 1 9   ? -8.364  -7.120  4.362   1.00 70.00  ? 8   LYS A CE  1 
ATOM   36   N  NZ  . LYS A 1 9   ? -7.862  -7.537  5.690   1.00 76.12  ? 8   LYS A NZ  1 
ATOM   37   N  N   . GLN A 1 10  ? -14.337 -4.162  1.834   1.00 60.94  ? 9   GLN A N   1 
ATOM   38   C  CA  . GLN A 1 10  ? -15.799 -3.924  1.718   1.00 64.73  ? 9   GLN A CA  1 
ATOM   39   C  C   . GLN A 1 10  ? -16.318 -4.190  0.289   1.00 60.86  ? 9   GLN A C   1 
ATOM   40   O  O   . GLN A 1 10  ? -17.364 -4.801  0.154   1.00 65.35  ? 9   GLN A O   1 
ATOM   41   C  CB  . GLN A 1 10  ? -16.121 -2.497  2.175   1.00 62.41  ? 9   GLN A CB  1 
ATOM   42   C  CG  . GLN A 1 10  ? -15.861 -2.275  3.663   1.00 67.05  ? 9   GLN A CG  1 
ATOM   43   C  CD  . GLN A 1 10  ? -16.234 -0.891  4.146   1.00 68.89  ? 9   GLN A CD  1 
ATOM   44   O  OE1 . GLN A 1 10  ? -16.337 0.066   3.377   1.00 72.05  ? 9   GLN A OE1 1 
ATOM   45   N  NE2 . GLN A 1 10  ? -16.464 -0.775  5.443   1.00 69.41  ? 9   GLN A NE2 1 
ATOM   46   N  N   A ARG A 1 11  ? -15.580 -3.736  -0.731  0.34 60.84  ? 10  ARG A N   1 
ATOM   47   N  N   B ARG A 1 11  ? -15.576 -3.747  -0.729  0.17 60.44  ? 10  ARG A N   1 
ATOM   48   C  CA  A ARG A 1 11  ? -15.988 -3.762  -2.163  0.34 59.27  ? 10  ARG A CA  1 
ATOM   49   C  CA  B ARG A 1 11  ? -16.002 -3.766  -2.156  0.17 58.82  ? 10  ARG A CA  1 
ATOM   50   C  C   A ARG A 1 11  ? -15.867 -5.180  -2.740  0.34 59.65  ? 10  ARG A C   1 
ATOM   51   C  C   B ARG A 1 11  ? -15.857 -5.174  -2.752  0.17 58.77  ? 10  ARG A C   1 
ATOM   52   O  O   A ARG A 1 11  ? -16.672 -5.511  -3.631  0.34 59.59  ? 10  ARG A O   1 
ATOM   53   O  O   B ARG A 1 11  ? -16.650 -5.494  -3.660  0.17 58.61  ? 10  ARG A O   1 
ATOM   54   C  CB  A ARG A 1 11  ? -15.125 -2.812  -3.003  0.34 64.09  ? 10  ARG A CB  1 
ATOM   55   C  CB  B ARG A 1 11  ? -15.188 -2.755  -2.970  0.17 60.78  ? 10  ARG A CB  1 
ATOM   56   C  CG  A ARG A 1 11  ? -15.300 -1.331  -2.691  0.34 68.22  ? 10  ARG A CG  1 
ATOM   57   C  CG  B ARG A 1 11  ? -15.529 -1.298  -2.687  0.17 62.45  ? 10  ARG A CG  1 
ATOM   58   C  CD  A ARG A 1 11  ? -14.573 -0.421  -3.677  0.34 70.96  ? 10  ARG A CD  1 
ATOM   59   C  CD  B ARG A 1 11  ? -14.647 -0.334  -3.466  0.17 63.36  ? 10  ARG A CD  1 
ATOM   60   N  NE  A ARG A 1 11  ? -13.285 0.094   -3.215  0.34 70.09  ? 10  ARG A NE  1 
ATOM   61   N  NE  B ARG A 1 11  ? -13.586 0.259   -2.662  0.17 62.93  ? 10  ARG A NE  1 
ATOM   62   C  CZ  A ARG A 1 11  ? -12.125 -0.089  -3.841  0.34 68.75  ? 10  ARG A CZ  1 
ATOM   63   C  CZ  B ARG A 1 11  ? -12.581 0.979   -3.149  0.17 60.78  ? 10  ARG A CZ  1 
ATOM   64   N  NH1 A ARG A 1 11  ? -12.075 -0.783  -4.966  0.34 69.10  ? 10  ARG A NH1 1 
ATOM   65   N  NH1 B ARG A 1 11  ? -12.487 1.193   -4.450  0.17 62.17  ? 10  ARG A NH1 1 
ATOM   66   N  NH2 A ARG A 1 11  ? -11.020 0.425   -3.337  0.34 67.44  ? 10  ARG A NH2 1 
ATOM   67   N  NH2 B ARG A 1 11  ? -11.673 1.480   -2.332  0.17 60.85  ? 10  ARG A NH2 1 
ATOM   68   N  N   . ARG A 1 12  ? -14.889 -5.976  -2.289  1.00 56.64  ? 11  ARG A N   1 
ATOM   69   C  CA  . ARG A 1 12  ? -14.596 -7.308  -2.918  1.00 57.24  ? 11  ARG A CA  1 
ATOM   70   C  C   . ARG A 1 12  ? -14.670 -8.436  -1.885  1.00 54.95  ? 11  ARG A C   1 
ATOM   71   O  O   . ARG A 1 12  ? -14.192 -8.241  -0.767  1.00 53.68  ? 11  ARG A O   1 
ATOM   72   C  CB  . ARG A 1 12  ? -13.228 -7.288  -3.613  1.00 63.06  ? 11  ARG A CB  1 
ATOM   73   C  CG  . ARG A 1 12  ? -12.974 -6.115  -4.560  1.00 65.93  ? 11  ARG A CG  1 
ATOM   74   C  CD  . ARG A 1 12  ? -13.665 -6.177  -5.910  1.00 77.36  ? 11  ARG A CD  1 
ATOM   75   N  NE  . ARG A 1 12  ? -13.294 -7.358  -6.677  1.00 100.40 ? 11  ARG A NE  1 
ATOM   76   C  CZ  . ARG A 1 12  ? -13.754 -7.658  -7.892  1.00 116.54 ? 11  ARG A CZ  1 
ATOM   77   N  NH1 . ARG A 1 12  ? -14.614 -6.861  -8.512  1.00 125.34 ? 11  ARG A NH1 1 
ATOM   78   N  NH2 . ARG A 1 12  ? -13.339 -8.764  -8.489  1.00 119.81 ? 11  ARG A NH2 1 
ATOM   79   N  N   . THR A 1 13  ? -15.236 -9.580  -2.275  1.00 49.87  ? 12  THR A N   1 
ATOM   80   C  CA  . THR A 1 13  ? -15.329 -10.800 -1.438  1.00 50.34  ? 12  THR A CA  1 
ATOM   81   C  C   . THR A 1 13  ? -13.923 -11.374 -1.193  1.00 51.52  ? 12  THR A C   1 
ATOM   82   O  O   . THR A 1 13  ? -13.034 -11.219 -2.020  1.00 45.57  ? 12  THR A O   1 
ATOM   83   C  CB  . THR A 1 13  ? -16.201 -11.864 -2.103  1.00 53.97  ? 12  THR A CB  1 
ATOM   84   O  OG1 . THR A 1 13  ? -15.557 -12.367 -3.274  1.00 56.90  ? 12  THR A OG1 1 
ATOM   85   C  CG2 . THR A 1 13  ? -17.559 -11.343 -2.502  1.00 57.99  ? 12  THR A CG2 1 
ATOM   86   N  N   . PHE A 1 14  ? -13.713 -12.041 -0.080  1.00 48.68  ? 13  PHE A N   1 
ATOM   87   C  CA  . PHE A 1 14  ? -12.413 -12.689 0.193   1.00 58.21  ? 13  PHE A CA  1 
ATOM   88   C  C   . PHE A 1 14  ? -12.065 -13.580 -1.015  1.00 56.70  ? 13  PHE A C   1 
ATOM   89   O  O   . PHE A 1 14  ? -10.897 -13.626 -1.418  1.00 54.92  ? 13  PHE A O   1 
ATOM   90   C  CB  . PHE A 1 14  ? -12.454 -13.409 1.543   1.00 49.77  ? 13  PHE A CB  1 
ATOM   91   C  CG  . PHE A 1 14  ? -11.169 -14.126 1.872   1.00 47.57  ? 13  PHE A CG  1 
ATOM   92   C  CD1 . PHE A 1 14  ? -10.198 -13.507 2.635   1.00 49.41  ? 13  PHE A CD1 1 
ATOM   93   C  CD2 . PHE A 1 14  ? -10.935 -15.412 1.410   1.00 47.81  ? 13  PHE A CD2 1 
ATOM   94   C  CE1 . PHE A 1 14  ? -9.007  -14.152 2.925   1.00 51.65  ? 13  PHE A CE1 1 
ATOM   95   C  CE2 . PHE A 1 14  ? -9.744  -16.058 1.704   1.00 47.58  ? 13  PHE A CE2 1 
ATOM   96   C  CZ  . PHE A 1 14  ? -8.787  -15.429 2.464   1.00 47.74  ? 13  PHE A CZ  1 
ATOM   97   N  N   . GLU A 1 15  ? -13.058 -14.232 -1.603  1.00 49.17  ? 14  GLU A N   1 
ATOM   98   C  CA  . GLU A 1 15  ? -12.902 -15.069 -2.822  1.00 57.64  ? 14  GLU A CA  1 
ATOM   99   C  C   . GLU A 1 15  ? -12.344 -14.227 -3.988  1.00 58.66  ? 14  GLU A C   1 
ATOM   100  O  O   . GLU A 1 15  ? -11.515 -14.728 -4.793  1.00 48.73  ? 14  GLU A O   1 
ATOM   101  C  CB  . GLU A 1 15  ? -14.264 -15.649 -3.200  1.00 64.57  ? 14  GLU A CB  1 
ATOM   102  C  CG  . GLU A 1 15  ? -14.193 -16.743 -4.251  1.00 77.11  ? 14  GLU A CG  1 
ATOM   103  C  CD  . GLU A 1 15  ? -15.447 -17.599 -4.371  1.00 85.40  ? 14  GLU A CD  1 
ATOM   104  O  OE1 . GLU A 1 15  ? -15.920 -18.135 -3.337  1.00 90.23  ? 14  GLU A OE1 1 
ATOM   105  O  OE2 . GLU A 1 15  ? -15.944 -17.738 -5.498  1.00 96.20  ? 14  GLU A OE2 1 
ATOM   106  N  N   . GLN A 1 16  ? -12.833 -13.006 -4.138  1.00 50.03  ? 15  GLN A N   1 
ATOM   107  C  CA  . GLN A 1 16  ? -12.494 -12.159 -5.299  1.00 51.91  ? 15  GLN A CA  1 
ATOM   108  C  C   . GLN A 1 16  ? -11.078 -11.592 -5.148  1.00 53.15  ? 15  GLN A C   1 
ATOM   109  O  O   . GLN A 1 16  ? -10.354 -11.511 -6.150  1.00 51.79  ? 15  GLN A O   1 
ATOM   110  C  CB  . GLN A 1 16  ? -13.500 -11.024 -5.418  1.00 48.30  ? 15  GLN A CB  1 
ATOM   111  C  CG  . GLN A 1 16  ? -14.715 -11.425 -6.220  1.00 48.71  ? 15  GLN A CG  1 
ATOM   112  C  CD  . GLN A 1 16  ? -15.765 -10.350 -6.136  1.00 51.78  ? 15  GLN A CD  1 
ATOM   113  O  OE1 . GLN A 1 16  ? -15.750 -9.504  -5.242  1.00 49.90  ? 15  GLN A OE1 1 
ATOM   114  N  NE2 . GLN A 1 16  ? -16.678 -10.388 -7.087  1.00 52.60  ? 15  GLN A NE2 1 
ATOM   115  N  N   A ARG A 1 17  ? -10.714 -11.198 -3.921  0.15 52.33  ? 16  ARG A N   1 
ATOM   116  N  N   B ARG A 1 17  ? -10.705 -11.204 -3.924  0.35 52.85  ? 16  ARG A N   1 
ATOM   117  C  CA  A ARG A 1 17  ? -9.375  -10.651 -3.565  0.15 51.14  ? 16  ARG A CA  1 
ATOM   118  C  CA  B ARG A 1 17  ? -9.362  -10.652 -3.602  0.35 50.89  ? 16  ARG A CA  1 
ATOM   119  C  C   A ARG A 1 17  ? -8.324  -11.754 -3.732  0.15 49.61  ? 16  ARG A C   1 
ATOM   120  C  C   B ARG A 1 17  ? -8.330  -11.771 -3.769  0.35 50.13  ? 16  ARG A C   1 
ATOM   121  O  O   A ARG A 1 17  ? -7.251  -11.460 -4.293  0.15 50.52  ? 16  ARG A O   1 
ATOM   122  O  O   B ARG A 1 17  ? -7.297  -11.517 -4.416  0.35 51.48  ? 16  ARG A O   1 
ATOM   123  C  CB  A ARG A 1 17  ? -9.380  -10.095 -2.138  0.15 51.85  ? 16  ARG A CB  1 
ATOM   124  C  CB  B ARG A 1 17  ? -9.371  -10.023 -2.206  0.35 50.32  ? 16  ARG A CB  1 
ATOM   125  C  CG  A ARG A 1 17  ? -10.411 -8.999  -1.907  0.15 53.87  ? 16  ARG A CG  1 
ATOM   126  C  CG  B ARG A 1 17  ? -10.212 -8.757  -2.137  0.35 52.87  ? 16  ARG A CG  1 
ATOM   127  C  CD  A ARG A 1 17  ? -10.216 -8.229  -0.613  0.15 54.74  ? 16  ARG A CD  1 
ATOM   128  C  CD  B ARG A 1 17  ? -10.329 -8.122  -0.762  0.35 53.81  ? 16  ARG A CD  1 
ATOM   129  N  NE  A ARG A 1 17  ? -10.117 -9.076  0.569   0.15 56.80  ? 16  ARG A NE  1 
ATOM   130  N  NE  B ARG A 1 17  ? -11.491 -8.596  -0.022  0.35 57.41  ? 16  ARG A NE  1 
ATOM   131  C  CZ  A ARG A 1 17  ? -11.074 -9.219  1.482   0.15 57.57  ? 16  ARG A CZ  1 
ATOM   132  C  CZ  B ARG A 1 17  ? -11.436 -9.298  1.106   0.35 59.67  ? 16  ARG A CZ  1 
ATOM   133  N  NH1 A ARG A 1 17  ? -12.222 -8.575  1.356   0.15 57.72  ? 16  ARG A NH1 1 
ATOM   134  N  NH1 B ARG A 1 17  ? -10.267 -9.601  1.642   0.35 61.85  ? 16  ARG A NH1 1 
ATOM   135  N  NH2 A ARG A 1 17  ? -10.879 -10.010 2.522   0.15 58.53  ? 16  ARG A NH2 1 
ATOM   136  N  NH2 B ARG A 1 17  ? -12.550 -9.695  1.694   0.35 58.94  ? 16  ARG A NH2 1 
ATOM   137  N  N   . VAL A 1 18  ? -8.633  -12.971 -3.273  1.00 46.08  ? 17  VAL A N   1 
ATOM   138  C  CA  . VAL A 1 18  ? -7.728  -14.151 -3.415  1.00 43.89  ? 17  VAL A CA  1 
ATOM   139  C  C   . VAL A 1 18  ? -7.472  -14.445 -4.896  1.00 56.30  ? 17  VAL A C   1 
ATOM   140  O  O   . VAL A 1 18  ? -6.277  -14.688 -5.286  1.00 45.25  ? 17  VAL A O   1 
ATOM   141  C  CB  . VAL A 1 18  ? -8.307  -15.373 -2.707  1.00 43.72  ? 17  VAL A CB  1 
ATOM   142  C  CG1 . VAL A 1 18  ? -7.639  -16.663 -3.175  1.00 49.82  ? 17  VAL A CG1 1 
ATOM   143  C  CG2 . VAL A 1 18  ? -8.191  -15.227 -1.195  1.00 45.81  ? 17  VAL A CG2 1 
ATOM   144  N  N   . GLU A 1 19  ? -8.537  -14.439 -5.701  1.00 57.54  ? 18  GLU A N   1 
ATOM   145  C  CA  . GLU A 1 19  ? -8.427  -14.816 -7.126  1.00 57.72  ? 18  GLU A CA  1 
ATOM   146  C  C   . GLU A 1 19  ? -7.636  -13.731 -7.858  1.00 49.22  ? 18  GLU A C   1 
ATOM   147  O  O   . GLU A 1 19  ? -6.815  -14.083 -8.709  1.00 47.55  ? 18  GLU A O   1 
ATOM   148  C  CB  . GLU A 1 19  ? -9.795  -15.097 -7.746  1.00 67.49  ? 18  GLU A CB  1 
ATOM   149  C  CG  . GLU A 1 19  ? -10.103 -16.584 -7.733  1.00 81.35  ? 18  GLU A CG  1 
ATOM   150  C  CD  . GLU A 1 19  ? -9.140  -17.445 -8.539  1.00 87.11  ? 18  GLU A CD  1 
ATOM   151  O  OE1 . GLU A 1 19  ? -8.858  -17.079 -9.713  1.00 94.50  ? 18  GLU A OE1 1 
ATOM   152  O  OE2 . GLU A 1 19  ? -8.686  -18.486 -8.000  1.00 88.26  ? 18  GLU A OE2 1 
ATOM   153  N  N   . ASP A 1 20  ? -7.845  -12.461 -7.529  1.00 48.14  ? 19  ASP A N   1 
ATOM   154  C  CA  . ASP A 1 20  ? -7.075  -11.371 -8.176  1.00 48.94  ? 19  ASP A CA  1 
ATOM   155  C  C   . ASP A 1 20  ? -5.573  -11.528 -7.889  1.00 47.40  ? 19  ASP A C   1 
ATOM   156  O  O   . ASP A 1 20  ? -4.783  -11.356 -8.797  1.00 44.35  ? 19  ASP A O   1 
ATOM   157  C  CB  . ASP A 1 20  ? -7.558  -9.997  -7.746  1.00 52.35  ? 19  ASP A CB  1 
ATOM   158  C  CG  . ASP A 1 20  ? -7.106  -8.931  -8.734  1.00 66.68  ? 19  ASP A CG  1 
ATOM   159  O  OD1 . ASP A 1 20  ? -7.300  -7.746  -8.411  1.00 74.92  ? 19  ASP A OD1 1 
ATOM   160  O  OD2 . ASP A 1 20  ? -6.593  -9.295  -9.846  1.00 67.96  ? 19  ASP A OD2 1 
ATOM   161  N  N   . VAL A 1 21  ? -5.196  -11.869 -6.664  1.00 45.15  ? 20  VAL A N   1 
ATOM   162  C  CA  . VAL A 1 21  ? -3.772  -12.000 -6.264  1.00 46.63  ? 20  VAL A CA  1 
ATOM   163  C  C   . VAL A 1 21  ? -3.138  -13.162 -7.032  1.00 50.37  ? 20  VAL A C   1 
ATOM   164  O  O   . VAL A 1 21  ? -1.954  -13.029 -7.404  1.00 51.58  ? 20  VAL A O   1 
ATOM   165  C  CB  . VAL A 1 21  ? -3.646  -12.153 -4.741  1.00 43.10  ? 20  VAL A CB  1 
ATOM   166  C  CG1 . VAL A 1 21  ? -2.308  -12.747 -4.330  1.00 45.91  ? 20  VAL A CG1 1 
ATOM   167  C  CG2 . VAL A 1 21  ? -3.922  -10.841 -4.042  1.00 40.20  ? 20  VAL A CG2 1 
ATOM   168  N  N   . ARG A 1 22  ? -3.885  -14.241 -7.267  1.00 50.34  ? 21  ARG A N   1 
ATOM   169  C  CA  . ARG A 1 22  ? -3.365  -15.434 -7.985  1.00 51.05  ? 21  ARG A CA  1 
ATOM   170  C  C   . ARG A 1 22  ? -3.157  -15.123 -9.475  1.00 50.54  ? 21  ARG A C   1 
ATOM   171  O  O   . ARG A 1 22  ? -2.275  -15.775 -10.103 1.00 44.69  ? 21  ARG A O   1 
ATOM   172  C  CB  . ARG A 1 22  ? -4.334  -16.604 -7.834  1.00 53.13  ? 21  ARG A CB  1 
ATOM   173  C  CG  . ARG A 1 22  ? -4.366  -17.205 -6.440  1.00 57.03  ? 21  ARG A CG  1 
ATOM   174  C  CD  . ARG A 1 22  ? -5.428  -18.278 -6.450  1.00 60.05  ? 21  ARG A CD  1 
ATOM   175  N  NE  . ARG A 1 22  ? -5.579  -18.972 -5.186  1.00 65.49  ? 21  ARG A NE  1 
ATOM   176  C  CZ  . ARG A 1 22  ? -6.469  -19.934 -4.961  1.00 66.11  ? 21  ARG A CZ  1 
ATOM   177  N  NH1 . ARG A 1 22  ? -7.295  -20.325 -5.917  1.00 74.39  ? 21  ARG A NH1 1 
ATOM   178  N  NH2 . ARG A 1 22  ? -6.527  -20.509 -3.780  1.00 65.47  ? 21  ARG A NH2 1 
ATOM   179  N  N   . LEU A 1 23  ? -3.949  -14.199 -10.026 1.00 48.06  ? 22  LEU A N   1 
ATOM   180  C  CA  . LEU A 1 23  ? -3.852  -13.762 -11.448 1.00 53.46  ? 22  LEU A CA  1 
ATOM   181  C  C   . LEU A 1 23  ? -2.599  -12.884 -11.621 1.00 54.38  ? 22  LEU A C   1 
ATOM   182  O  O   . LEU A 1 23  ? -1.898  -13.031 -12.661 1.00 53.19  ? 22  LEU A O   1 
ATOM   183  C  CB  . LEU A 1 23  ? -5.120  -12.985 -11.834 1.00 53.41  ? 22  LEU A CB  1 
ATOM   184  C  CG  . LEU A 1 23  ? -5.084  -12.323 -13.215 1.00 61.18  ? 22  LEU A CG  1 
ATOM   185  C  CD1 . LEU A 1 23  ? -5.157  -13.367 -14.323 1.00 62.31  ? 22  LEU A CD1 1 
ATOM   186  C  CD2 . LEU A 1 23  ? -6.194  -11.302 -13.358 1.00 62.18  ? 22  LEU A CD2 1 
ATOM   187  N  N   . ILE A 1 24  ? -2.328  -12.012 -10.640 1.00 52.21  ? 23  ILE A N   1 
ATOM   188  C  CA  . ILE A 1 24  ? -1.145  -11.106 -10.618 1.00 46.70  ? 23  ILE A CA  1 
ATOM   189  C  C   . ILE A 1 24  ? 0.088   -12.000 -10.533 1.00 44.20  ? 23  ILE A C   1 
ATOM   190  O  O   . ILE A 1 24  ? 1.009   -11.815 -11.296 1.00 42.59  ? 23  ILE A O   1 
ATOM   191  C  CB  . ILE A 1 24  ? -1.284  -10.114 -9.467  1.00 48.22  ? 23  ILE A CB  1 
ATOM   192  C  CG1 . ILE A 1 24  ? -2.536  -9.250  -9.664  1.00 49.35  ? 23  ILE A CG1 1 
ATOM   193  C  CG2 . ILE A 1 24  ? -0.033  -9.268  -9.327  1.00 55.06  ? 23  ILE A CG2 1 
ATOM   194  C  CD1 . ILE A 1 24  ? -2.844  -8.335  -8.501  1.00 50.37  ? 23  ILE A CD1 1 
ATOM   195  N  N   . ARG A 1 25  ? 0.045   -13.039 -9.720  1.00 42.23  ? 24  ARG A N   1 
ATOM   196  C  CA  . ARG A 1 25  ? 1.154   -14.026 -9.709  1.00 51.84  ? 24  ARG A CA  1 
ATOM   197  C  C   . ARG A 1 25  ? 1.401   -14.529 -11.120 1.00 48.29  ? 24  ARG A C   1 
ATOM   198  O  O   . ARG A 1 25  ? 2.539   -14.760 -11.428 1.00 54.28  ? 24  ARG A O   1 
ATOM   199  C  CB  . ARG A 1 25  ? 0.879   -15.240 -8.835  1.00 47.53  ? 24  ARG A CB  1 
ATOM   200  C  CG  . ARG A 1 25  ? 1.314   -15.009 -7.397  1.00 53.50  ? 24  ARG A CG  1 
ATOM   201  C  CD  . ARG A 1 25  ? 0.961   -16.169 -6.491  1.00 54.47  ? 24  ARG A CD  1 
ATOM   202  N  NE  . ARG A 1 25  ? 0.443   -15.631 -5.247  1.00 67.54  ? 24  ARG A NE  1 
ATOM   203  C  CZ  . ARG A 1 25  ? -0.269  -16.312 -4.362  1.00 71.54  ? 24  ARG A CZ  1 
ATOM   204  N  NH1 . ARG A 1 25  ? -0.515  -17.593 -4.551  1.00 68.59  ? 24  ARG A NH1 1 
ATOM   205  N  NH2 . ARG A 1 25  ? -0.740  -15.706 -3.287  1.00 85.82  ? 24  ARG A NH2 1 
ATOM   206  N  N   . GLU A 1 26  ? 0.345   -14.766 -11.882 1.00 53.54  ? 25  GLU A N   1 
ATOM   207  C  CA  . GLU A 1 26  ? 0.418   -15.481 -13.179 1.00 54.70  ? 25  GLU A CA  1 
ATOM   208  C  C   . GLU A 1 26  ? 0.879   -14.479 -14.249 1.00 47.22  ? 25  GLU A C   1 
ATOM   209  O  O   . GLU A 1 26  ? 1.685   -14.856 -15.034 1.00 51.33  ? 25  GLU A O   1 
ATOM   210  C  CB  . GLU A 1 26  ? -0.930  -16.160 -13.462 1.00 59.28  ? 25  GLU A CB  1 
ATOM   211  C  CG  . GLU A 1 26  ? -0.877  -17.235 -14.546 1.00 70.34  ? 25  GLU A CG  1 
ATOM   212  C  CD  . GLU A 1 26  ? -0.250  -18.584 -14.194 1.00 74.39  ? 25  GLU A CD  1 
ATOM   213  O  OE1 . GLU A 1 26  ? 0.162   -18.783 -13.046 1.00 76.99  ? 25  GLU A OE1 1 
ATOM   214  O  OE2 . GLU A 1 26  ? -0.194  -19.450 -15.080 1.00 80.19  ? 25  GLU A OE2 1 
ATOM   215  N  N   . GLN A 1 27  ? 0.464   -13.219 -14.171 1.00 46.32  ? 26  GLN A N   1 
ATOM   216  C  CA  . GLN A 1 27  ? 0.601   -12.201 -15.235 1.00 44.51  ? 26  GLN A CA  1 
ATOM   217  C  C   . GLN A 1 27  ? 1.642   -11.138 -14.883 1.00 46.24  ? 26  GLN A C   1 
ATOM   218  O  O   . GLN A 1 27  ? 2.068   -10.391 -15.795 1.00 41.58  ? 26  GLN A O   1 
ATOM   219  C  CB  . GLN A 1 27  ? -0.745  -11.497 -15.403 1.00 49.55  ? 26  GLN A CB  1 
ATOM   220  C  CG  . GLN A 1 27  ? -1.808  -12.425 -15.982 1.00 62.15  ? 26  GLN A CG  1 
ATOM   221  C  CD  . GLN A 1 27  ? -3.023  -11.703 -16.516 1.00 75.75  ? 26  GLN A CD  1 
ATOM   222  O  OE1 . GLN A 1 27  ? -3.365  -10.597 -16.080 1.00 78.59  ? 26  GLN A OE1 1 
ATOM   223  N  NE2 . GLN A 1 27  ? -3.694  -12.343 -17.466 1.00 79.32  ? 26  GLN A NE2 1 
ATOM   224  N  N   . HIS A 1 28  ? 1.928   -10.947 -13.601 1.00 39.29  ? 27  HIS A N   1 
ATOM   225  C  CA  . HIS A 1 28  ? 2.936   -9.972  -13.131 1.00 37.74  ? 27  HIS A CA  1 
ATOM   226  C  C   . HIS A 1 28  ? 3.759   -10.644 -12.063 1.00 35.34  ? 27  HIS A C   1 
ATOM   227  O  O   . HIS A 1 28  ? 3.801   -10.207 -10.932 1.00 38.03  ? 27  HIS A O   1 
ATOM   228  C  CB  . HIS A 1 28  ? 2.232   -8.702  -12.666 1.00 47.01  ? 27  HIS A CB  1 
ATOM   229  C  CG  . HIS A 1 28  ? 1.363   -8.136  -13.740 1.00 54.75  ? 27  HIS A CG  1 
ATOM   230  N  ND1 . HIS A 1 28  ? 1.864   -7.330  -14.756 1.00 55.27  ? 27  HIS A ND1 1 
ATOM   231  C  CD2 . HIS A 1 28  ? 0.048   -8.301  -13.993 1.00 53.47  ? 27  HIS A CD2 1 
ATOM   232  C  CE1 . HIS A 1 28  ? 0.879   -6.991  -15.559 1.00 54.60  ? 27  HIS A CE1 1 
ATOM   233  N  NE2 . HIS A 1 28  ? -0.238  -7.572  -15.116 1.00 57.12  ? 27  HIS A NE2 1 
ATOM   234  N  N   . PRO A 1 29  ? 4.412   -11.758 -12.410 1.00 39.71  ? 28  PRO A N   1 
ATOM   235  C  CA  . PRO A 1 29  ? 5.087   -12.595 -11.423 1.00 39.17  ? 28  PRO A CA  1 
ATOM   236  C  C   . PRO A 1 29  ? 6.173   -11.879 -10.593 1.00 43.48  ? 28  PRO A C   1 
ATOM   237  O  O   . PRO A 1 29  ? 6.392   -12.306 -9.452  1.00 39.99  ? 28  PRO A O   1 
ATOM   238  C  CB  . PRO A 1 29  ? 5.662   -13.757 -12.254 1.00 43.72  ? 28  PRO A CB  1 
ATOM   239  C  CG  . PRO A 1 29  ? 5.742   -13.185 -13.680 1.00 48.43  ? 28  PRO A CG  1 
ATOM   240  C  CD  . PRO A 1 29  ? 4.551   -12.248 -13.786 1.00 41.65  ? 28  PRO A CD  1 
ATOM   241  N  N   . THR A 1 30  ? 6.793   -10.799 -11.095 1.00 43.78  ? 29  THR A N   1 
ATOM   242  C  CA  . THR A 1 30  ? 7.845   -10.045 -10.345 1.00 40.88  ? 29  THR A CA  1 
ATOM   243  C  C   . THR A 1 30  ? 7.277   -8.869  -9.547  1.00 37.92  ? 29  THR A C   1 
ATOM   244  O  O   . THR A 1 30  ? 8.114   -8.157  -8.942  1.00 39.85  ? 29  THR A O   1 
ATOM   245  C  CB  . THR A 1 30  ? 8.965   -9.463  -11.234 1.00 42.41  ? 29  THR A CB  1 
ATOM   246  O  OG1 . THR A 1 30  ? 8.483   -8.254  -11.830 1.00 35.16  ? 29  THR A OG1 1 
ATOM   247  C  CG2 . THR A 1 30  ? 9.508   -10.456 -12.240 1.00 36.18  ? 29  THR A CG2 1 
ATOM   248  N  N   . LYS A 1 31  ? 5.958   -8.657  -9.523  1.00 40.29  ? 30  LYS A N   1 
ATOM   249  C  CA  . LYS A 1 31  ? 5.350   -7.468  -8.868  1.00 36.51  ? 30  LYS A CA  1 
ATOM   250  C  C   . LYS A 1 31  ? 4.702   -7.854  -7.539  1.00 42.69  ? 30  LYS A C   1 
ATOM   251  O  O   . LYS A 1 31  ? 4.107   -8.971  -7.454  1.00 36.55  ? 30  LYS A O   1 
ATOM   252  C  CB  . LYS A 1 31  ? 4.275   -6.856  -9.752  1.00 38.72  ? 30  LYS A CB  1 
ATOM   253  C  CG  . LYS A 1 31  ? 4.778   -6.298  -11.067 1.00 42.75  ? 30  LYS A CG  1 
ATOM   254  C  CD  . LYS A 1 31  ? 6.085   -5.545  -10.931 1.00 46.47  ? 30  LYS A CD  1 
ATOM   255  C  CE  . LYS A 1 31  ? 6.758   -5.249  -12.260 1.00 44.41  ? 30  LYS A CE  1 
ATOM   256  N  NZ  . LYS A 1 31  ? 5.772   -4.918  -13.304 1.00 49.13  ? 30  LYS A NZ  1 
ATOM   257  N  N   . ILE A 1 32  ? 4.742   -6.943  -6.555  1.00 42.37  ? 31  ILE A N   1 
ATOM   258  C  CA  . ILE A 1 32  ? 4.031   -7.154  -5.259  1.00 43.34  ? 31  ILE A CA  1 
ATOM   259  C  C   . ILE A 1 32  ? 2.663   -6.475  -5.379  1.00 42.31  ? 31  ILE A C   1 
ATOM   260  O  O   . ILE A 1 32  ? 2.557   -5.319  -5.807  1.00 40.62  ? 31  ILE A O   1 
ATOM   261  C  CB  . ILE A 1 32  ? 4.878   -6.680  -4.054  1.00 43.91  ? 31  ILE A CB  1 
ATOM   262  C  CG1 . ILE A 1 32  ? 6.214   -7.437  -3.890  1.00 45.27  ? 31  ILE A CG1 1 
ATOM   263  C  CG2 . ILE A 1 32  ? 4.059   -6.741  -2.778  1.00 39.52  ? 31  ILE A CG2 1 
ATOM   264  C  CD1 . ILE A 1 32  ? 6.170   -8.970  -3.959  1.00 44.19  ? 31  ILE A CD1 1 
ATOM   265  N  N   . PRO A 1 33  ? 1.561   -7.206  -5.098  1.00 43.22  ? 32  PRO A N   1 
ATOM   266  C  CA  . PRO A 1 33  ? 0.212   -6.637  -5.121  1.00 42.68  ? 32  PRO A CA  1 
ATOM   267  C  C   . PRO A 1 33  ? -0.078  -5.802  -3.876  1.00 47.37  ? 32  PRO A C   1 
ATOM   268  O  O   . PRO A 1 33  ? -0.176  -6.380  -2.788  1.00 46.91  ? 32  PRO A O   1 
ATOM   269  C  CB  . PRO A 1 33  ? -0.710  -7.865  -5.157  1.00 41.23  ? 32  PRO A CB  1 
ATOM   270  C  CG  . PRO A 1 33  ? 0.088   -8.968  -4.500  1.00 42.92  ? 32  PRO A CG  1 
ATOM   271  C  CD  . PRO A 1 33  ? 1.533   -8.655  -4.823  1.00 47.46  ? 32  PRO A CD  1 
ATOM   272  N  N   . VAL A 1 34  ? -0.226  -4.488  -4.057  1.00 43.13  ? 33  VAL A N   1 
ATOM   273  C  CA  . VAL A 1 34  ? -0.334  -3.541  -2.912  1.00 44.53  ? 33  VAL A CA  1 
ATOM   274  C  C   . VAL A 1 34  ? -1.657  -2.776  -2.997  1.00 47.13  ? 33  VAL A C   1 
ATOM   275  O  O   . VAL A 1 34  ? -2.004  -2.203  -4.077  1.00 41.78  ? 33  VAL A O   1 
ATOM   276  C  CB  . VAL A 1 34  ? 0.884   -2.611  -2.826  1.00 43.05  ? 33  VAL A CB  1 
ATOM   277  C  CG1 . VAL A 1 34  ? 0.793   -1.676  -1.642  1.00 44.82  ? 33  VAL A CG1 1 
ATOM   278  C  CG2 . VAL A 1 34  ? 2.160   -3.406  -2.745  1.00 39.90  ? 33  VAL A CG2 1 
ATOM   279  N  N   . ILE A 1 35  ? -2.399  -2.822  -1.896  1.00 44.20  ? 34  ILE A N   1 
ATOM   280  C  CA  . ILE A 1 35  ? -3.565  -1.929  -1.687  1.00 47.21  ? 34  ILE A CA  1 
ATOM   281  C  C   . ILE A 1 35  ? -3.081  -0.731  -0.899  1.00 41.55  ? 34  ILE A C   1 
ATOM   282  O  O   . ILE A 1 35  ? -2.522  -0.947  0.176   1.00 44.71  ? 34  ILE A O   1 
ATOM   283  C  CB  . ILE A 1 35  ? -4.691  -2.644  -0.937  1.00 48.19  ? 34  ILE A CB  1 
ATOM   284  C  CG1 . ILE A 1 35  ? -5.069  -3.969  -1.608  1.00 49.51  ? 34  ILE A CG1 1 
ATOM   285  C  CG2 . ILE A 1 35  ? -5.868  -1.695  -0.796  1.00 51.94  ? 34  ILE A CG2 1 
ATOM   286  C  CD1 . ILE A 1 35  ? -5.488  -3.858  -3.064  1.00 48.28  ? 34  ILE A CD1 1 
ATOM   287  N  N   . ILE A 1 36  ? -3.347  0.470   -1.386  1.00 42.10  ? 35  ILE A N   1 
ATOM   288  C  CA  . ILE A 1 36  ? -2.964  1.711   -0.652  1.00 48.29  ? 35  ILE A CA  1 
ATOM   289  C  C   . ILE A 1 36  ? -4.199  2.590   -0.484  1.00 49.48  ? 35  ILE A C   1 
ATOM   290  O  O   . ILE A 1 36  ? -4.816  2.932   -1.476  1.00 46.81  ? 35  ILE A O   1 
ATOM   291  C  CB  . ILE A 1 36  ? -1.840  2.448   -1.378  1.00 51.06  ? 35  ILE A CB  1 
ATOM   292  C  CG1 . ILE A 1 36  ? -0.701  1.480   -1.733  1.00 52.62  ? 35  ILE A CG1 1 
ATOM   293  C  CG2 . ILE A 1 36  ? -1.388  3.622   -0.526  1.00 51.26  ? 35  ILE A CG2 1 
ATOM   294  C  CD1 . ILE A 1 36  ? 0.440   2.118   -2.517  1.00 52.41  ? 35  ILE A CD1 1 
ATOM   295  N  N   . GLU A 1 37  ? -4.549  2.907   0.756   1.00 53.38  ? 36  GLU A N   1 
ATOM   296  C  CA  . GLU A 1 37  ? -5.825  3.580   1.061   1.00 55.43  ? 36  GLU A CA  1 
ATOM   297  C  C   . GLU A 1 37  ? -5.520  4.817   1.893   1.00 49.36  ? 36  GLU A C   1 
ATOM   298  O  O   . GLU A 1 37  ? -4.620  4.786   2.695   1.00 47.08  ? 36  GLU A O   1 
ATOM   299  C  CB  . GLU A 1 37  ? -6.774  2.573   1.714   1.00 55.46  ? 36  GLU A CB  1 
ATOM   300  C  CG  . GLU A 1 37  ? -7.363  1.613   0.691   1.00 57.56  ? 36  GLU A CG  1 
ATOM   301  C  CD  . GLU A 1 37  ? -8.404  0.613   1.197   1.00 67.84  ? 36  GLU A CD  1 
ATOM   302  O  OE1 . GLU A 1 37  ? -8.136  -0.068  2.203   1.00 66.54  ? 36  GLU A OE1 1 
ATOM   303  O  OE2 . GLU A 1 37  ? -9.483  0.495   0.564   1.00 79.15  ? 36  GLU A OE2 1 
ATOM   304  N  N   . ARG A 1 38  ? -6.232  5.897   1.641   1.00 55.65  ? 37  ARG A N   1 
ATOM   305  C  CA  . ARG A 1 38  ? -6.220  7.044   2.559   1.00 52.32  ? 37  ARG A CA  1 
ATOM   306  C  C   . ARG A 1 38  ? -6.932  6.644   3.849   1.00 61.17  ? 37  ARG A C   1 
ATOM   307  O  O   . ARG A 1 38  ? -7.939  5.914   3.795   1.00 61.72  ? 37  ARG A O   1 
ATOM   308  C  CB  . ARG A 1 38  ? -6.896  8.252   1.931   1.00 55.17  ? 37  ARG A CB  1 
ATOM   309  C  CG  . ARG A 1 38  ? -6.635  9.502   2.748   1.00 61.23  ? 37  ARG A CG  1 
ATOM   310  C  CD  . ARG A 1 38  ? -7.137  10.757  2.093   1.00 71.18  ? 37  ARG A CD  1 
ATOM   311  N  NE  . ARG A 1 38  ? -8.584  10.843  2.034   1.00 77.53  ? 37  ARG A NE  1 
ATOM   312  C  CZ  . ARG A 1 38  ? -9.249  11.967  1.791   1.00 85.48  ? 37  ARG A CZ  1 
ATOM   313  N  NH1 . ARG A 1 38  ? -8.598  13.105  1.597   1.00 81.19  ? 37  ARG A NH1 1 
ATOM   314  N  NH2 . ARG A 1 38  ? -10.567 11.952  1.753   1.00 94.24  ? 37  ARG A NH2 1 
ATOM   315  N  N   . TYR A 1 39  ? -6.370  7.075   4.973   1.00 64.99  ? 38  TYR A N   1 
ATOM   316  C  CA  . TYR A 1 39  ? -6.970  6.972   6.318   1.00 66.98  ? 38  TYR A CA  1 
ATOM   317  C  C   . TYR A 1 39  ? -8.351  7.629   6.287   1.00 71.82  ? 38  TYR A C   1 
ATOM   318  O  O   . TYR A 1 39  ? -8.449  8.768   5.795   1.00 59.82  ? 38  TYR A O   1 
ATOM   319  C  CB  . TYR A 1 39  ? -6.051  7.659   7.318   1.00 76.24  ? 38  TYR A CB  1 
ATOM   320  C  CG  . TYR A 1 39  ? -6.581  7.698   8.724   1.00 85.39  ? 38  TYR A CG  1 
ATOM   321  C  CD1 . TYR A 1 39  ? -6.933  6.532   9.380   1.00 85.76  ? 38  TYR A CD1 1 
ATOM   322  C  CD2 . TYR A 1 39  ? -6.695  8.900   9.405   1.00 92.00  ? 38  TYR A CD2 1 
ATOM   323  C  CE1 . TYR A 1 39  ? -7.396  6.562   10.684  1.00 100.44 ? 38  TYR A CE1 1 
ATOM   324  C  CE2 . TYR A 1 39  ? -7.150  8.947   10.711  1.00 93.17  ? 38  TYR A CE2 1 
ATOM   325  C  CZ  . TYR A 1 39  ? -7.512  7.774   11.348  1.00 101.18 ? 38  TYR A CZ  1 
ATOM   326  O  OH  . TYR A 1 39  ? -7.975  7.815   12.630  1.00 115.08 ? 38  TYR A OH  1 
ATOM   327  N  N   . LYS A 1 40  ? -9.381  6.940   6.792   1.00 76.05  ? 39  LYS A N   1 
ATOM   328  C  CA  . LYS A 1 40  ? -10.794 7.376   6.657   1.00 73.38  ? 39  LYS A CA  1 
ATOM   329  C  C   . LYS A 1 40  ? -10.924 8.734   7.354   1.00 71.62  ? 39  LYS A C   1 
ATOM   330  O  O   . LYS A 1 40  ? -11.765 9.527   6.922   1.00 64.87  ? 39  LYS A O   1 
ATOM   331  C  CB  . LYS A 1 40  ? -11.748 6.324   7.225   1.00 82.48  ? 39  LYS A CB  1 
ATOM   332  C  CG  . LYS A 1 40  ? -11.655 6.130   8.734   1.00 99.25  ? 39  LYS A CG  1 
ATOM   333  C  CD  . LYS A 1 40  ? -12.540 5.022   9.280   1.00 111.69 ? 39  LYS A CD  1 
ATOM   334  C  CE  . LYS A 1 40  ? -14.024 5.251   9.053   1.00 120.68 ? 39  LYS A CE  1 
ATOM   335  N  NZ  . LYS A 1 40  ? -14.511 6.507   9.676   1.00 121.33 ? 39  LYS A NZ  1 
ATOM   336  N  N   . GLY A 1 41  ? -10.065 9.006   8.345   1.00 72.90  ? 40  GLY A N   1 
ATOM   337  C  CA  . GLY A 1 41  ? -9.991  10.300  9.052   1.00 71.46  ? 40  GLY A CA  1 
ATOM   338  C  C   . GLY A 1 41  ? -9.340  11.431  8.258   1.00 78.55  ? 40  GLY A C   1 
ATOM   339  O  O   . GLY A 1 41  ? -9.672  12.595  8.536   1.00 83.56  ? 40  GLY A O   1 
ATOM   340  N  N   . GLU A 1 42  ? -8.444  11.146  7.310   1.00 82.73  ? 41  GLU A N   1 
ATOM   341  C  CA  . GLU A 1 42  ? -7.520  12.167  6.731   1.00 80.76  ? 41  GLU A CA  1 
ATOM   342  C  C   . GLU A 1 42  ? -8.269  13.420  6.236   1.00 82.66  ? 41  GLU A C   1 
ATOM   343  O  O   . GLU A 1 42  ? -9.296  13.277  5.549   1.00 76.57  ? 41  GLU A O   1 
ATOM   344  C  CB  . GLU A 1 42  ? -6.702  11.572  5.586   1.00 80.50  ? 41  GLU A CB  1 
ATOM   345  C  CG  . GLU A 1 42  ? -5.720  12.555  4.965   1.00 72.03  ? 41  GLU A CG  1 
ATOM   346  C  CD  . GLU A 1 42  ? -4.674  13.114  5.910   1.00 70.59  ? 41  GLU A CD  1 
ATOM   347  O  OE1 . GLU A 1 42  ? -4.363  12.448  6.926   1.00 73.14  ? 41  GLU A OE1 1 
ATOM   348  O  OE2 . GLU A 1 42  ? -4.138  14.204  5.607   1.00 70.37  ? 41  GLU A OE2 1 
ATOM   349  N  N   . LYS A 1 43  ? -7.706  14.601  6.526   1.00 87.27  ? 42  LYS A N   1 
ATOM   350  C  CA  . LYS A 1 43  ? -8.255  15.932  6.164   1.00 98.03  ? 42  LYS A CA  1 
ATOM   351  C  C   . LYS A 1 43  ? -7.355  16.635  5.139   1.00 95.61  ? 42  LYS A C   1 
ATOM   352  O  O   . LYS A 1 43  ? -7.915  17.255  4.218   1.00 102.41 ? 42  LYS A O   1 
ATOM   353  C  CB  . LYS A 1 43  ? -8.454  16.771  7.431   1.00 110.29 ? 42  LYS A CB  1 
ATOM   354  C  CG  . LYS A 1 43  ? -9.594  16.297  8.328   1.00 129.15 ? 42  LYS A CG  1 
ATOM   355  C  CD  . LYS A 1 43  ? -10.842 15.851  7.556   1.00 145.00 ? 42  LYS A CD  1 
ATOM   356  C  CE  . LYS A 1 43  ? -12.100 15.751  8.397   1.00 150.45 ? 42  LYS A CE  1 
ATOM   357  N  NZ  . LYS A 1 43  ? -13.317 15.607  7.559   1.00 156.73 ? 42  LYS A NZ  1 
ATOM   358  N  N   . GLN A 1 44  ? -6.028  16.540  5.268   1.00 86.72  ? 43  GLN A N   1 
ATOM   359  C  CA  . GLN A 1 44  ? -5.072  17.330  4.441   1.00 87.00  ? 43  GLN A CA  1 
ATOM   360  C  C   . GLN A 1 44  ? -4.840  16.648  3.073   1.00 85.98  ? 43  GLN A C   1 
ATOM   361  O  O   . GLN A 1 44  ? -5.070  17.312  2.050   1.00 90.86  ? 43  GLN A O   1 
ATOM   362  C  CB  . GLN A 1 44  ? -3.776  17.583  5.222   1.00 99.67  ? 43  GLN A CB  1 
ATOM   363  C  CG  . GLN A 1 44  ? -3.994  18.046  6.663   1.00 116.91 ? 43  GLN A CG  1 
ATOM   364  C  CD  . GLN A 1 44  ? -4.963  19.199  6.798   1.00 130.17 ? 43  GLN A CD  1 
ATOM   365  O  OE1 . GLN A 1 44  ? -4.922  20.168  6.039   1.00 141.53 ? 43  GLN A OE1 1 
ATOM   366  N  NE2 . GLN A 1 44  ? -5.848  19.110  7.779   1.00 136.42 ? 43  GLN A NE2 1 
ATOM   367  N  N   . LEU A 1 45  ? -4.418  15.379  3.017   1.00 72.38  ? 44  LEU A N   1 
ATOM   368  C  CA  . LEU A 1 45  ? -3.884  14.745  1.775   1.00 65.30  ? 44  LEU A CA  1 
ATOM   369  C  C   . LEU A 1 45  ? -5.028  14.367  0.829   1.00 64.67  ? 44  LEU A C   1 
ATOM   370  O  O   . LEU A 1 45  ? -6.103  13.972  1.278   1.00 67.66  ? 44  LEU A O   1 
ATOM   371  C  CB  . LEU A 1 45  ? -3.066  13.507  2.161   1.00 67.58  ? 44  LEU A CB  1 
ATOM   372  C  CG  . LEU A 1 45  ? -1.891  13.735  3.112   1.00 74.08  ? 44  LEU A CG  1 
ATOM   373  C  CD1 . LEU A 1 45  ? -1.257  12.406  3.514   1.00 72.71  ? 44  LEU A CD1 1 
ATOM   374  C  CD2 . LEU A 1 45  ? -0.854  14.668  2.492   1.00 75.50  ? 44  LEU A CD2 1 
ATOM   375  N  N   . PRO A 1 46  ? -4.842  14.422  -0.515  1.00 58.34  ? 45  PRO A N   1 
ATOM   376  C  CA  . PRO A 1 46  ? -5.861  13.951  -1.452  1.00 58.47  ? 45  PRO A CA  1 
ATOM   377  C  C   . PRO A 1 46  ? -5.948  12.422  -1.474  1.00 62.70  ? 45  PRO A C   1 
ATOM   378  O  O   . PRO A 1 46  ? -5.112  11.763  -0.885  1.00 62.44  ? 45  PRO A O   1 
ATOM   379  C  CB  . PRO A 1 46  ? -5.400  14.423  -2.845  1.00 61.35  ? 45  PRO A CB  1 
ATOM   380  C  CG  . PRO A 1 46  ? -3.909  14.667  -2.685  1.00 63.03  ? 45  PRO A CG  1 
ATOM   381  C  CD  . PRO A 1 46  ? -3.657  14.945  -1.209  1.00 61.42  ? 45  PRO A CD  1 
ATOM   382  N  N   . VAL A 1 47  ? -6.966  11.904  -2.152  1.00 63.96  ? 46  VAL A N   1 
ATOM   383  C  CA  . VAL A 1 47  ? -7.066  10.454  -2.450  1.00 66.78  ? 46  VAL A CA  1 
ATOM   384  C  C   . VAL A 1 47  ? -6.274  10.182  -3.728  1.00 63.76  ? 46  VAL A C   1 
ATOM   385  O  O   . VAL A 1 47  ? -6.129  11.103  -4.547  1.00 54.84  ? 46  VAL A O   1 
ATOM   386  C  CB  . VAL A 1 47  ? -8.515  9.964   -2.582  1.00 65.24  ? 46  VAL A CB  1 
ATOM   387  C  CG1 . VAL A 1 47  ? -9.242  10.077  -1.257  1.00 69.25  ? 46  VAL A CG1 1 
ATOM   388  C  CG2 . VAL A 1 47  ? -9.258  10.669  -3.706  1.00 70.31  ? 46  VAL A CG2 1 
ATOM   389  N  N   . LEU A 1 48  ? -5.790  8.946   -3.831  1.00 58.40  ? 47  LEU A N   1 
ATOM   390  C  CA  . LEU A 1 48  ? -5.052  8.390   -4.983  1.00 60.73  ? 47  LEU A CA  1 
ATOM   391  C  C   . LEU A 1 48  ? -6.020  8.207   -6.150  1.00 60.70  ? 47  LEU A C   1 
ATOM   392  O  O   . LEU A 1 48  ? -7.223  7.982   -5.929  1.00 57.77  ? 47  LEU A O   1 
ATOM   393  C  CB  . LEU A 1 48  ? -4.450  7.037   -4.581  1.00 62.85  ? 47  LEU A CB  1 
ATOM   394  C  CG  . LEU A 1 48  ? -3.260  7.054   -3.623  1.00 57.57  ? 47  LEU A CG  1 
ATOM   395  C  CD1 . LEU A 1 48  ? -2.917  5.636   -3.217  1.00 64.16  ? 47  LEU A CD1 1 
ATOM   396  C  CD2 . LEU A 1 48  ? -2.043  7.707   -4.247  1.00 59.60  ? 47  LEU A CD2 1 
ATOM   397  N  N   . ASP A 1 49  ? -5.485  8.248   -7.358  1.00 59.53  ? 48  ASP A N   1 
ATOM   398  C  CA  . ASP A 1 49  ? -6.262  7.977   -8.588  1.00 60.77  ? 48  ASP A CA  1 
ATOM   399  C  C   . ASP A 1 49  ? -6.715  6.516   -8.582  1.00 58.32  ? 48  ASP A C   1 
ATOM   400  O  O   . ASP A 1 49  ? -7.709  6.238   -9.231  1.00 60.92  ? 48  ASP A O   1 
ATOM   401  C  CB  . ASP A 1 49  ? -5.442  8.321   -9.830  1.00 53.64  ? 48  ASP A CB  1 
ATOM   402  C  CG  . ASP A 1 49  ? -4.119  7.580   -9.827  1.00 62.01  ? 48  ASP A CG  1 
ATOM   403  O  OD1 . ASP A 1 49  ? -3.984  6.665   -10.667 1.00 66.55  ? 48  ASP A OD1 1 
ATOM   404  O  OD2 . ASP A 1 49  ? -3.239  7.917   -8.982  1.00 60.00  ? 48  ASP A OD2 1 
ATOM   405  N  N   . LYS A 1 50  ? -5.993  5.607   -7.920  1.00 57.05  ? 49  LYS A N   1 
ATOM   406  C  CA  . LYS A 1 50  ? -6.382  4.170   -7.882  1.00 57.91  ? 49  LYS A CA  1 
ATOM   407  C  C   . LYS A 1 50  ? -6.096  3.611   -6.484  1.00 55.07  ? 49  LYS A C   1 
ATOM   408  O  O   . LYS A 1 50  ? -5.630  4.380   -5.617  1.00 55.68  ? 49  LYS A O   1 
ATOM   409  C  CB  . LYS A 1 50  ? -5.694  3.400   -9.018  1.00 55.85  ? 49  LYS A CB  1 
ATOM   410  C  CG  . LYS A 1 50  ? -4.207  3.113   -8.857  1.00 59.49  ? 49  LYS A CG  1 
ATOM   411  C  CD  . LYS A 1 50  ? -3.596  2.429   -10.083 1.00 66.50  ? 49  LYS A CD  1 
ATOM   412  C  CE  . LYS A 1 50  ? -2.137  2.045   -9.908  1.00 62.99  ? 49  LYS A CE  1 
ATOM   413  N  NZ  . LYS A 1 50  ? -1.760  0.943   -10.818 1.00 63.90  ? 49  LYS A NZ  1 
ATOM   414  N  N   A THR A 1 51  ? -6.356  2.316   -6.265  0.06 53.73  ? 50  THR A N   1 
ATOM   415  N  N   B THR A 1 51  ? -6.385  2.312   -6.304  0.45 55.49  ? 50  THR A N   1 
ATOM   416  C  CA  A THR A 1 51  ? -6.156  1.633   -4.956  0.06 52.47  ? 50  THR A CA  1 
ATOM   417  C  CA  B THR A 1 51  ? -6.303  1.549   -5.027  0.45 56.10  ? 50  THR A CA  1 
ATOM   418  C  C   A THR A 1 51  ? -5.159  0.472   -5.088  0.06 51.21  ? 50  THR A C   1 
ATOM   419  C  C   B THR A 1 51  ? -5.195  0.483   -5.105  0.45 52.59  ? 50  THR A C   1 
ATOM   420  O  O   A THR A 1 51  ? -4.350  0.303   -4.153  0.06 51.04  ? 50  THR A O   1 
ATOM   421  O  O   B THR A 1 51  ? -4.373  0.383   -4.165  0.45 52.16  ? 50  THR A O   1 
ATOM   422  C  CB  A THR A 1 51  ? -7.498  1.197   -4.353  0.06 52.03  ? 50  THR A CB  1 
ATOM   423  C  CB  B THR A 1 51  ? -7.643  0.867   -4.721  0.45 56.40  ? 50  THR A CB  1 
ATOM   424  O  OG1 A THR A 1 51  ? -7.249  0.674   -3.047  0.06 51.53  ? 50  THR A OG1 1 
ATOM   425  O  OG1 B THR A 1 51  ? -8.693  1.836   -4.736  0.45 61.82  ? 50  THR A OG1 1 
ATOM   426  C  CG2 A THR A 1 51  ? -8.226  0.168   -5.187  0.06 52.00  ? 50  THR A CG2 1 
ATOM   427  C  CG2 B THR A 1 51  ? -7.645  0.157   -3.385  0.45 56.83  ? 50  THR A CG2 1 
ATOM   428  N  N   . LYS A 1 52  ? -5.202  -0.290  -6.188  1.00 49.91  ? 51  LYS A N   1 
ATOM   429  C  CA  . LYS A 1 52  ? -4.335  -1.470  -6.385  1.00 48.23  ? 51  LYS A CA  1 
ATOM   430  C  C   . LYS A 1 52  ? -3.085  -1.132  -7.215  1.00 53.93  ? 51  LYS A C   1 
ATOM   431  O  O   . LYS A 1 52  ? -3.244  -0.693  -8.381  1.00 48.24  ? 51  LYS A O   1 
ATOM   432  C  CB  . LYS A 1 52  ? -5.211  -2.502  -7.080  1.00 51.37  ? 51  LYS A CB  1 
ATOM   433  C  CG  . LYS A 1 52  ? -4.550  -3.843  -7.269  1.00 54.77  ? 51  LYS A CG  1 
ATOM   434  C  CD  . LYS A 1 52  ? -5.499  -4.805  -7.868  1.00 61.43  ? 51  LYS A CD  1 
ATOM   435  C  CE  . LYS A 1 52  ? -5.784  -4.494  -9.319  1.00 71.61  ? 51  LYS A CE  1 
ATOM   436  N  NZ  . LYS A 1 52  ? -6.422  -5.658  -9.970  1.00 76.47  ? 51  LYS A NZ  1 
ATOM   437  N  N   . PHE A 1 53  ? -1.898  -1.374  -6.636  1.00 48.04  ? 52  PHE A N   1 
ATOM   438  C  CA  . PHE A 1 53  ? -0.569  -1.079  -7.217  1.00 45.63  ? 52  PHE A CA  1 
ATOM   439  C  C   . PHE A 1 53  ? 0.216   -2.379  -7.406  1.00 47.22  ? 52  PHE A C   1 
ATOM   440  O  O   . PHE A 1 53  ? 0.183   -3.264  -6.539  1.00 42.30  ? 52  PHE A O   1 
ATOM   441  C  CB  . PHE A 1 53  ? 0.161   -0.126  -6.285  1.00 43.83  ? 52  PHE A CB  1 
ATOM   442  C  CG  . PHE A 1 53  ? -0.498  1.216   -6.254  1.00 48.27  ? 52  PHE A CG  1 
ATOM   443  C  CD1 . PHE A 1 53  ? -1.587  1.436   -5.438  1.00 51.32  ? 52  PHE A CD1 1 
ATOM   444  C  CD2 . PHE A 1 53  ? -0.105  2.212   -7.127  1.00 60.06  ? 52  PHE A CD2 1 
ATOM   445  C  CE1 . PHE A 1 53  ? -2.225  2.666   -5.426  1.00 56.44  ? 52  PHE A CE1 1 
ATOM   446  C  CE2 . PHE A 1 53  ? -0.759  3.436   -7.135  1.00 66.45  ? 52  PHE A CE2 1 
ATOM   447  C  CZ  . PHE A 1 53  ? -1.822  3.658   -6.280  1.00 55.53  ? 52  PHE A CZ  1 
ATOM   448  N  N   . LEU A 1 54  ? 0.923   -2.486  -8.522  1.00 48.06  ? 53  LEU A N   1 
ATOM   449  C  CA  . LEU A 1 54  ? 1.905   -3.567  -8.741  1.00 47.85  ? 53  LEU A CA  1 
ATOM   450  C  C   . LEU A 1 54  ? 3.304   -2.988  -8.527  1.00 43.77  ? 53  LEU A C   1 
ATOM   451  O  O   . LEU A 1 54  ? 3.833   -2.260  -9.388  1.00 48.22  ? 53  LEU A O   1 
ATOM   452  C  CB  . LEU A 1 54  ? 1.687   -4.158  -10.131 1.00 50.46  ? 53  LEU A CB  1 
ATOM   453  C  CG  . LEU A 1 54  ? 0.266   -4.637  -10.421 1.00 53.48  ? 53  LEU A CG  1 
ATOM   454  C  CD1 . LEU A 1 54  ? 0.264   -5.473  -11.685 1.00 59.94  ? 53  LEU A CD1 1 
ATOM   455  C  CD2 . LEU A 1 54  ? -0.308  -5.434  -9.264  1.00 54.39  ? 53  LEU A CD2 1 
ATOM   456  N  N   . VAL A 1 55  ? 3.894   -3.277  -7.381  1.00 41.15  ? 54  VAL A N   1 
ATOM   457  C  CA  . VAL A 1 55  ? 5.211   -2.689  -7.031  1.00 43.17  ? 54  VAL A CA  1 
ATOM   458  C  C   . VAL A 1 55  ? 6.310   -3.702  -7.366  1.00 43.47  ? 54  VAL A C   1 
ATOM   459  O  O   . VAL A 1 55  ? 6.242   -4.846  -6.946  1.00 48.70  ? 54  VAL A O   1 
ATOM   460  C  CB  . VAL A 1 55  ? 5.232   -2.210  -5.573  1.00 42.78  ? 54  VAL A CB  1 
ATOM   461  C  CG1 . VAL A 1 55  ? 6.560   -1.558  -5.230  1.00 40.65  ? 54  VAL A CG1 1 
ATOM   462  C  CG2 . VAL A 1 55  ? 4.072   -1.257  -5.292  1.00 47.95  ? 54  VAL A CG2 1 
ATOM   463  N  N   . PRO A 1 56  ? 7.320   -3.306  -8.176  1.00 45.24  ? 55  PRO A N   1 
ATOM   464  C  CA  . PRO A 1 56  ? 8.491   -4.136  -8.434  1.00 44.55  ? 55  PRO A CA  1 
ATOM   465  C  C   . PRO A 1 56  ? 9.046   -4.631  -7.107  1.00 42.77  ? 55  PRO A C   1 
ATOM   466  O  O   . PRO A 1 56  ? 9.213   -3.845  -6.207  1.00 41.90  ? 55  PRO A O   1 
ATOM   467  C  CB  . PRO A 1 56  ? 9.505   -3.208  -9.104  1.00 42.18  ? 55  PRO A CB  1 
ATOM   468  C  CG  . PRO A 1 56  ? 8.616   -2.164  -9.765  1.00 49.75  ? 55  PRO A CG  1 
ATOM   469  C  CD  . PRO A 1 56  ? 7.426   -1.993  -8.841  1.00 47.56  ? 55  PRO A CD  1 
ATOM   470  N  N   . ASP A 1 57  ? 9.327   -5.923  -7.044  1.00 45.11  ? 56  ASP A N   1 
ATOM   471  C  CA  . ASP A 1 57  ? 9.583   -6.632  -5.773  1.00 43.96  ? 56  ASP A CA  1 
ATOM   472  C  C   . ASP A 1 57  ? 10.965  -6.268  -5.208  1.00 43.29  ? 56  ASP A C   1 
ATOM   473  O  O   . ASP A 1 57  ? 11.191  -6.617  -4.041  1.00 40.83  ? 56  ASP A O   1 
ATOM   474  C  CB  . ASP A 1 57  ? 9.331   -8.130  -5.933  1.00 45.80  ? 56  ASP A CB  1 
ATOM   475  C  CG  . ASP A 1 57  ? 10.482  -8.949  -6.476  1.00 46.19  ? 56  ASP A CG  1 
ATOM   476  O  OD1 . ASP A 1 57  ? 11.306  -8.386  -7.215  1.00 43.59  ? 56  ASP A OD1 1 
ATOM   477  O  OD2 . ASP A 1 57  ? 10.519  -10.150 -6.140  1.00 42.63  ? 56  ASP A OD2 1 
ATOM   478  N  N   . HIS A 1 58  ? 11.788  -5.510  -5.938  1.00 40.64  ? 57  HIS A N   1 
ATOM   479  C  CA  . HIS A 1 58  ? 13.146  -5.086  -5.508  1.00 46.93  ? 57  HIS A CA  1 
ATOM   480  C  C   . HIS A 1 58  ? 13.179  -3.708  -4.826  1.00 46.89  ? 57  HIS A C   1 
ATOM   481  O  O   . HIS A 1 58  ? 14.189  -3.438  -4.135  1.00 49.68  ? 57  HIS A O   1 
ATOM   482  C  CB  . HIS A 1 58  ? 14.134  -5.101  -6.686  1.00 52.06  ? 57  HIS A CB  1 
ATOM   483  C  CG  . HIS A 1 58  ? 13.710  -4.241  -7.813  1.00 51.35  ? 57  HIS A CG  1 
ATOM   484  N  ND1 . HIS A 1 58  ? 14.033  -2.905  -7.864  1.00 61.32  ? 57  HIS A ND1 1 
ATOM   485  C  CD2 . HIS A 1 58  ? 12.965  -4.512  -8.900  1.00 59.30  ? 57  HIS A CD2 1 
ATOM   486  C  CE1 . HIS A 1 58  ? 13.519  -2.377  -8.954  1.00 62.94  ? 57  HIS A CE1 1 
ATOM   487  N  NE2 . HIS A 1 58  ? 12.855  -3.341  -9.604  1.00 73.58  ? 57  HIS A NE2 1 
ATOM   488  N  N   . VAL A 1 59  ? 12.165  -2.854  -4.947  1.00 43.12  ? 58  VAL A N   1 
ATOM   489  C  CA  . VAL A 1 59  ? 12.255  -1.522  -4.272  1.00 46.15  ? 58  VAL A CA  1 
ATOM   490  C  C   . VAL A 1 59  ? 12.087  -1.705  -2.751  1.00 47.70  ? 58  VAL A C   1 
ATOM   491  O  O   . VAL A 1 59  ? 11.301  -2.564  -2.320  1.00 50.69  ? 58  VAL A O   1 
ATOM   492  C  CB  . VAL A 1 59  ? 11.267  -0.499  -4.867  1.00 47.39  ? 58  VAL A CB  1 
ATOM   493  C  CG1 . VAL A 1 59  ? 11.327  -0.483  -6.393  1.00 47.74  ? 58  VAL A CG1 1 
ATOM   494  C  CG2 . VAL A 1 59  ? 9.855   -0.733  -4.395  1.00 46.81  ? 58  VAL A CG2 1 
ATOM   495  N  N   . ASN A 1 60  ? 12.807  -0.923  -1.954  1.00 47.86  ? 59  ASN A N   1 
ATOM   496  C  CA  . ASN A 1 60  ? 12.604  -0.857  -0.488  1.00 44.96  ? 59  ASN A CA  1 
ATOM   497  C  C   . ASN A 1 60  ? 11.536  0.195   -0.164  1.00 45.40  ? 59  ASN A C   1 
ATOM   498  O  O   . ASN A 1 60  ? 11.095  0.913   -1.092  1.00 36.71  ? 59  ASN A O   1 
ATOM   499  C  CB  . ASN A 1 60  ? 13.908  -0.558  0.230   1.00 46.66  ? 59  ASN A CB  1 
ATOM   500  C  CG  . ASN A 1 60  ? 14.445  0.810   -0.117  1.00 49.19  ? 59  ASN A CG  1 
ATOM   501  O  OD1 . ASN A 1 60  ? 13.720  1.667   -0.600  1.00 55.04  ? 59  ASN A OD1 1 
ATOM   502  N  ND2 . ASN A 1 60  ? 15.704  1.043   0.182   1.00 54.97  ? 59  ASN A ND2 1 
ATOM   503  N  N   . MET A 1 61  ? 11.087  0.218   1.097   1.00 41.41  ? 60  MET A N   1 
ATOM   504  C  CA  . MET A 1 61  ? 9.898   0.983   1.537   1.00 49.69  ? 60  MET A CA  1 
ATOM   505  C  C   . MET A 1 61  ? 10.149  2.486   1.363   1.00 49.04  ? 60  MET A C   1 
ATOM   506  O  O   . MET A 1 61  ? 9.196   3.244   1.080   1.00 50.53  ? 60  MET A O   1 
ATOM   507  C  CB  . MET A 1 61  ? 9.593   0.677   3.006   1.00 54.86  ? 60  MET A CB  1 
ATOM   508  C  CG  . MET A 1 61  ? 9.183   -0.749  3.247   1.00 54.01  ? 60  MET A CG  1 
ATOM   509  S  SD  . MET A 1 61  ? 7.772   -1.200  2.232   1.00 56.25  ? 60  MET A SD  1 
ATOM   510  C  CE  . MET A 1 61  ? 6.573   0.017   2.767   1.00 52.78  ? 60  MET A CE  1 
ATOM   511  N  N   A SER A 1 62  ? 11.399  2.910   1.555   0.47 49.36  ? 61  SER A N   1 
ATOM   512  N  N   B SER A 1 62  ? 11.406  2.908   1.536   0.04 48.70  ? 61  SER A N   1 
ATOM   513  C  CA  A SER A 1 62  ? 11.868  4.298   1.313   0.47 54.04  ? 61  SER A CA  1 
ATOM   514  C  CA  B SER A 1 62  ? 11.872  4.303   1.324   0.04 48.50  ? 61  SER A CA  1 
ATOM   515  C  C   A SER A 1 62  ? 11.484  4.728   -0.112  0.47 51.86  ? 61  SER A C   1 
ATOM   516  C  C   B SER A 1 62  ? 11.534  4.748   -0.105  0.04 47.84  ? 61  SER A C   1 
ATOM   517  O  O   A SER A 1 62  ? 10.878  5.816   -0.287  0.47 52.56  ? 61  SER A O   1 
ATOM   518  O  O   B SER A 1 62  ? 11.029  5.876   -0.263  0.04 47.65  ? 61  SER A O   1 
ATOM   519  C  CB  A SER A 1 62  ? 13.356  4.380   1.539   0.47 56.89  ? 61  SER A CB  1 
ATOM   520  C  CB  B SER A 1 62  ? 13.346  4.437   1.606   0.04 48.81  ? 61  SER A CB  1 
ATOM   521  O  OG  A SER A 1 62  ? 13.802  5.725   1.525   0.47 56.38  ? 61  SER A OG  1 
ATOM   522  O  OG  B SER A 1 62  ? 14.116  3.930   0.527   0.04 48.79  ? 61  SER A OG  1 
ATOM   523  N  N   . GLU A 1 63  ? 11.794  3.888   -1.099  1.00 45.73  ? 62  GLU A N   1 
ATOM   524  C  CA  . GLU A 1 63  ? 11.471  4.192   -2.519  1.00 47.87  ? 62  GLU A CA  1 
ATOM   525  C  C   . GLU A 1 63  ? 9.947   4.171   -2.703  1.00 46.32  ? 62  GLU A C   1 
ATOM   526  O  O   . GLU A 1 63  ? 9.455   5.020   -3.421  1.00 39.96  ? 62  GLU A O   1 
ATOM   527  C  CB  . GLU A 1 63  ? 12.230  3.260   -3.457  1.00 47.59  ? 62  GLU A CB  1 
ATOM   528  C  CG  . GLU A 1 63  ? 11.993  3.573   -4.918  1.00 55.65  ? 62  GLU A CG  1 
ATOM   529  C  CD  . GLU A 1 63  ? 12.125  5.032   -5.333  1.00 54.42  ? 62  GLU A CD  1 
ATOM   530  O  OE1 . GLU A 1 63  ? 12.869  5.782   -4.670  1.00 60.47  ? 62  GLU A OE1 1 
ATOM   531  O  OE2 . GLU A 1 63  ? 11.471  5.420   -6.316  1.00 54.88  ? 62  GLU A OE2 1 
ATOM   532  N  N   . LEU A 1 64  ? 9.207   3.295   -2.013  1.00 48.79  ? 63  LEU A N   1 
ATOM   533  C  CA  . LEU A 1 64  ? 7.734   3.241   -2.167  1.00 45.26  ? 63  LEU A CA  1 
ATOM   534  C  C   . LEU A 1 64  ? 7.114   4.524   -1.619  1.00 44.35  ? 63  LEU A C   1 
ATOM   535  O  O   . LEU A 1 64  ? 6.114   5.006   -2.187  1.00 47.05  ? 63  LEU A O   1 
ATOM   536  C  CB  . LEU A 1 64  ? 7.135   2.013   -1.477  1.00 45.46  ? 63  LEU A CB  1 
ATOM   537  C  CG  . LEU A 1 64  ? 5.640   1.820   -1.707  1.00 45.14  ? 63  LEU A CG  1 
ATOM   538  C  CD1 . LEU A 1 64  ? 5.299   1.751   -3.191  1.00 47.35  ? 63  LEU A CD1 1 
ATOM   539  C  CD2 . LEU A 1 64  ? 5.130   0.581   -0.991  1.00 46.55  ? 63  LEU A CD2 1 
ATOM   540  N  N   . ILE A 1 65  ? 7.680   5.075   -0.563  1.00 50.49  ? 64  ILE A N   1 
ATOM   541  C  CA  . ILE A 1 65  ? 7.141   6.326   0.041   1.00 49.88  ? 64  ILE A CA  1 
ATOM   542  C  C   . ILE A 1 65  ? 7.323   7.465   -0.965  1.00 47.93  ? 64  ILE A C   1 
ATOM   543  O  O   . ILE A 1 65  ? 6.405   8.311   -1.090  1.00 44.54  ? 64  ILE A O   1 
ATOM   544  C  CB  . ILE A 1 65  ? 7.822   6.614   1.396   1.00 51.39  ? 64  ILE A CB  1 
ATOM   545  C  CG1 . ILE A 1 65  ? 7.437   5.570   2.450   1.00 54.21  ? 64  ILE A CG1 1 
ATOM   546  C  CG2 . ILE A 1 65  ? 7.486   8.026   1.870   1.00 55.44  ? 64  ILE A CG2 1 
ATOM   547  C  CD1 . ILE A 1 65  ? 8.434   5.449   3.566   1.00 53.90  ? 64  ILE A CD1 1 
ATOM   548  N  N   . LYS A 1 66  ? 8.481   7.505   -1.627  1.00 46.17  ? 65  LYS A N   1 
ATOM   549  C  CA  . LYS A 1 66  ? 8.795   8.527   -2.660  1.00 48.78  ? 65  LYS A CA  1 
ATOM   550  C  C   . LYS A 1 66  ? 7.851   8.407   -3.851  1.00 50.43  ? 65  LYS A C   1 
ATOM   551  O  O   . LYS A 1 66  ? 7.350   9.446   -4.338  1.00 42.31  ? 65  LYS A O   1 
ATOM   552  C  CB  . LYS A 1 66  ? 10.244  8.355   -3.088  1.00 54.55  ? 65  LYS A CB  1 
ATOM   553  C  CG  . LYS A 1 66  ? 11.180  8.770   -1.974  1.00 56.68  ? 65  LYS A CG  1 
ATOM   554  C  CD  . LYS A 1 66  ? 12.625  8.697   -2.322  1.00 65.06  ? 65  LYS A CD  1 
ATOM   555  C  CE  . LYS A 1 66  ? 13.481  8.828   -1.081  1.00 73.67  ? 65  LYS A CE  1 
ATOM   556  N  NZ  . LYS A 1 66  ? 14.882  9.158   -1.424  1.00 88.03  ? 65  LYS A NZ  1 
ATOM   557  N  N   . ILE A 1 67  ? 7.623   7.175   -4.294  1.00 44.52  ? 66  ILE A N   1 
ATOM   558  C  CA  . ILE A 1 67  ? 6.683   6.875   -5.399  1.00 43.46  ? 66  ILE A CA  1 
ATOM   559  C  C   . ILE A 1 67  ? 5.297   7.453   -5.098  1.00 44.65  ? 66  ILE A C   1 
ATOM   560  O  O   . ILE A 1 67  ? 4.715   8.131   -5.978  1.00 41.85  ? 66  ILE A O   1 
ATOM   561  C  CB  . ILE A 1 67  ? 6.607   5.362   -5.615  1.00 41.78  ? 66  ILE A CB  1 
ATOM   562  C  CG1 . ILE A 1 67  ? 7.909   4.810   -6.192  1.00 46.68  ? 66  ILE A CG1 1 
ATOM   563  C  CG2 . ILE A 1 67  ? 5.415   5.020   -6.485  1.00 43.98  ? 66  ILE A CG2 1 
ATOM   564  C  CD1 . ILE A 1 67  ? 7.997   3.309   -6.172  1.00 48.30  ? 66  ILE A CD1 1 
ATOM   565  N  N   A ILE A 1 68  ? 4.769   7.179   -3.898  0.17 45.34  ? 67  ILE A N   1 
ATOM   566  N  N   B ILE A 1 68  ? 4.775   7.166   -3.898  0.34 44.43  ? 67  ILE A N   1 
ATOM   567  C  CA  A ILE A 1 68  ? 3.374   7.527   -3.495  0.17 46.17  ? 67  ILE A CA  1 
ATOM   568  C  CA  B ILE A 1 68  ? 3.389   7.519   -3.468  0.34 44.30  ? 67  ILE A CA  1 
ATOM   569  C  C   A ILE A 1 68  ? 3.264   9.039   -3.248  0.17 47.08  ? 67  ILE A C   1 
ATOM   570  C  C   B ILE A 1 68  ? 3.280   9.037   -3.272  0.34 46.75  ? 67  ILE A C   1 
ATOM   571  O  O   A ILE A 1 68  ? 2.204   9.605   -3.575  0.17 47.95  ? 67  ILE A O   1 
ATOM   572  O  O   B ILE A 1 68  ? 2.237   9.605   -3.650  0.34 48.74  ? 67  ILE A O   1 
ATOM   573  C  CB  A ILE A 1 68  ? 2.934   6.708   -2.266  0.17 48.73  ? 67  ILE A CB  1 
ATOM   574  C  CB  B ILE A 1 68  ? 3.007   6.761   -2.183  0.34 47.29  ? 67  ILE A CB  1 
ATOM   575  C  CG1 A ILE A 1 68  ? 2.811   5.219   -2.597  0.17 49.62  ? 67  ILE A CG1 1 
ATOM   576  C  CG1 B ILE A 1 68  ? 2.935   5.248   -2.404  0.34 46.66  ? 67  ILE A CG1 1 
ATOM   577  C  CG2 A ILE A 1 68  ? 1.643   7.263   -1.687  0.17 48.35  ? 67  ILE A CG2 1 
ATOM   578  C  CG2 B ILE A 1 68  ? 1.705   7.307   -1.625  0.34 46.70  ? 67  ILE A CG2 1 
ATOM   579  C  CD1 A ILE A 1 68  ? 2.237   4.939   -3.969  0.17 50.68  ? 67  ILE A CD1 1 
ATOM   580  C  CD1 B ILE A 1 68  ? 2.979   4.443   -1.126  0.34 45.83  ? 67  ILE A CD1 1 
ATOM   581  N  N   . ARG A 1 69  ? 4.308   9.662   -2.688  1.00 46.80  ? 68  ARG A N   1 
ATOM   582  C  CA  . ARG A 1 69  ? 4.386   11.143  -2.547  1.00 46.47  ? 68  ARG A CA  1 
ATOM   583  C  C   . ARG A 1 69  ? 4.451   11.755  -3.953  1.00 50.71  ? 68  ARG A C   1 
ATOM   584  O  O   . ARG A 1 69  ? 3.928   12.869  -4.126  1.00 50.69  ? 68  ARG A O   1 
ATOM   585  C  CB  . ARG A 1 69  ? 5.609   11.596  -1.748  1.00 44.01  ? 68  ARG A CB  1 
ATOM   586  C  CG  . ARG A 1 69  ? 5.586   11.241  -0.265  1.00 48.13  ? 68  ARG A CG  1 
ATOM   587  C  CD  . ARG A 1 69  ? 6.884   11.644  0.430   1.00 55.31  ? 68  ARG A CD  1 
ATOM   588  N  NE  . ARG A 1 69  ? 7.028   13.091  0.312   1.00 60.29  ? 68  ARG A NE  1 
ATOM   589  C  CZ  . ARG A 1 69  ? 6.483   14.012  1.122   1.00 64.95  ? 68  ARG A CZ  1 
ATOM   590  N  NH1 . ARG A 1 69  ? 5.783   13.669  2.202   1.00 57.36  ? 68  ARG A NH1 1 
ATOM   591  N  NH2 . ARG A 1 69  ? 6.667   15.294  0.832   1.00 57.16  ? 68  ARG A NH2 1 
ATOM   592  N  N   . ARG A 1 70  ? 5.050   11.061  -4.925  1.00 41.72  ? 69  ARG A N   1 
ATOM   593  C  CA  . ARG A 1 70  ? 5.048   11.554  -6.334  1.00 47.14  ? 69  ARG A CA  1 
ATOM   594  C  C   . ARG A 1 70  ? 3.659   11.341  -6.943  1.00 45.32  ? 69  ARG A C   1 
ATOM   595  O  O   . ARG A 1 70  ? 3.174   12.212  -7.640  1.00 48.75  ? 69  ARG A O   1 
ATOM   596  C  CB  . ARG A 1 70  ? 6.160   10.908  -7.161  1.00 45.39  ? 69  ARG A CB  1 
ATOM   597  C  CG  . ARG A 1 70  ? 7.539   11.493  -6.885  1.00 47.84  ? 69  ARG A CG  1 
ATOM   598  C  CD  . ARG A 1 70  ? 8.592   11.173  -7.928  1.00 50.65  ? 69  ARG A CD  1 
ATOM   599  N  NE  . ARG A 1 70  ? 9.027   9.782   -7.998  1.00 48.15  ? 69  ARG A NE  1 
ATOM   600  C  CZ  . ARG A 1 70  ? 10.033  9.230   -7.313  1.00 51.61  ? 69  ARG A CZ  1 
ATOM   601  N  NH1 . ARG A 1 70  ? 10.723  9.926   -6.423  1.00 50.62  ? 69  ARG A NH1 1 
ATOM   602  N  NH2 . ARG A 1 70  ? 10.333  7.955   -7.505  1.00 46.76  ? 69  ARG A NH2 1 
ATOM   603  N  N   . ARG A 1 71  ? 2.983   10.261  -6.591  1.00 49.44  ? 70  ARG A N   1 
ATOM   604  C  CA  . ARG A 1 71  ? 1.639   9.979   -7.141  1.00 50.60  ? 70  ARG A CA  1 
ATOM   605  C  C   . ARG A 1 71  ? 0.587   10.973  -6.611  1.00 53.44  ? 70  ARG A C   1 
ATOM   606  O  O   . ARG A 1 71  ? -0.352  11.332  -7.385  1.00 51.53  ? 70  ARG A O   1 
ATOM   607  C  CB  . ARG A 1 71  ? 1.254   8.548   -6.816  1.00 50.55  ? 70  ARG A CB  1 
ATOM   608  C  CG  . ARG A 1 71  ? 0.006   8.117   -7.557  1.00 54.39  ? 70  ARG A CG  1 
ATOM   609  C  CD  . ARG A 1 71  ? 0.303   6.897   -8.367  1.00 57.84  ? 70  ARG A CD  1 
ATOM   610  N  NE  . ARG A 1 71  ? -0.705  6.632   -9.380  1.00 56.92  ? 70  ARG A NE  1 
ATOM   611  C  CZ  . ARG A 1 71  ? -0.572  5.677   -10.282 1.00 54.22  ? 70  ARG A CZ  1 
ATOM   612  N  NH1 . ARG A 1 71  ? 0.525   4.930   -10.278 1.00 52.12  ? 70  ARG A NH1 1 
ATOM   613  N  NH2 . ARG A 1 71  ? -1.529  5.469   -11.175 1.00 52.41  ? 70  ARG A NH2 1 
ATOM   614  N  N   . LEU A 1 72  ? 0.701   11.356  -5.343  1.00 50.13  ? 71  LEU A N   1 
ATOM   615  C  CA  . LEU A 1 72  ? -0.145  12.393  -4.704  1.00 52.40  ? 71  LEU A CA  1 
ATOM   616  C  C   . LEU A 1 72  ? 0.337   13.784  -5.121  1.00 57.83  ? 71  LEU A C   1 
ATOM   617  O  O   . LEU A 1 72  ? -0.341  14.739  -4.771  1.00 60.29  ? 71  LEU A O   1 
ATOM   618  C  CB  . LEU A 1 72  ? -0.046  12.248  -3.186  1.00 55.35  ? 71  LEU A CB  1 
ATOM   619  C  CG  . LEU A 1 72  ? -0.618  10.962  -2.610  1.00 55.61  ? 71  LEU A CG  1 
ATOM   620  C  CD1 . LEU A 1 72  ? -0.206  10.812  -1.152  1.00 57.86  ? 71  LEU A CD1 1 
ATOM   621  C  CD2 . LEU A 1 72  ? -2.125  10.907  -2.772  1.00 61.35  ? 71  LEU A CD2 1 
ATOM   622  N  N   . GLN A 1 73  ? 1.472   13.888  -5.819  1.00 61.57  ? 72  GLN A N   1 
ATOM   623  C  CA  . GLN A 1 73  ? 2.066   15.174  -6.246  1.00 65.49  ? 72  GLN A CA  1 
ATOM   624  C  C   . GLN A 1 73  ? 2.218   16.100  -5.026  1.00 62.48  ? 72  GLN A C   1 
ATOM   625  O  O   . GLN A 1 73  ? 1.992   17.298  -5.159  1.00 70.58  ? 72  GLN A O   1 
ATOM   626  C  CB  . GLN A 1 73  ? 1.219   15.765  -7.380  1.00 75.13  ? 72  GLN A CB  1 
ATOM   627  C  CG  . GLN A 1 73  ? 1.529   15.197  -8.766  1.00 86.70  ? 72  GLN A CG  1 
ATOM   628  C  CD  . GLN A 1 73  ? 2.952   15.416  -9.257  1.00 93.13  ? 72  GLN A CD  1 
ATOM   629  O  OE1 . GLN A 1 73  ? 3.234   16.330  -10.034 1.00 82.07  ? 72  GLN A OE1 1 
ATOM   630  N  NE2 . GLN A 1 73  ? 3.872   14.545  -8.850  1.00 93.08  ? 72  GLN A NE2 1 
ATOM   631  N  N   . LEU A 1 74  ? 2.629   15.571  -3.875  1.00 58.78  ? 73  LEU A N   1 
ATOM   632  C  CA  . LEU A 1 74  ? 2.990   16.375  -2.678  1.00 57.18  ? 73  LEU A CA  1 
ATOM   633  C  C   . LEU A 1 74  ? 4.157   17.318  -2.998  1.00 58.95  ? 73  LEU A C   1 
ATOM   634  O  O   . LEU A 1 74  ? 4.757   17.221  -4.085  1.00 65.99  ? 73  LEU A O   1 
ATOM   635  C  CB  . LEU A 1 74  ? 3.375   15.448  -1.518  1.00 58.42  ? 73  LEU A CB  1 
ATOM   636  C  CG  . LEU A 1 74  ? 2.298   14.474  -1.030  1.00 61.16  ? 73  LEU A CG  1 
ATOM   637  C  CD1 . LEU A 1 74  ? 2.672   13.906  0.331   1.00 60.45  ? 73  LEU A CD1 1 
ATOM   638  C  CD2 . LEU A 1 74  ? 0.930   15.130  -0.952  1.00 60.97  ? 73  LEU A CD2 1 
ATOM   639  N  N   . ASN A 1 75  ? 4.430   18.227  -2.067  1.00 65.37  ? 74  ASN A N   1 
ATOM   640  C  CA  . ASN A 1 75  ? 5.621   19.113  -2.044  1.00 72.22  ? 74  ASN A CA  1 
ATOM   641  C  C   . ASN A 1 75  ? 6.367   18.852  -0.733  1.00 69.18  ? 74  ASN A C   1 
ATOM   642  O  O   . ASN A 1 75  ? 5.751   18.255  0.189   1.00 68.37  ? 74  ASN A O   1 
ATOM   643  C  CB  . ASN A 1 75  ? 5.246   20.589  -2.192  1.00 84.71  ? 74  ASN A CB  1 
ATOM   644  C  CG  . ASN A 1 75  ? 4.160   20.998  -1.217  1.00 91.22  ? 74  ASN A CG  1 
ATOM   645  O  OD1 . ASN A 1 75  ? 4.375   21.002  -0.003  1.00 99.37  ? 74  ASN A OD1 1 
ATOM   646  N  ND2 . ASN A 1 75  ? 2.983   21.322  -1.733  1.00 95.19  ? 74  ASN A ND2 1 
ATOM   647  N  N   . ALA A 1 76  ? 7.616   19.323  -0.663  1.00 71.25  ? 75  ALA A N   1 
ATOM   648  C  CA  . ALA A 1 76  ? 8.674   18.892  0.277   1.00 73.75  ? 75  ALA A CA  1 
ATOM   649  C  C   . ALA A 1 76  ? 8.166   18.841  1.725   1.00 81.71  ? 75  ALA A C   1 
ATOM   650  O  O   . ALA A 1 76  ? 8.489   17.856  2.402   1.00 91.49  ? 75  ALA A O   1 
ATOM   651  C  CB  . ALA A 1 76  ? 9.871   19.800  0.144   1.00 80.32  ? 75  ALA A CB  1 
ATOM   652  N  N   . ASN A 1 77  ? 7.403   19.834  2.195   1.00 86.90  ? 76  ASN A N   1 
ATOM   653  C  CA  . ASN A 1 77  ? 7.120   19.975  3.653   1.00 98.69  ? 76  ASN A CA  1 
ATOM   654  C  C   . ASN A 1 77  ? 5.656   19.629  3.978   1.00 99.50  ? 76  ASN A C   1 
ATOM   655  O  O   . ASN A 1 77  ? 5.238   19.950  5.112   1.00 116.45 ? 76  ASN A O   1 
ATOM   656  C  CB  . ASN A 1 77  ? 7.532   21.357  4.163   1.00 106.53 ? 76  ASN A CB  1 
ATOM   657  C  CG  . ASN A 1 77  ? 6.879   22.460  3.368   1.00 118.13 ? 76  ASN A CG  1 
ATOM   658  O  OD1 . ASN A 1 77  ? 6.087   22.180  2.467   1.00 111.38 ? 76  ASN A OD1 1 
ATOM   659  N  ND2 . ASN A 1 77  ? 7.210   23.703  3.687   1.00 125.30 ? 76  ASN A ND2 1 
ATOM   660  N  N   . GLN A 1 78  ? 4.918   18.981  3.056   1.00 88.24  ? 77  GLN A N   1 
ATOM   661  C  CA  . GLN A 1 78  ? 3.678   18.211  3.371   1.00 77.11  ? 77  GLN A CA  1 
ATOM   662  C  C   . GLN A 1 78  ? 4.088   16.897  4.045   1.00 73.61  ? 77  GLN A C   1 
ATOM   663  O  O   . GLN A 1 78  ? 5.024   16.240  3.556   1.00 65.18  ? 77  GLN A O   1 
ATOM   664  C  CB  . GLN A 1 78  ? 2.832   17.903  2.134   1.00 78.52  ? 77  GLN A CB  1 
ATOM   665  C  CG  . GLN A 1 78  ? 2.173   19.131  1.527   1.00 80.33  ? 77  GLN A CG  1 
ATOM   666  C  CD  . GLN A 1 78  ? 1.459   18.836  0.230   1.00 79.51  ? 77  GLN A CD  1 
ATOM   667  O  OE1 . GLN A 1 78  ? 2.030   18.915  -0.853  1.00 85.57  ? 77  GLN A OE1 1 
ATOM   668  N  NE2 . GLN A 1 78  ? 0.193   18.474  0.328   1.00 77.56  ? 77  GLN A NE2 1 
ATOM   669  N  N   . ALA A 1 79  ? 3.437   16.557  5.159   1.00 71.52  ? 78  ALA A N   1 
ATOM   670  C  CA  . ALA A 1 79  ? 3.755   15.358  5.962   1.00 66.89  ? 78  ALA A CA  1 
ATOM   671  C  C   . ALA A 1 79  ? 2.998   14.185  5.362   1.00 55.57  ? 78  ALA A C   1 
ATOM   672  O  O   . ALA A 1 79  ? 1.914   14.378  4.813   1.00 57.23  ? 78  ALA A O   1 
ATOM   673  C  CB  . ALA A 1 79  ? 3.391   15.536  7.416   1.00 72.25  ? 78  ALA A CB  1 
ATOM   674  N  N   . PHE A 1 80  ? 3.569   13.002  5.496   1.00 55.30  ? 79  PHE A N   1 
ATOM   675  C  CA  . PHE A 1 80  ? 2.990   11.780  4.918   1.00 56.41  ? 79  PHE A CA  1 
ATOM   676  C  C   . PHE A 1 80  ? 3.512   10.611  5.738   1.00 59.40  ? 79  PHE A C   1 
ATOM   677  O  O   . PHE A 1 80  ? 4.737   10.539  5.974   1.00 61.06  ? 79  PHE A O   1 
ATOM   678  C  CB  . PHE A 1 80  ? 3.319   11.766  3.432   1.00 53.93  ? 79  PHE A CB  1 
ATOM   679  C  CG  . PHE A 1 80  ? 3.020   10.460  2.773   1.00 53.07  ? 79  PHE A CG  1 
ATOM   680  C  CD1 . PHE A 1 80  ? 1.844   10.286  2.073   1.00 48.29  ? 79  PHE A CD1 1 
ATOM   681  C  CD2 . PHE A 1 80  ? 3.915   9.413   2.875   1.00 51.48  ? 79  PHE A CD2 1 
ATOM   682  C  CE1 . PHE A 1 80  ? 1.572   9.083   1.452   1.00 54.65  ? 79  PHE A CE1 1 
ATOM   683  C  CE2 . PHE A 1 80  ? 3.639   8.207   2.265   1.00 53.02  ? 79  PHE A CE2 1 
ATOM   684  C  CZ  . PHE A 1 80  ? 2.472   8.043   1.554   1.00 55.54  ? 79  PHE A CZ  1 
ATOM   685  N  N   . PHE A 1 81  ? 2.586   9.796   6.241   1.00 62.67  ? 80  PHE A N   1 
ATOM   686  C  CA  . PHE A 1 81  ? 2.881   8.624   7.100   1.00 58.66  ? 80  PHE A CA  1 
ATOM   687  C  C   . PHE A 1 81  ? 2.204   7.442   6.451   1.00 53.35  ? 80  PHE A C   1 
ATOM   688  O  O   . PHE A 1 81  ? 1.096   7.603   5.952   1.00 50.35  ? 80  PHE A O   1 
ATOM   689  C  CB  . PHE A 1 81  ? 2.421   8.857   8.538   1.00 62.21  ? 80  PHE A CB  1 
ATOM   690  C  CG  . PHE A 1 81  ? 3.104   10.041  9.164   1.00 63.94  ? 80  PHE A CG  1 
ATOM   691  C  CD1 . PHE A 1 81  ? 2.513   11.298  9.138   1.00 69.48  ? 80  PHE A CD1 1 
ATOM   692  C  CD2 . PHE A 1 81  ? 4.383   9.914   9.697   1.00 65.21  ? 80  PHE A CD2 1 
ATOM   693  C  CE1 . PHE A 1 81  ? 3.172   12.393  9.684   1.00 74.40  ? 80  PHE A CE1 1 
ATOM   694  C  CE2 . PHE A 1 81  ? 5.039   11.008  10.238  1.00 71.44  ? 80  PHE A CE2 1 
ATOM   695  C  CZ  . PHE A 1 81  ? 4.429   12.245  10.235  1.00 76.57  ? 80  PHE A CZ  1 
ATOM   696  N  N   . LEU A 1 82  ? 2.908   6.322   6.431   1.00 56.08  ? 81  LEU A N   1 
ATOM   697  C  CA  . LEU A 1 82  ? 2.495   5.112   5.703   1.00 56.63  ? 81  LEU A CA  1 
ATOM   698  C  C   . LEU A 1 82  ? 2.547   3.947   6.676   1.00 58.96  ? 81  LEU A C   1 
ATOM   699  O  O   . LEU A 1 82  ? 3.662   3.510   7.007   1.00 59.34  ? 81  LEU A O   1 
ATOM   700  C  CB  . LEU A 1 82  ? 3.441   4.873   4.526   1.00 60.73  ? 81  LEU A CB  1 
ATOM   701  C  CG  . LEU A 1 82  ? 2.969   3.805   3.547   1.00 58.47  ? 81  LEU A CG  1 
ATOM   702  C  CD1 . LEU A 1 82  ? 1.714   4.272   2.829   1.00 54.34  ? 81  LEU A CD1 1 
ATOM   703  C  CD2 . LEU A 1 82  ? 4.075   3.451   2.562   1.00 57.59  ? 81  LEU A CD2 1 
ATOM   704  N  N   . LEU A 1 83  ? 1.374   3.503   7.113   1.00 55.84  ? 82  LEU A N   1 
ATOM   705  C  CA  . LEU A 1 83  ? 1.218   2.244   7.869   1.00 55.08  ? 82  LEU A CA  1 
ATOM   706  C  C   . LEU A 1 83  ? 1.180   1.058   6.913   1.00 54.08  ? 82  LEU A C   1 
ATOM   707  O  O   . LEU A 1 83  ? 0.606   1.163   5.804   1.00 52.79  ? 82  LEU A O   1 
ATOM   708  C  CB  . LEU A 1 83  ? -0.089  2.310   8.640   1.00 61.77  ? 82  LEU A CB  1 
ATOM   709  C  CG  . LEU A 1 83  ? -0.175  3.426   9.662   1.00 62.21  ? 82  LEU A CG  1 
ATOM   710  C  CD1 . LEU A 1 83  ? -1.453  3.275   10.456  1.00 64.27  ? 82  LEU A CD1 1 
ATOM   711  C  CD2 . LEU A 1 83  ? 1.026   3.402   10.581  1.00 63.96  ? 82  LEU A CD2 1 
ATOM   712  N  N   . VAL A 1 84  ? 1.751   -0.043  7.369   1.00 50.93  ? 83  VAL A N   1 
ATOM   713  C  CA  . VAL A 1 84  ? 1.756   -1.338  6.649   1.00 51.24  ? 83  VAL A CA  1 
ATOM   714  C  C   . VAL A 1 84  ? 1.069   -2.338  7.568   1.00 47.94  ? 83  VAL A C   1 
ATOM   715  O  O   . VAL A 1 84  ? 1.546   -2.502  8.714   1.00 44.35  ? 83  VAL A O   1 
ATOM   716  C  CB  . VAL A 1 84  ? 3.188   -1.788  6.318   1.00 53.49  ? 83  VAL A CB  1 
ATOM   717  C  CG1 . VAL A 1 84  ? 3.191   -3.112  5.586   1.00 54.78  ? 83  VAL A CG1 1 
ATOM   718  C  CG2 . VAL A 1 84  ? 3.943   -0.738  5.521   1.00 64.56  ? 83  VAL A CG2 1 
ATOM   719  N  N   . ASN A 1 85  ? 0.035   -3.005  7.057   1.00 43.36  ? 84  ASN A N   1 
ATOM   720  C  CA  . ASN A 1 85  ? -0.684  -4.111  7.742   1.00 47.00  ? 84  ASN A CA  1 
ATOM   721  C  C   . ASN A 1 85  ? -1.093  -3.592  9.122   1.00 47.50  ? 84  ASN A C   1 
ATOM   722  O  O   . ASN A 1 85  ? -0.988  -4.333  10.099  1.00 47.98  ? 84  ASN A O   1 
ATOM   723  C  CB  . ASN A 1 85  ? 0.170   -5.388  7.724   1.00 51.60  ? 84  ASN A CB  1 
ATOM   724  C  CG  . ASN A 1 85  ? -0.356  -6.481  8.629   1.00 49.55  ? 84  ASN A CG  1 
ATOM   725  O  OD1 . ASN A 1 85  ? -1.526  -6.830  8.565   1.00 48.27  ? 84  ASN A OD1 1 
ATOM   726  N  ND2 . ASN A 1 85  ? 0.517   -7.051  9.443   1.00 55.69  ? 84  ASN A ND2 1 
ATOM   727  N  N   . GLY A 1 86  ? -1.513  -2.325  9.164   1.00 49.79  ? 85  GLY A N   1 
ATOM   728  C  CA  . GLY A 1 86  ? -2.094  -1.683  10.350  1.00 49.27  ? 85  GLY A CA  1 
ATOM   729  C  C   . GLY A 1 86  ? -1.086  -0.951  11.222  1.00 53.88  ? 85  GLY A C   1 
ATOM   730  O  O   . GLY A 1 86  ? -1.511  -0.165  12.055  1.00 64.46  ? 85  GLY A O   1 
ATOM   731  N  N   . HIS A 1 87  ? 0.204   -1.214  11.113  1.00 52.92  ? 86  HIS A N   1 
ATOM   732  C  CA  . HIS A 1 87  ? 1.176   -0.660  12.082  1.00 47.91  ? 86  HIS A CA  1 
ATOM   733  C  C   . HIS A 1 87  ? 2.214   0.193   11.347  1.00 49.06  ? 86  HIS A C   1 
ATOM   734  O  O   . HIS A 1 87  ? 2.319   0.128   10.127  1.00 46.16  ? 86  HIS A O   1 
ATOM   735  C  CB  . HIS A 1 87  ? 1.798   -1.819  12.838  1.00 54.30  ? 86  HIS A CB  1 
ATOM   736  C  CG  . HIS A 1 87  ? 2.461   -2.813  11.955  1.00 54.78  ? 86  HIS A CG  1 
ATOM   737  N  ND1 . HIS A 1 87  ? 3.761   -2.646  11.515  1.00 54.00  ? 86  HIS A ND1 1 
ATOM   738  C  CD2 . HIS A 1 87  ? 2.036   -3.988  11.458  1.00 56.72  ? 86  HIS A CD2 1 
ATOM   739  C  CE1 . HIS A 1 87  ? 4.116   -3.688  10.793  1.00 53.21  ? 86  HIS A CE1 1 
ATOM   740  N  NE2 . HIS A 1 87  ? 3.078   -4.522  10.737  1.00 55.59  ? 86  HIS A NE2 1 
ATOM   741  N  N   A SER A 1 88  ? 2.962   0.994   12.109  0.06 50.50  ? 87  SER A N   1 
ATOM   742  N  N   B SER A 1 88  ? 2.954   0.998   12.103  0.44 50.30  ? 87  SER A N   1 
ATOM   743  C  CA  A SER A 1 88  ? 4.113   1.797   11.623  0.06 52.43  ? 87  SER A CA  1 
ATOM   744  C  CA  B SER A 1 88  ? 4.129   1.772   11.632  0.44 53.85  ? 87  SER A CA  1 
ATOM   745  C  C   A SER A 1 88  ? 5.183   0.845   11.086  0.06 54.60  ? 87  SER A C   1 
ATOM   746  C  C   B SER A 1 88  ? 5.125   0.800   11.015  0.44 54.49  ? 87  SER A C   1 
ATOM   747  O  O   A SER A 1 88  ? 5.292   -0.276  11.615  0.06 55.06  ? 87  SER A O   1 
ATOM   748  O  O   B SER A 1 88  ? 5.114   -0.379  11.422  0.44 57.41  ? 87  SER A O   1 
ATOM   749  C  CB  A SER A 1 88  ? 4.666   2.678   12.712  0.06 52.11  ? 87  SER A CB  1 
ATOM   750  C  CB  B SER A 1 88  ? 4.775   2.531   12.757  0.44 55.39  ? 87  SER A CB  1 
ATOM   751  O  OG  A SER A 1 88  ? 5.456   1.923   13.620  0.06 51.25  ? 87  SER A OG  1 
ATOM   752  O  OG  B SER A 1 88  ? 3.867   3.461   13.323  0.44 58.32  ? 87  SER A OG  1 
ATOM   753  N  N   . MET A 1 89  ? 5.935   1.282   10.073  1.00 56.84  ? 88  MET A N   1 
ATOM   754  C  CA  . MET A 1 89  ? 7.027   0.483   9.486   1.00 63.96  ? 88  MET A CA  1 
ATOM   755  C  C   . MET A 1 89  ? 8.205   0.511   10.463  1.00 70.70  ? 88  MET A C   1 
ATOM   756  O  O   . MET A 1 89  ? 8.541   1.578   10.996  1.00 69.19  ? 88  MET A O   1 
ATOM   757  C  CB  . MET A 1 89  ? 7.430   1.066   8.137   1.00 72.62  ? 88  MET A CB  1 
ATOM   758  C  CG  . MET A 1 89  ? 6.349   0.877   7.102   1.00 79.90  ? 88  MET A CG  1 
ATOM   759  S  SD  . MET A 1 89  ? 6.616   1.996   5.735   1.00 81.23  ? 88  MET A SD  1 
ATOM   760  C  CE  . MET A 1 89  ? 8.407   2.037   5.739   1.00 82.96  ? 88  MET A CE  1 
ATOM   761  N  N   . VAL A 1 90  ? 8.773   -0.644  10.751  1.00 68.65  ? 89  VAL A N   1 
ATOM   762  C  CA  . VAL A 1 90  ? 9.937   -0.723  11.661  1.00 71.62  ? 89  VAL A CA  1 
ATOM   763  C  C   . VAL A 1 90  ? 11.132  -0.092  10.941  1.00 69.31  ? 89  VAL A C   1 
ATOM   764  O  O   . VAL A 1 90  ? 11.942  0.530   11.651  1.00 62.71  ? 89  VAL A O   1 
ATOM   765  C  CB  . VAL A 1 90  ? 10.174  -2.176  12.096  1.00 78.40  ? 89  VAL A CB  1 
ATOM   766  C  CG1 . VAL A 1 90  ? 11.476  -2.334  12.860  1.00 80.51  ? 89  VAL A CG1 1 
ATOM   767  C  CG2 . VAL A 1 90  ? 8.991   -2.670  12.915  1.00 80.57  ? 89  VAL A CG2 1 
ATOM   768  N  N   . SER A 1 91  ? 11.214  -0.241  9.604   1.00 70.81  ? 90  SER A N   1 
ATOM   769  C  CA  . SER A 1 91  ? 12.304  0.282   8.732   1.00 70.27  ? 90  SER A CA  1 
ATOM   770  C  C   . SER A 1 91  ? 11.910  0.372   7.249   1.00 71.02  ? 90  SER A C   1 
ATOM   771  O  O   . SER A 1 91  ? 11.272  -0.562  6.687   1.00 72.65  ? 90  SER A O   1 
ATOM   772  C  CB  . SER A 1 91  ? 13.578  -0.519  8.857   1.00 78.23  ? 90  SER A CB  1 
ATOM   773  O  OG  . SER A 1 91  ? 14.683  0.243   8.370   1.00 79.66  ? 90  SER A OG  1 
ATOM   774  N  N   . VAL A 1 92  ? 12.419  1.430   6.625   1.00 62.93  ? 91  VAL A N   1 
ATOM   775  C  CA  . VAL A 1 92  ? 12.186  1.818   5.210   1.00 67.09  ? 91  VAL A CA  1 
ATOM   776  C  C   . VAL A 1 92  ? 13.277  1.220   4.310   1.00 53.19  ? 91  VAL A C   1 
ATOM   777  O  O   . VAL A 1 92  ? 13.159  1.305   3.086   1.00 59.50  ? 91  VAL A O   1 
ATOM   778  C  CB  . VAL A 1 92  ? 12.093  3.355   5.092   1.00 69.85  ? 91  VAL A CB  1 
ATOM   779  C  CG1 . VAL A 1 92  ? 11.065  3.923   6.070   1.00 69.39  ? 91  VAL A CG1 1 
ATOM   780  C  CG2 . VAL A 1 92  ? 13.438  4.047   5.274   1.00 68.71  ? 91  VAL A CG2 1 
ATOM   781  N  N   . SER A 1 93  ? 14.309  0.622   4.871   1.00 48.34  ? 92  SER A N   1 
ATOM   782  C  CA  . SER A 1 93  ? 15.372  0.015   4.049   1.00 55.00  ? 92  SER A CA  1 
ATOM   783  C  C   . SER A 1 93  ? 14.945  -1.386  3.641   1.00 51.16  ? 92  SER A C   1 
ATOM   784  O  O   . SER A 1 93  ? 15.664  -2.016  2.853   1.00 52.39  ? 92  SER A O   1 
ATOM   785  C  CB  . SER A 1 93  ? 16.683  -0.016  4.771   1.00 69.37  ? 92  SER A CB  1 
ATOM   786  O  OG  . SER A 1 93  ? 16.667  -1.003  5.794   1.00 90.38  ? 92  SER A OG  1 
ATOM   787  N  N   . THR A 1 94  ? 13.862  -1.906  4.200   1.00 54.00  ? 93  THR A N   1 
ATOM   788  C  CA  . THR A 1 94  ? 13.468  -3.303  3.909   1.00 54.97  ? 93  THR A CA  1 
ATOM   789  C  C   . THR A 1 94  ? 12.975  -3.382  2.470   1.00 52.38  ? 93  THR A C   1 
ATOM   790  O  O   . THR A 1 94  ? 12.161  -2.577  2.022   1.00 52.28  ? 93  THR A O   1 
ATOM   791  C  CB  . THR A 1 94  ? 12.379  -3.816  4.850   1.00 60.54  ? 93  THR A CB  1 
ATOM   792  O  OG1 . THR A 1 94  ? 12.461  -3.056  6.058   1.00 58.74  ? 93  THR A OG1 1 
ATOM   793  C  CG2 . THR A 1 94  ? 12.505  -5.307  5.063   1.00 59.83  ? 93  THR A CG2 1 
ATOM   794  N  N   . PRO A 1 95  ? 13.467  -4.366  1.712   1.00 48.73  ? 94  PRO A N   1 
ATOM   795  C  CA  . PRO A 1 95  ? 12.964  -4.630  0.370   1.00 51.52  ? 94  PRO A CA  1 
ATOM   796  C  C   . PRO A 1 95  ? 11.521  -5.145  0.451   1.00 54.11  ? 94  PRO A C   1 
ATOM   797  O  O   . PRO A 1 95  ? 11.198  -5.927  1.357   1.00 56.51  ? 94  PRO A O   1 
ATOM   798  C  CB  . PRO A 1 95  ? 13.909  -5.692  -0.207  1.00 52.43  ? 94  PRO A CB  1 
ATOM   799  C  CG  . PRO A 1 95  ? 15.057  -5.759  0.782   1.00 54.22  ? 94  PRO A CG  1 
ATOM   800  C  CD  . PRO A 1 95  ? 14.525  -5.295  2.122   1.00 50.39  ? 94  PRO A CD  1 
ATOM   801  N  N   . ILE A 1 96  ? 10.669  -4.677  -0.469  1.00 51.68  ? 95  ILE A N   1 
ATOM   802  C  CA  . ILE A 1 96  ? 9.201   -4.934  -0.402  1.00 50.27  ? 95  ILE A CA  1 
ATOM   803  C  C   . ILE A 1 96  ? 8.955   -6.438  -0.589  1.00 47.07  ? 95  ILE A C   1 
ATOM   804  O  O   . ILE A 1 96  ? 7.950   -6.931  -0.052  1.00 40.31  ? 95  ILE A O   1 
ATOM   805  C  CB  . ILE A 1 96  ? 8.381   -4.039  -1.352  1.00 48.36  ? 95  ILE A CB  1 
ATOM   806  C  CG1 . ILE A 1 96  ? 6.911   -4.037  -0.927  1.00 49.34  ? 95  ILE A CG1 1 
ATOM   807  C  CG2 . ILE A 1 96  ? 8.524   -4.431  -2.819  1.00 48.97  ? 95  ILE A CG2 1 
ATOM   808  C  CD1 . ILE A 1 96  ? 6.106   -2.977  -1.616  1.00 55.74  ? 95  ILE A CD1 1 
ATOM   809  N  N   . SER A 1 97  ? 9.839   -7.171  -1.273  1.00 48.47  ? 96  SER A N   1 
ATOM   810  C  CA  . SER A 1 97  ? 9.718   -8.654  -1.349  1.00 48.75  ? 96  SER A CA  1 
ATOM   811  C  C   . SER A 1 97  ? 9.713   -9.261  0.069   1.00 48.11  ? 96  SER A C   1 
ATOM   812  O  O   . SER A 1 97  ? 8.905   -10.183 0.292   1.00 47.25  ? 96  SER A O   1 
ATOM   813  C  CB  . SER A 1 97  ? 10.805  -9.253  -2.184  1.00 44.78  ? 96  SER A CB  1 
ATOM   814  O  OG  . SER A 1 97  ? 12.075  -8.776  -1.768  1.00 52.30  ? 96  SER A OG  1 
ATOM   815  N  N   . GLU A 1 98  ? 10.585  -8.768  0.968   1.00 45.95  ? 97  GLU A N   1 
ATOM   816  C  CA  . GLU A 1 98  ? 10.735  -9.213  2.385   1.00 48.45  ? 97  GLU A CA  1 
ATOM   817  C  C   . GLU A 1 98  ? 9.523   -8.749  3.193   1.00 50.92  ? 97  GLU A C   1 
ATOM   818  O  O   . GLU A 1 98  ? 8.967   -9.567  4.003   1.00 52.17  ? 97  GLU A O   1 
ATOM   819  C  CB  . GLU A 1 98  ? 11.964  -8.599  3.069   1.00 56.74  ? 97  GLU A CB  1 
ATOM   820  C  CG  . GLU A 1 98  ? 13.125  -9.558  3.278   1.00 73.97  ? 97  GLU A CG  1 
ATOM   821  C  CD  . GLU A 1 98  ? 14.513  -8.914  3.391   1.00 84.06  ? 97  GLU A CD  1 
ATOM   822  O  OE1 . GLU A 1 98  ? 15.412  -9.291  2.589   1.00 87.14  ? 97  GLU A OE1 1 
ATOM   823  O  OE2 . GLU A 1 98  ? 14.705  -8.034  4.277   1.00 81.07  ? 97  GLU A OE2 1 
ATOM   824  N  N   . VAL A 1 99  ? 9.177   -7.466  3.048   1.00 43.13  ? 98  VAL A N   1 
ATOM   825  C  CA  . VAL A 1 99  ? 7.995   -6.878  3.736   1.00 45.09  ? 98  VAL A CA  1 
ATOM   826  C  C   . VAL A 1 99  ? 6.757   -7.679  3.333   1.00 42.55  ? 98  VAL A C   1 
ATOM   827  O  O   . VAL A 1 99  ? 5.968   -8.071  4.210   1.00 46.76  ? 98  VAL A O   1 
ATOM   828  C  CB  . VAL A 1 99  ? 7.810   -5.383  3.425   1.00 44.19  ? 98  VAL A CB  1 
ATOM   829  C  CG1 . VAL A 1 99  ? 6.588   -4.828  4.129   1.00 43.32  ? 98  VAL A CG1 1 
ATOM   830  C  CG2 . VAL A 1 99  ? 9.049   -4.593  3.783   1.00 50.38  ? 98  VAL A CG2 1 
ATOM   831  N  N   . TYR A 1 100 ? 6.568   -7.935  2.048   1.00 37.67  ? 99  TYR A N   1 
ATOM   832  C  CA  . TYR A 1 100 ? 5.418   -8.751  1.597   1.00 40.08  ? 99  TYR A CA  1 
ATOM   833  C  C   . TYR A 1 100 ? 5.305   -10.041 2.410   1.00 42.32  ? 99  TYR A C   1 
ATOM   834  O  O   . TYR A 1 100 ? 4.224   -10.373 2.880   1.00 41.61  ? 99  TYR A O   1 
ATOM   835  C  CB  . TYR A 1 100 ? 5.566   -9.130  0.135   1.00 37.56  ? 99  TYR A CB  1 
ATOM   836  C  CG  . TYR A 1 100 ? 4.388   -9.898  -0.376  1.00 34.90  ? 99  TYR A CG  1 
ATOM   837  C  CD1 . TYR A 1 100 ? 3.163   -9.282  -0.523  1.00 38.71  ? 99  TYR A CD1 1 
ATOM   838  C  CD2 . TYR A 1 100 ? 4.494   -11.235 -0.699  1.00 34.71  ? 99  TYR A CD2 1 
ATOM   839  C  CE1 . TYR A 1 100 ? 2.070   -9.969  -1.019  1.00 37.44  ? 99  TYR A CE1 1 
ATOM   840  C  CE2 . TYR A 1 100 ? 3.398   -11.952 -1.148  1.00 36.85  ? 99  TYR A CE2 1 
ATOM   841  C  CZ  . TYR A 1 100 ? 2.190   -11.306 -1.341  1.00 37.54  ? 99  TYR A CZ  1 
ATOM   842  O  OH  . TYR A 1 100 ? 1.108   -12.017 -1.779  1.00 41.11  ? 99  TYR A OH  1 
ATOM   843  N  N   . GLU A 1 101 ? 6.392   -10.800 2.497   1.00 45.52  ? 100 GLU A N   1 
ATOM   844  C  CA  . GLU A 1 101 ? 6.343   -12.187 3.004   1.00 47.06  ? 100 GLU A CA  1 
ATOM   845  C  C   . GLU A 1 101 ? 5.970   -12.187 4.485   1.00 48.42  ? 100 GLU A C   1 
ATOM   846  O  O   . GLU A 1 101 ? 5.433   -13.208 4.958   1.00 54.04  ? 100 GLU A O   1 
ATOM   847  C  CB  . GLU A 1 101 ? 7.687   -12.884 2.848   1.00 50.64  ? 100 GLU A CB  1 
ATOM   848  C  CG  . GLU A 1 101 ? 7.851   -13.543 1.503   1.00 62.74  ? 100 GLU A CG  1 
ATOM   849  C  CD  . GLU A 1 101 ? 8.846   -14.688 1.571   1.00 68.93  ? 100 GLU A CD  1 
ATOM   850  O  OE1 . GLU A 1 101 ? 9.173   -15.114 2.700   1.00 61.98  ? 100 GLU A OE1 1 
ATOM   851  O  OE2 . GLU A 1 101 ? 9.278   -15.156 0.503   1.00 75.83  ? 100 GLU A OE2 1 
ATOM   852  N  N   . SER A 1 102 ? 6.262   -11.110 5.203   1.00 42.22  ? 101 SER A N   1 
ATOM   853  C  CA  . SER A 1 102 ? 5.995   -11.062 6.658   1.00 45.23  ? 101 SER A CA  1 
ATOM   854  C  C   . SER A 1 102 ? 4.690   -10.302 6.925   1.00 48.85  ? 101 SER A C   1 
ATOM   855  O  O   . SER A 1 102 ? 4.038   -10.647 7.911   1.00 54.98  ? 101 SER A O   1 
ATOM   856  C  CB  . SER A 1 102 ? 7.173   -10.512 7.407   1.00 45.87  ? 101 SER A CB  1 
ATOM   857  O  OG  . SER A 1 102 ? 6.983   -9.139  7.677   1.00 64.57  ? 101 SER A OG  1 
ATOM   858  N  N   . GLU A 1 103 ? 4.294   -9.337  6.092   1.00 41.87  ? 102 GLU A N   1 
ATOM   859  C  CA  . GLU A 1 103 ? 3.158   -8.437  6.419   1.00 42.59  ? 102 GLU A CA  1 
ATOM   860  C  C   . GLU A 1 103 ? 1.957   -8.723  5.522   1.00 39.04  ? 102 GLU A C   1 
ATOM   861  O  O   . GLU A 1 103 ? 0.955   -8.006  5.649   1.00 41.93  ? 102 GLU A O   1 
ATOM   862  C  CB  . GLU A 1 103 ? 3.552   -6.964  6.289   1.00 44.85  ? 102 GLU A CB  1 
ATOM   863  C  CG  . GLU A 1 103 ? 4.677   -6.512  7.213   1.00 51.93  ? 102 GLU A CG  1 
ATOM   864  C  CD  . GLU A 1 103 ? 4.459   -6.703  8.713   1.00 57.92  ? 102 GLU A CD  1 
ATOM   865  O  OE1 . GLU A 1 103 ? 3.306   -6.595  9.195   1.00 53.66  ? 102 GLU A OE1 1 
ATOM   866  O  OE2 . GLU A 1 103 ? 5.462   -6.958  9.402   1.00 64.40  ? 102 GLU A OE2 1 
ATOM   867  N  N   . LYS A 1 104 ? 2.021   -9.695  4.622   1.00 42.05  ? 103 LYS A N   1 
ATOM   868  C  CA  . LYS A 1 104 ? 0.902   -9.869  3.653   1.00 41.15  ? 103 LYS A CA  1 
ATOM   869  C  C   . LYS A 1 104 ? -0.336  -10.315 4.427   1.00 46.22  ? 103 LYS A C   1 
ATOM   870  O  O   . LYS A 1 104 ? -0.153  -11.002 5.417   1.00 48.11  ? 103 LYS A O   1 
ATOM   871  C  CB  . LYS A 1 104 ? 1.229   -10.922 2.598   1.00 46.61  ? 103 LYS A CB  1 
ATOM   872  C  CG  . LYS A 1 104 ? 1.453   -12.321 3.121   1.00 44.23  ? 103 LYS A CG  1 
ATOM   873  C  CD  . LYS A 1 104 ? 2.115   -13.200 2.095   1.00 47.69  ? 103 LYS A CD  1 
ATOM   874  C  CE  . LYS A 1 104 ? 2.449   -14.569 2.649   1.00 51.83  ? 103 LYS A CE  1 
ATOM   875  N  NZ  . LYS A 1 104 ? 3.370   -14.530 3.811   1.00 55.60  ? 103 LYS A NZ  1 
ATOM   876  N  N   . ASP A 1 105 ? -1.531  -9.929  3.980   1.00 45.95  ? 104 ASP A N   1 
ATOM   877  C  CA  . ASP A 1 105 ? -2.844  -10.387 4.491   1.00 45.14  ? 104 ASP A CA  1 
ATOM   878  C  C   . ASP A 1 105 ? -3.102  -11.829 4.036   1.00 48.92  ? 104 ASP A C   1 
ATOM   879  O  O   . ASP A 1 105 ? -2.427  -12.307 3.096   1.00 49.27  ? 104 ASP A O   1 
ATOM   880  C  CB  . ASP A 1 105 ? -3.919  -9.414  4.001   1.00 53.06  ? 104 ASP A CB  1 
ATOM   881  C  CG  . ASP A 1 105 ? -5.284  -9.563  4.638   1.00 54.00  ? 104 ASP A CG  1 
ATOM   882  O  OD1 . ASP A 1 105 ? -5.530  -8.847  5.634   1.00 61.45  ? 104 ASP A OD1 1 
ATOM   883  O  OD2 . ASP A 1 105 ? -6.095  -10.351 4.107   1.00 52.58  ? 104 ASP A OD2 1 
ATOM   884  N  N   . GLU A 1 106 ? -4.081  -12.499 4.646   1.00 50.72  ? 105 GLU A N   1 
ATOM   885  C  CA  . GLU A 1 106 ? -4.476  -13.893 4.310   1.00 52.40  ? 105 GLU A CA  1 
ATOM   886  C  C   . GLU A 1 106 ? -5.014  -13.984 2.883   1.00 50.19  ? 105 GLU A C   1 
ATOM   887  O  O   . GLU A 1 106 ? -4.978  -15.113 2.362   1.00 52.53  ? 105 GLU A O   1 
ATOM   888  C  CB  . GLU A 1 106 ? -5.595  -14.430 5.203   1.00 57.18  ? 105 GLU A CB  1 
ATOM   889  C  CG  . GLU A 1 106 ? -5.209  -14.684 6.642   1.00 69.88  ? 105 GLU A CG  1 
ATOM   890  C  CD  . GLU A 1 106 ? -5.968  -15.864 7.241   1.00 81.75  ? 105 GLU A CD  1 
ATOM   891  O  OE1 . GLU A 1 106 ? -7.210  -15.913 7.090   1.00 79.37  ? 105 GLU A OE1 1 
ATOM   892  O  OE2 . GLU A 1 106 ? -5.318  -16.772 7.807   1.00 92.92  ? 105 GLU A OE2 1 
ATOM   893  N  N   . ASP A 1 107 ? -5.571  -12.891 2.326   1.00 52.63  ? 106 ASP A N   1 
ATOM   894  C  CA  . ASP A 1 107 ? -6.054  -12.790 0.906   1.00 52.32  ? 106 ASP A CA  1 
ATOM   895  C  C   . ASP A 1 107 ? -4.883  -12.678 -0.096  1.00 51.57  ? 106 ASP A C   1 
ATOM   896  O  O   . ASP A 1 107 ? -5.110  -12.980 -1.311  1.00 51.65  ? 106 ASP A O   1 
ATOM   897  C  CB  . ASP A 1 107 ? -7.029  -11.615 0.709   1.00 49.94  ? 106 ASP A CB  1 
ATOM   898  C  CG  . ASP A 1 107 ? -6.415  -10.225 0.807   1.00 50.17  ? 106 ASP A CG  1 
ATOM   899  O  OD1 . ASP A 1 107 ? -5.198  -10.139 0.949   1.00 49.14  ? 106 ASP A OD1 1 
ATOM   900  O  OD2 . ASP A 1 107 ? -7.173  -9.222  0.740   1.00 52.78  ? 106 ASP A OD2 1 
ATOM   901  N  N   . GLY A 1 108 ? -3.687  -12.239 0.348   1.00 48.29  ? 107 GLY A N   1 
ATOM   902  C  CA  . GLY A 1 108 ? -2.464  -12.179 -0.496  1.00 47.56  ? 107 GLY A CA  1 
ATOM   903  C  C   . GLY A 1 108 ? -2.044  -10.764 -0.890  1.00 41.61  ? 107 GLY A C   1 
ATOM   904  O  O   . GLY A 1 108 ? -0.932  -10.609 -1.404  1.00 45.70  ? 107 GLY A O   1 
ATOM   905  N  N   . PHE A 1 109 ? -2.884  -9.754  -0.652  1.00 38.16  ? 108 PHE A N   1 
ATOM   906  C  CA  . PHE A 1 109 ? -2.540  -8.325  -0.823  1.00 41.43  ? 108 PHE A CA  1 
ATOM   907  C  C   . PHE A 1 109 ? -1.696  -7.853  0.360   1.00 41.50  ? 108 PHE A C   1 
ATOM   908  O  O   . PHE A 1 109 ? -1.838  -8.360  1.508   1.00 45.27  ? 108 PHE A O   1 
ATOM   909  C  CB  . PHE A 1 109 ? -3.797  -7.455  -0.956  1.00 40.59  ? 108 PHE A CB  1 
ATOM   910  C  CG  . PHE A 1 109 ? -4.419  -7.519  -2.320  1.00 46.04  ? 108 PHE A CG  1 
ATOM   911  C  CD1 . PHE A 1 109 ? -3.783  -6.928  -3.402  1.00 39.19  ? 108 PHE A CD1 1 
ATOM   912  C  CD2 . PHE A 1 109 ? -5.608  -8.207  -2.527  1.00 43.40  ? 108 PHE A CD2 1 
ATOM   913  C  CE1 . PHE A 1 109 ? -4.318  -7.040  -4.673  1.00 42.84  ? 108 PHE A CE1 1 
ATOM   914  C  CE2 . PHE A 1 109 ? -6.153  -8.293  -3.799  1.00 42.60  ? 108 PHE A CE2 1 
ATOM   915  C  CZ  . PHE A 1 109 ? -5.496  -7.725  -4.871  1.00 42.29  ? 108 PHE A CZ  1 
ATOM   916  N  N   . LEU A 1 110 ? -0.853  -6.867  0.084   1.00 39.83  ? 109 LEU A N   1 
ATOM   917  C  CA  . LEU A 1 110 ? -0.172  -6.041  1.117   1.00 44.53  ? 109 LEU A CA  1 
ATOM   918  C  C   . LEU A 1 110 ? -0.959  -4.712  1.273   1.00 42.01  ? 109 LEU A C   1 
ATOM   919  O  O   . LEU A 1 110 ? -1.043  -3.945  0.299   1.00 43.67  ? 109 LEU A O   1 
ATOM   920  C  CB  . LEU A 1 110 ? 1.280   -5.852  0.664   1.00 42.60  ? 109 LEU A CB  1 
ATOM   921  C  CG  . LEU A 1 110 ? 2.237   -5.311  1.719   1.00 48.47  ? 109 LEU A CG  1 
ATOM   922  C  CD1 . LEU A 1 110 ? 2.225   -6.181  2.986   1.00 47.08  ? 109 LEU A CD1 1 
ATOM   923  C  CD2 . LEU A 1 110 ? 3.651   -5.160  1.148   1.00 45.77  ? 109 LEU A CD2 1 
ATOM   924  N  N   . TYR A 1 111 ? -1.524  -4.472  2.461   1.00 39.45  ? 110 TYR A N   1 
ATOM   925  C  CA  . TYR A 1 111 ? -2.436  -3.346  2.787   1.00 42.27  ? 110 TYR A CA  1 
ATOM   926  C  C   . TYR A 1 111 ? -1.611  -2.238  3.419   1.00 45.21  ? 110 TYR A C   1 
ATOM   927  O  O   . TYR A 1 111 ? -0.727  -2.500  4.239   1.00 44.62  ? 110 TYR A O   1 
ATOM   928  C  CB  . TYR A 1 111 ? -3.587  -3.802  3.695   1.00 41.39  ? 110 TYR A CB  1 
ATOM   929  C  CG  . TYR A 1 111 ? -4.609  -4.631  2.954   1.00 41.24  ? 110 TYR A CG  1 
ATOM   930  C  CD1 . TYR A 1 111 ? -4.433  -5.992  2.792   1.00 37.97  ? 110 TYR A CD1 1 
ATOM   931  C  CD2 . TYR A 1 111 ? -5.729  -4.048  2.370   1.00 41.70  ? 110 TYR A CD2 1 
ATOM   932  C  CE1 . TYR A 1 111 ? -5.326  -6.754  2.055   1.00 38.55  ? 110 TYR A CE1 1 
ATOM   933  C  CE2 . TYR A 1 111 ? -6.641  -4.799  1.647   1.00 40.55  ? 110 TYR A CE2 1 
ATOM   934  C  CZ  . TYR A 1 111 ? -6.442  -6.157  1.501   1.00 38.35  ? 110 TYR A CZ  1 
ATOM   935  O  OH  . TYR A 1 111 ? -7.335  -6.923  0.816   1.00 43.46  ? 110 TYR A OH  1 
ATOM   936  N  N   . MET A 1 112 ? -1.887  -1.020  2.981   1.00 46.42  ? 111 MET A N   1 
ATOM   937  C  CA  . MET A 1 112 ? -1.187  0.189   3.426   1.00 44.78  ? 111 MET A CA  1 
ATOM   938  C  C   . MET A 1 112 ? -2.208  1.313   3.510   1.00 45.10  ? 111 MET A C   1 
ATOM   939  O  O   . MET A 1 112 ? -3.152  1.353   2.714   1.00 43.21  ? 111 MET A O   1 
ATOM   940  C  CB  . MET A 1 112 ? -0.073  0.567   2.447   1.00 48.16  ? 111 MET A CB  1 
ATOM   941  C  CG  . MET A 1 112 ? 0.985   -0.515  2.336   1.00 48.27  ? 111 MET A CG  1 
ATOM   942  S  SD  . MET A 1 112 ? 2.475   0.079   1.556   1.00 52.90  ? 111 MET A SD  1 
ATOM   943  C  CE  . MET A 1 112 ? 3.339   -1.489  1.377   1.00 48.73  ? 111 MET A CE  1 
ATOM   944  N  N   A VAL A 1 113 ? -1.984  2.215   4.462   0.41 47.49  ? 112 VAL A N   1 
ATOM   945  N  N   B VAL A 1 113 ? -2.033  2.193   4.498   0.10 44.87  ? 112 VAL A N   1 
ATOM   946  C  CA  A VAL A 1 113 ? -2.839  3.400   4.746   0.41 50.36  ? 112 VAL A CA  1 
ATOM   947  C  CA  B VAL A 1 113 ? -2.870  3.411   4.695   0.10 45.16  ? 112 VAL A CA  1 
ATOM   948  C  C   A VAL A 1 113 ? -1.896  4.578   4.978   0.41 49.81  ? 112 VAL A C   1 
ATOM   949  C  C   B VAL A 1 113 ? -1.940  4.580   5.020   0.10 45.88  ? 112 VAL A C   1 
ATOM   950  O  O   A VAL A 1 113 ? -0.824  4.347   5.570   0.41 52.61  ? 112 VAL A O   1 
ATOM   951  O  O   B VAL A 1 113 ? -0.938  4.360   5.729   0.10 46.43  ? 112 VAL A O   1 
ATOM   952  C  CB  A VAL A 1 113 ? -3.746  3.159   5.966   0.41 54.56  ? 112 VAL A CB  1 
ATOM   953  C  CB  B VAL A 1 113 ? -3.944  3.210   5.783   0.10 45.15  ? 112 VAL A CB  1 
ATOM   954  C  CG1 A VAL A 1 113 ? -4.740  4.297   6.160   0.41 56.33  ? 112 VAL A CG1 1 
ATOM   955  C  CG1 B VAL A 1 113 ? -5.007  2.217   5.342   0.10 44.94  ? 112 VAL A CG1 1 
ATOM   956  C  CG2 A VAL A 1 113 ? -4.466  1.823   5.867   0.41 55.63  ? 112 VAL A CG2 1 
ATOM   957  C  CG2 B VAL A 1 113 ? -3.339  2.799   7.116   0.10 44.14  ? 112 VAL A CG2 1 
ATOM   958  N  N   . TYR A 1 114 ? -2.272  5.766   4.506   1.00 44.76  ? 113 TYR A N   1 
ATOM   959  C  CA  . TYR A 1 114 ? -1.429  6.975   4.587   1.00 48.95  ? 113 TYR A CA  1 
ATOM   960  C  C   . TYR A 1 114 ? -2.237  8.085   5.247   1.00 49.18  ? 113 TYR A C   1 
ATOM   961  O  O   . TYR A 1 114 ? -3.484  8.140   5.070   1.00 49.83  ? 113 TYR A O   1 
ATOM   962  C  CB  . TYR A 1 114 ? -0.907  7.330   3.187   1.00 49.04  ? 113 TYR A CB  1 
ATOM   963  C  CG  . TYR A 1 114 ? -1.930  7.768   2.165   1.00 44.33  ? 113 TYR A CG  1 
ATOM   964  C  CD1 . TYR A 1 114 ? -2.381  6.906   1.177   1.00 45.04  ? 113 TYR A CD1 1 
ATOM   965  C  CD2 . TYR A 1 114 ? -2.421  9.064   2.159   1.00 45.87  ? 113 TYR A CD2 1 
ATOM   966  C  CE1 . TYR A 1 114 ? -3.306  7.318   0.227   1.00 49.96  ? 113 TYR A CE1 1 
ATOM   967  C  CE2 . TYR A 1 114 ? -3.324  9.501   1.195   1.00 44.06  ? 113 TYR A CE2 1 
ATOM   968  C  CZ  . TYR A 1 114 ? -3.778  8.628   0.234   1.00 48.97  ? 113 TYR A CZ  1 
ATOM   969  O  OH  . TYR A 1 114 ? -4.669  9.078   -0.700  1.00 49.81  ? 113 TYR A OH  1 
ATOM   970  N  N   . ALA A 1 115 ? -1.524  8.932   5.976   1.00 52.03  ? 114 ALA A N   1 
ATOM   971  C  CA  . ALA A 1 115 ? -2.049  10.167  6.597   1.00 62.50  ? 114 ALA A CA  1 
ATOM   972  C  C   . ALA A 1 115 ? -0.953  11.239  6.699   1.00 66.56  ? 114 ALA A C   1 
ATOM   973  O  O   . ALA A 1 115 ? 0.271   10.902  6.536   1.00 61.81  ? 114 ALA A O   1 
ATOM   974  C  CB  . ALA A 1 115 ? -2.603  9.829   7.957   1.00 69.49  ? 114 ALA A CB  1 
ATOM   975  N  N   . SER A 1 116 ? -1.400  12.478  6.960   1.00 67.87  ? 115 SER A N   1 
ATOM   976  C  CA  . SER A 1 116 ? -0.586  13.679  7.291   1.00 68.60  ? 115 SER A CA  1 
ATOM   977  C  C   . SER A 1 116 ? -0.274  13.668  8.790   1.00 72.13  ? 115 SER A C   1 
ATOM   978  O  O   . SER A 1 116 ? 0.797   14.179  9.175   1.00 73.41  ? 115 SER A O   1 
ATOM   979  C  CB  . SER A 1 116 ? -1.305  14.942  6.896   1.00 68.17  ? 115 SER A CB  1 
ATOM   980  O  OG  . SER A 1 116 ? -2.639  14.911  7.367   1.00 68.85  ? 115 SER A OG  1 
ATOM   981  N  N   . GLN A 1 117 ? -1.177  13.089  9.589   1.00 68.95  ? 116 GLN A N   1 
ATOM   982  C  CA  . GLN A 1 117 ? -0.997  12.872  11.047  1.00 73.68  ? 116 GLN A CA  1 
ATOM   983  C  C   . GLN A 1 117 ? -0.156  11.601  11.231  1.00 89.41  ? 116 GLN A C   1 
ATOM   984  O  O   . GLN A 1 117 ? -0.343  10.670  10.436  1.00 96.53  ? 116 GLN A O   1 
ATOM   985  C  CB  . GLN A 1 117 ? -2.368  12.753  11.721  1.00 71.87  ? 116 GLN A CB  1 
ATOM   986  N  N   . GLU A 1 118 ? 0.753   11.572  12.217  1.00 98.02  ? 117 GLU A N   1 
ATOM   987  C  CA  . GLU A 1 118 ? 1.428   10.338  12.711  1.00 102.44 ? 117 GLU A CA  1 
ATOM   988  C  C   . GLU A 1 118 ? 0.485   9.577   13.658  1.00 108.00 ? 117 GLU A C   1 
ATOM   989  O  O   . GLU A 1 118 ? 0.569   8.335   13.694  1.00 102.56 ? 117 GLU A O   1 
ATOM   990  C  CB  . GLU A 1 118 ? 2.738   10.689  13.415  1.00 106.77 ? 117 GLU A CB  1 
ATOM   991  C  CG  . GLU A 1 118 ? 3.670   9.500   13.576  1.00 111.60 ? 117 GLU A CG  1 
ATOM   992  C  CD  . GLU A 1 118 ? 5.101   9.849   13.949  1.00 118.81 ? 117 GLU A CD  1 
ATOM   993  O  OE1 . GLU A 1 118 ? 5.438   11.055  13.965  1.00 115.85 ? 117 GLU A OE1 1 
ATOM   994  O  OE2 . GLU A 1 118 ? 5.877   8.911   14.230  1.00 121.66 ? 117 GLU A OE2 1 
ATOM   995  N  N   . THR A 1 119 ? -0.346  10.311  14.411  1.00 118.29 ? 118 THR A N   1 
ATOM   996  C  CA  . THR A 1 119 ? -1.554  9.818   15.127  1.00 128.55 ? 118 THR A CA  1 
ATOM   997  C  C   . THR A 1 119 ? -2.687  9.596   14.107  1.00 141.65 ? 118 THR A C   1 
ATOM   998  O  O   . THR A 1 119 ? -3.325  10.597  13.693  1.00 155.13 ? 118 THR A O   1 
ATOM   999  C  CB  . THR A 1 119 ? -1.964  10.794  16.241  1.00 118.43 ? 118 THR A CB  1 
ATOM   1000 N  N   . PHE A 1 120 ? -2.910  8.337   13.708  1.00 138.73 ? 119 PHE A N   1 
ATOM   1001 C  CA  . PHE A 1 120 ? -4.015  7.897   12.813  1.00 128.13 ? 119 PHE A CA  1 
ATOM   1002 C  C   . PHE A 1 120 ? -5.299  7.778   13.643  1.00 126.71 ? 119 PHE A C   1 
ATOM   1003 O  O   . PHE A 1 120 ? -5.316  7.264   14.767  1.00 119.17 ? 119 PHE A O   1 
ATOM   1004 C  CB  . PHE A 1 120 ? -3.668  6.572   12.125  1.00 122.47 ? 119 PHE A CB  1 
ATOM   1005 C  CG  . PHE A 1 120 ? -2.594  6.662   11.066  1.00 120.89 ? 119 PHE A CG  1 
ATOM   1006 C  CD1 . PHE A 1 120 ? -1.264  6.856   11.414  1.00 119.30 ? 119 PHE A CD1 1 
ATOM   1007 C  CD2 . PHE A 1 120 ? -2.905  6.529   9.718   1.00 117.88 ? 119 PHE A CD2 1 
ATOM   1008 C  CE1 . PHE A 1 120 ? -0.272  6.923   10.444  1.00 117.31 ? 119 PHE A CE1 1 
ATOM   1009 C  CE2 . PHE A 1 120 ? -1.912  6.601   8.750   1.00 117.58 ? 119 PHE A CE2 1 
ATOM   1010 C  CZ  . PHE A 1 120 ? -0.599  6.797   9.113   1.00 118.47 ? 119 PHE A CZ  1 
HETATM 1011 N  N1  . K6U B 2 .   ? -1.271  -20.694 -4.678  0.78 75.08  ? 201 K6U A N1  1 
HETATM 1012 C  C4  . K6U B 2 .   ? -2.248  -19.029 -9.474  0.78 63.78  ? 201 K6U A C4  1 
HETATM 1013 C  C5  . K6U B 2 .   ? -1.447  -18.503 -8.488  0.78 63.69  ? 201 K6U A C5  1 
HETATM 1014 C  C6  . K6U B 2 .   ? -1.428  -19.080 -7.237  0.78 64.22  ? 201 K6U A C6  1 
HETATM 1015 C  C7  . K6U B 2 .   ? -2.206  -20.201 -6.950  0.78 69.50  ? 201 K6U A C7  1 
HETATM 1016 C  C8  . K6U B 2 .   ? -2.169  -20.762 -5.600  0.78 72.11  ? 201 K6U A C8  1 
HETATM 1017 C  C1  . K6U B 2 .   ? -5.191  -21.751 -7.635  0.78 71.55  ? 201 K6U A C1  1 
HETATM 1018 C  C2  . K6U B 2 .   ? -3.039  -20.714 -7.957  0.78 68.39  ? 201 K6U A C2  1 
HETATM 1019 C  C3  . K6U B 2 .   ? -3.036  -20.131 -9.222  0.78 67.04  ? 201 K6U A C3  1 
HETATM 1020 C  C9  . K6U B 2 .   ? -2.938  -21.831 -3.875  0.78 75.15  ? 201 K6U A C9  1 
HETATM 1021 N  N2  . K6U B 2 .   ? -1.787  -21.402 -3.565  0.78 76.63  ? 201 K6U A N2  1 
HETATM 1022 O  O1  . K6U B 2 .   ? -3.771  -21.825 -7.635  0.78 67.80  ? 201 K6U A O1  1 
HETATM 1023 O  O2  . K6U B 2 .   ? -3.252  -21.462 -5.140  0.78 72.17  ? 201 K6U A O2  1 
HETATM 1024 C  C1  . EDO C 3 .   ? 6.380   -1.127  14.627  1.00 97.04  ? 202 EDO A C1  1 
HETATM 1025 O  O1  . EDO C 3 .   ? 4.989   -1.077  14.970  1.00 91.75  ? 202 EDO A O1  1 
HETATM 1026 C  C2  . EDO C 3 .   ? 7.244   -0.176  15.385  1.00 89.84  ? 202 EDO A C2  1 
HETATM 1027 O  O2  . EDO C 3 .   ? 7.873   -0.735  16.532  1.00 76.22  ? 202 EDO A O2  1 
HETATM 1028 C  C1  . EDO D 3 .   ? 3.432   1.791   -8.920  1.00 78.28  ? 203 EDO A C1  1 
HETATM 1029 O  O1  . EDO D 3 .   ? 4.781   1.391   -8.811  1.00 88.66  ? 203 EDO A O1  1 
HETATM 1030 C  C2  . EDO D 3 .   ? 2.988   1.843   -10.328 1.00 72.92  ? 203 EDO A C2  1 
HETATM 1031 O  O2  . EDO D 3 .   ? 1.866   1.042   -10.560 1.00 61.42  ? 203 EDO A O2  1 
HETATM 1032 C  C1  . EDO E 3 .   ? -8.851  -10.964 6.913   1.00 84.03  ? 204 EDO A C1  1 
HETATM 1033 O  O1  . EDO E 3 .   ? -9.437  -9.681  6.738   1.00 84.69  ? 204 EDO A O1  1 
HETATM 1034 C  C2  . EDO E 3 .   ? -8.844  -11.783 5.681   1.00 78.37  ? 204 EDO A C2  1 
HETATM 1035 O  O2  . EDO E 3 .   ? -8.808  -11.008 4.496   1.00 71.87  ? 204 EDO A O2  1 
HETATM 1036 C  C1  . EDO F 3 .   ? 11.420  13.580  -1.603  1.00 77.31  ? 205 EDO A C1  1 
HETATM 1037 O  O1  . EDO F 3 .   ? 12.792  13.728  -1.282  1.00 80.11  ? 205 EDO A O1  1 
HETATM 1038 C  C2  . EDO F 3 .   ? 10.802  12.391  -0.975  1.00 77.69  ? 205 EDO A C2  1 
HETATM 1039 O  O2  . EDO F 3 .   ? 10.421  12.602  0.381   1.00 87.94  ? 205 EDO A O2  1 
HETATM 1040 C  C1  . EDO G 3 .   ? 11.892  8.177   3.774   1.00 92.61  ? 206 EDO A C1  1 
HETATM 1041 O  O1  . EDO G 3 .   ? 10.759  8.208   4.617   1.00 82.85  ? 206 EDO A O1  1 
HETATM 1042 C  C2  . EDO G 3 .   ? 11.531  7.945   2.350   1.00 96.87  ? 206 EDO A C2  1 
HETATM 1043 O  O2  . EDO G 3 .   ? 10.893  9.046   1.726   1.00 96.51  ? 206 EDO A O2  1 
HETATM 1044 C  C1  . EDO H 3 .   ? -8.952  2.617   5.369   1.00 81.65  ? 207 EDO A C1  1 
HETATM 1045 O  O1  . EDO H 3 .   ? -8.820  1.413   6.087   1.00 86.21  ? 207 EDO A O1  1 
HETATM 1046 C  C2  . EDO H 3 .   ? -8.521  3.767   6.186   1.00 85.89  ? 207 EDO A C2  1 
HETATM 1047 O  O2  . EDO H 3 .   ? -8.639  3.553   7.587   1.00 82.35  ? 207 EDO A O2  1 
HETATM 1048 C  C1  . EDO I 3 .   ? -9.994  -7.597  -7.027  1.00 103.34 ? 208 EDO A C1  1 
HETATM 1049 O  O1  . EDO I 3 .   ? -10.128 -8.980  -6.802  1.00 111.17 ? 208 EDO A O1  1 
HETATM 1050 C  C2  . EDO I 3 .   ? -10.283 -7.203  -8.427  1.00 99.94  ? 208 EDO A C2  1 
HETATM 1051 O  O2  . EDO I 3 .   ? -9.891  -5.875  -8.714  1.00 101.51 ? 208 EDO A O2  1 
HETATM 1052 C  C1  . EDO J 3 .   ? -7.867  -3.732  10.396  1.00 107.63 ? 209 EDO A C1  1 
HETATM 1053 O  O1  . EDO J 3 .   ? -8.999  -2.877  10.459  1.00 95.58  ? 209 EDO A O1  1 
HETATM 1054 C  C2  . EDO J 3 .   ? -6.703  -3.229  11.174  1.00 107.17 ? 209 EDO A C2  1 
HETATM 1055 O  O2  . EDO J 3 .   ? -6.300  -4.082  12.234  1.00 94.34  ? 209 EDO A O2  1 
HETATM 1056 C  C1  . EDO K 3 .   ? 7.330   -3.459  7.978   1.00 79.74  ? 210 EDO A C1  1 
HETATM 1057 O  O1  . EDO K 3 .   ? 7.059   -3.327  9.363   1.00 82.23  ? 210 EDO A O1  1 
HETATM 1058 C  C2  . EDO K 3 .   ? 7.875   -2.225  7.347   1.00 84.72  ? 210 EDO A C2  1 
HETATM 1059 O  O2  . EDO K 3 .   ? 9.234   -2.289  6.927   1.00 85.67  ? 210 EDO A O2  1 
HETATM 1060 CL CL  . CL  L 4 .   ? 6.241   -9.307  -13.989 1.00 50.32  ? 211 CL  A CL  1 
HETATM 1061 O  O   . HOH M 5 .   ? -12.336 -2.078  4.733   1.00 73.56  ? 301 HOH A O   1 
HETATM 1062 O  O   . HOH M 5 .   ? 12.191  -5.711  -2.372  1.00 140.85 ? 302 HOH A O   1 
HETATM 1063 O  O   . HOH M 5 .   ? -9.836  9.232   4.180   1.00 71.09  ? 303 HOH A O   1 
HETATM 1064 O  O   . HOH M 5 .   ? 0.315   -0.491  -10.448 1.00 63.14  ? 304 HOH A O   1 
HETATM 1065 O  O   . HOH M 5 .   ? -10.649 11.470  5.134   1.00 105.14 ? 305 HOH A O   1 
HETATM 1066 O  O   . HOH M 5 .   ? -14.891 -9.398  -10.101 1.00 68.17  ? 306 HOH A O   1 
HETATM 1067 O  O   . HOH M 5 .   ? -17.300 -16.802 -1.898  1.00 95.88  ? 307 HOH A O   1 
HETATM 1068 O  O   . HOH M 5 .   ? -3.212  -7.903  9.940   1.00 45.83  ? 308 HOH A O   1 
HETATM 1069 O  O   . HOH M 5 .   ? 4.956   4.081   8.982   1.00 58.78  ? 309 HOH A O   1 
HETATM 1070 O  O   . HOH M 5 .   ? 13.465  -8.678  6.333   1.00 84.82  ? 310 HOH A O   1 
HETATM 1071 O  O   . HOH M 5 .   ? -5.816  -2.002  13.576  1.00 65.83  ? 311 HOH A O   1 
HETATM 1072 O  O   . HOH M 5 .   ? -3.101  10.064  -7.603  1.00 55.15  ? 312 HOH A O   1 
HETATM 1073 O  O   . HOH M 5 .   ? 6.185   7.292   12.238  1.00 75.54  ? 313 HOH A O   1 
HETATM 1074 O  O   . HOH M 5 .   ? 4.603   7.725   -8.533  1.00 47.87  ? 314 HOH A O   1 
HETATM 1075 O  O   . HOH M 5 .   ? 15.185  2.580   9.407   1.00 62.01  ? 315 HOH A O   1 
HETATM 1076 O  O   . HOH M 5 .   ? 12.028  -7.366  -9.517  1.00 45.36  ? 316 HOH A O   1 
HETATM 1077 O  O   . HOH M 5 .   ? -4.081  -1.525  -10.724 1.00 74.06  ? 317 HOH A O   1 
HETATM 1078 O  O   . HOH M 5 .   ? -9.641  3.911   -6.042  1.00 70.69  ? 318 HOH A O   1 
HETATM 1079 O  O   . HOH M 5 .   ? -4.343  11.932  -6.290  1.00 65.19  ? 319 HOH A O   1 
HETATM 1080 O  O   . HOH M 5 .   ? 2.724   -11.076 -8.337  1.00 42.14  ? 320 HOH A O   1 
HETATM 1081 O  O   . HOH M 5 .   ? 13.749  -9.037  -6.294  1.00 49.09  ? 321 HOH A O   1 
HETATM 1082 O  O   . HOH M 5 .   ? -9.406  -2.354  2.852   1.00 63.63  ? 322 HOH A O   1 
HETATM 1083 O  O   . HOH M 5 .   ? -1.452  -14.650 2.186   1.00 77.45  ? 323 HOH A O   1 
HETATM 1084 O  O   . HOH M 5 .   ? 14.066  2.129   12.130  1.00 60.31  ? 324 HOH A O   1 
HETATM 1085 O  O   . HOH M 5 .   ? -11.666 -2.820  -6.699  1.00 62.92  ? 325 HOH A O   1 
HETATM 1086 O  O   . HOH M 5 .   ? 9.338   -13.845 -1.863  1.00 61.33  ? 326 HOH A O   1 
HETATM 1087 O  O   . HOH M 5 .   ? -6.371  4.724   -2.780  1.00 56.83  ? 327 HOH A O   1 
HETATM 1088 O  O   . HOH M 5 .   ? -5.195  -0.403  2.998   1.00 56.05  ? 328 HOH A O   1 
HETATM 1089 O  O   . HOH M 5 .   ? -14.840 -6.766  -11.220 1.00 86.11  ? 329 HOH A O   1 
HETATM 1090 O  O   . HOH M 5 .   ? 4.573   -6.970  -14.947 1.00 55.53  ? 330 HOH A O   1 
HETATM 1091 O  O   . HOH M 5 .   ? -6.842  -5.209  6.741   1.00 75.54  ? 331 HOH A O   1 
HETATM 1092 O  O   . HOH M 5 .   ? 9.689   -6.014  -10.780 1.00 55.90  ? 332 HOH A O   1 
HETATM 1093 O  O   . HOH M 5 .   ? -3.436  -6.684  6.571   1.00 53.10  ? 333 HOH A O   1 
HETATM 1094 O  O   . HOH M 5 .   ? 4.491   -13.249 -7.676  1.00 40.86  ? 334 HOH A O   1 
HETATM 1095 O  O   . HOH M 5 .   ? 8.284   -11.846 -1.854  1.00 44.20  ? 335 HOH A O   1 
HETATM 1096 O  O   . HOH M 5 .   ? -9.037  2.561   -2.003  1.00 85.11  ? 336 HOH A O   1 
HETATM 1097 O  O   . HOH M 5 .   ? -6.624  7.033   -1.940  1.00 55.86  ? 337 HOH A O   1 
HETATM 1098 O  O   . HOH M 5 .   ? 14.774  5.900   -1.420  1.00 53.17  ? 338 HOH A O   1 
HETATM 1099 O  O   . HOH M 5 .   ? 6.920   11.469  3.630   1.00 55.07  ? 339 HOH A O   1 
HETATM 1100 O  O   . HOH M 5 .   ? -1.361  -6.378  4.594   1.00 47.14  ? 340 HOH A O   1 
HETATM 1101 O  O   . HOH M 5 .   ? -8.734  14.088  -2.830  1.00 74.14  ? 341 HOH A O   1 
HETATM 1102 O  O   . HOH M 5 .   ? 4.973   9.926   16.795  1.00 81.23  ? 342 HOH A O   1 
HETATM 1103 O  O   . HOH M 5 .   ? 1.695   -13.094 -4.574  1.00 59.43  ? 343 HOH A O   1 
HETATM 1104 O  O   . HOH M 5 .   ? 3.283   5.416   -9.414  1.00 45.62  ? 344 HOH A O   1 
HETATM 1105 O  O   . HOH M 5 .   ? 0.375   -11.507 -6.445  1.00 40.77  ? 345 HOH A O   1 
HETATM 1106 O  O   . HOH M 5 .   ? 2.365   -16.567 5.696   1.00 79.79  ? 346 HOH A O   1 
HETATM 1107 O  O   . HOH M 5 .   ? -3.525  -15.294 -2.234  1.00 54.67  ? 347 HOH A O   1 
HETATM 1108 O  O   . HOH M 5 .   ? -2.201  -0.642  6.821   1.00 55.87  ? 348 HOH A O   1 
HETATM 1109 O  O   . HOH M 5 .   ? 0.627   17.272  4.381   1.00 74.48  ? 349 HOH A O   1 
HETATM 1110 O  O   . HOH M 5 .   ? 6.366   5.963   13.852  1.00 80.40  ? 350 HOH A O   1 
HETATM 1111 O  O   . HOH M 5 .   ? 0.616   -10.985 8.347   1.00 88.85  ? 351 HOH A O   1 
HETATM 1112 O  O   . HOH M 5 .   ? -3.095  -17.525 -2.533  1.00 69.16  ? 352 HOH A O   1 
HETATM 1113 O  O   . HOH M 5 .   ? -9.382  1.855   -7.748  1.00 68.51  ? 353 HOH A O   1 
HETATM 1114 O  O   . HOH M 5 .   ? 11.010  -11.035 5.849   1.00 79.40  ? 354 HOH A O   1 
HETATM 1115 O  O   . HOH M 5 .   ? 14.951  3.641   -5.606  1.00 79.94  ? 355 HOH A O   1 
HETATM 1116 O  O   . HOH M 5 .   ? -4.441  14.119  9.829   1.00 73.21  ? 356 HOH A O   1 
HETATM 1117 O  O   . HOH M 5 .   ? -15.570 -21.274 -3.330  1.00 78.74  ? 357 HOH A O   1 
HETATM 1118 O  O   . HOH M 5 .   ? -4.344  -10.932 7.716   1.00 68.84  ? 358 HOH A O   1 
HETATM 1119 O  O   . HOH M 5 .   ? -8.625  5.674   -0.445  1.00 66.16  ? 359 HOH A O   1 
HETATM 1120 O  O   . HOH M 5 .   ? 14.567  0.993   -3.821  1.00 46.85  ? 360 HOH A O   1 
HETATM 1121 O  O   . HOH M 5 .   ? -9.893  -1.185  -7.312  1.00 68.76  ? 361 HOH A O   1 
HETATM 1122 O  O   . HOH M 5 .   ? -5.398  15.530  8.948   1.00 72.21  ? 362 HOH A O   1 
HETATM 1123 O  O   . HOH M 5 .   ? -4.687  -5.070  9.569   1.00 72.45  ? 363 HOH A O   1 
HETATM 1124 O  O   . HOH M 5 .   ? 1.398   -14.519 6.451   1.00 71.74  ? 364 HOH A O   1 
HETATM 1125 O  O   . HOH M 5 .   ? -7.636  0.150   -8.488  1.00 48.59  ? 365 HOH A O   1 
HETATM 1126 O  O   . HOH M 5 .   ? 6.133   14.731  -5.845  1.00 63.79  ? 366 HOH A O   1 
HETATM 1127 O  O   . HOH M 5 .   ? -2.620  -2.215  -11.623 1.00 69.72  ? 367 HOH A O   1 
HETATM 1128 O  O   . HOH M 5 .   ? 12.970  15.716  1.436   1.00 114.13 ? 368 HOH A O   1 
HETATM 1129 O  O   . HOH M 5 .   ? -9.851  5.935   -6.459  1.00 65.31  ? 369 HOH A O   1 
HETATM 1130 O  O   . HOH M 5 .   ? 6.973   12.849  7.021   1.00 62.80  ? 370 HOH A O   1 
HETATM 1131 O  O   . HOH M 5 .   ? 3.432   13.739  13.371  1.00 89.65  ? 371 HOH A O   1 
HETATM 1132 O  O   . HOH M 5 .   ? -16.976 -11.925 1.148   1.00 45.63  ? 372 HOH A O   1 
HETATM 1133 O  O   . HOH M 5 .   ? 0.730   18.336  6.521   1.00 71.07  ? 373 HOH A O   1 
HETATM 1134 O  O   . HOH M 5 .   ? -13.909 -8.829  -11.956 1.00 89.39  ? 374 HOH A O   1 
HETATM 1135 O  O   . HOH M 5 .   ? -1.503  -10.401 8.616   1.00 56.00  ? 375 HOH A O   1 
HETATM 1136 O  O   . HOH M 5 .   ? 6.514   7.551   6.586   1.00 61.74  ? 376 HOH A O   1 
HETATM 1137 O  O   . HOH M 5 .   ? -6.150  -18.307 4.692   1.00 62.96  ? 377 HOH A O   1 
HETATM 1138 O  O   . HOH M 5 .   ? 6.417   6.203   7.068   1.00 49.86  ? 378 HOH A O   1 
HETATM 1139 O  O   . HOH M 5 .   ? -4.649  -2.107  7.454   1.00 68.26  ? 379 HOH A O   1 
HETATM 1140 O  O   . HOH M 5 .   ? 11.585  -12.914 4.209   1.00 91.68  ? 380 HOH A O   1 
HETATM 1141 O  O   . HOH M 5 .   ? -6.256  -0.778  9.368   1.00 69.62  ? 381 HOH A O   1 
HETATM 1142 O  O   . HOH M 5 .   ? 14.471  -0.190  -10.675 1.00 81.48  ? 382 HOH A O   1 
HETATM 1143 O  O   . HOH M 5 .   ? 17.849  3.019   2.546   1.00 56.21  ? 383 HOH A O   1 
HETATM 1144 O  O   . HOH M 5 .   ? 12.295  7.697   8.022   1.00 72.45  ? 384 HOH A O   1 
HETATM 1145 O  O   . HOH M 5 .   ? 17.022  5.234   3.451   1.00 78.33  ? 385 HOH A O   1 
HETATM 1146 O  O   . HOH M 5 .   ? 5.057   -11.630 -17.883 1.00 57.66  ? 386 HOH A O   1 
HETATM 1147 O  O   . HOH M 5 .   ? 10.854  -0.640  -11.500 1.00 65.55  ? 387 HOH A O   1 
HETATM 1148 O  O   . HOH M 5 .   ? -6.528  0.264   -10.711 1.00 88.28  ? 388 HOH A O   1 
HETATM 1149 O  O   . HOH M 5 .   ? -7.774  -2.753  5.377   1.00 95.65  ? 389 HOH A O   1 
HETATM 1150 O  O   . HOH M 5 .   ? -5.365  -1.128  5.718   1.00 73.06  ? 390 HOH A O   1 
HETATM 1151 O  O   . HOH M 5 .   ? -6.075  -18.898 0.386   1.00 63.55  ? 391 HOH A O   1 
HETATM 1152 O  O   . HOH M 5 .   ? -4.865  -4.338  7.051   1.00 58.65  ? 392 HOH A O   1 
# 
